data_6QXZ
#
_entry.id   6QXZ
#
loop_
_entity.id
_entity.type
_entity.pdbx_description
1 polymer 'Histone-lysine N-methyltransferase ASHH2'
2 polymer ALA-ARG-THR-MLZ-GLN-THR-ALA-ARG-TYR
3 non-polymer 'ZINC ION'
#
loop_
_entity_poly.entity_id
_entity_poly.type
_entity_poly.pdbx_seq_one_letter_code
_entity_poly.pdbx_strand_id
1 'polypeptide(L)' GSRRASVGSEFTESAWVRCDDCFKWRRIPASVVGSIDESSRWICMNNSDKRFADCSKSQEMSNEEINEELGIGQDEADA A
2 'polypeptide(L)' ART(MLZ)QTARY B
#
# COMPACT_ATOMS: atom_id res chain seq x y z
N GLY A 1 -9.54 0.52 -13.94
CA GLY A 1 -9.77 1.72 -13.10
C GLY A 1 -9.06 1.61 -11.75
N SER A 2 -8.77 2.75 -11.12
CA SER A 2 -7.97 2.83 -9.88
C SER A 2 -8.73 2.50 -8.58
N ARG A 3 -10.05 2.29 -8.67
CA ARG A 3 -10.95 1.80 -7.61
C ARG A 3 -10.88 0.26 -7.55
N ARG A 4 -9.66 -0.26 -7.36
CA ARG A 4 -9.33 -1.71 -7.36
C ARG A 4 -10.13 -2.51 -6.32
N ALA A 5 -10.28 -3.81 -6.58
CA ALA A 5 -11.23 -4.70 -5.90
C ALA A 5 -10.92 -4.96 -4.41
N SER A 6 -11.95 -5.33 -3.66
CA SER A 6 -12.01 -5.51 -2.20
C SER A 6 -11.61 -4.27 -1.38
N VAL A 7 -11.70 -4.38 -0.05
CA VAL A 7 -11.39 -3.33 0.94
C VAL A 7 -11.10 -3.94 2.32
N GLY A 8 -10.36 -3.23 3.17
CA GLY A 8 -10.17 -3.56 4.59
C GLY A 8 -11.21 -2.86 5.48
N SER A 9 -10.75 -2.42 6.65
CA SER A 9 -11.54 -1.71 7.68
C SER A 9 -10.65 -0.79 8.51
N GLU A 10 -11.20 0.34 8.99
CA GLU A 10 -10.51 1.34 9.85
C GLU A 10 -9.24 1.97 9.23
N PHE A 11 -8.66 2.94 9.94
CA PHE A 11 -7.35 3.54 9.67
C PHE A 11 -6.27 3.01 10.63
N THR A 12 -6.60 2.91 11.92
CA THR A 12 -5.72 2.39 13.01
C THR A 12 -4.37 3.14 13.08
N GLU A 13 -3.30 2.49 13.57
CA GLU A 13 -1.91 2.97 13.52
C GLU A 13 -1.30 2.86 12.10
N SER A 14 -0.03 3.24 11.92
CA SER A 14 0.68 3.34 10.63
C SER A 14 0.47 2.15 9.68
N ALA A 15 0.24 2.46 8.41
CA ALA A 15 -0.37 1.59 7.42
C ALA A 15 0.55 1.33 6.21
N TRP A 16 0.06 0.57 5.24
CA TRP A 16 0.61 0.56 3.88
C TRP A 16 -0.28 1.36 2.91
N VAL A 17 0.21 1.53 1.68
CA VAL A 17 -0.57 1.98 0.52
C VAL A 17 -0.02 1.36 -0.76
N ARG A 18 -0.91 1.00 -1.69
CA ARG A 18 -0.59 0.44 -3.02
C ARG A 18 -0.45 1.55 -4.06
N CYS A 19 0.46 1.38 -5.01
CA CYS A 19 0.46 2.13 -6.25
C CYS A 19 -0.70 1.69 -7.17
N ASP A 20 -1.52 2.65 -7.59
CA ASP A 20 -2.53 2.48 -8.63
C ASP A 20 -2.00 2.59 -10.08
N ASP A 21 -0.69 2.79 -10.28
CA ASP A 21 -0.05 2.79 -11.60
C ASP A 21 0.72 1.49 -11.89
N CYS A 22 1.23 0.85 -10.83
CA CYS A 22 1.60 -0.56 -10.80
C CYS A 22 0.80 -1.32 -9.70
N PHE A 23 1.49 -1.74 -8.65
CA PHE A 23 1.00 -2.51 -7.50
C PHE A 23 1.95 -2.60 -6.28
N LYS A 24 3.18 -2.07 -6.41
CA LYS A 24 4.17 -1.88 -5.33
C LYS A 24 3.57 -1.23 -4.09
N TRP A 25 4.14 -1.56 -2.93
CA TRP A 25 3.67 -1.09 -1.63
C TRP A 25 4.64 -0.13 -0.94
N ARG A 26 4.13 0.74 -0.07
CA ARG A 26 4.92 1.67 0.76
C ARG A 26 4.29 1.82 2.15
N ARG A 27 5.13 1.85 3.19
CA ARG A 27 4.72 2.11 4.58
C ARG A 27 4.49 3.61 4.78
N ILE A 28 3.34 3.96 5.33
CA ILE A 28 2.87 5.35 5.54
C ILE A 28 2.35 5.57 6.97
N PRO A 29 2.38 6.80 7.51
CA PRO A 29 1.61 7.13 8.71
C PRO A 29 0.10 7.08 8.41
N ALA A 30 -0.70 6.73 9.43
CA ALA A 30 -2.16 6.69 9.32
C ALA A 30 -2.82 8.05 8.93
N SER A 31 -2.10 9.17 9.12
CA SER A 31 -2.53 10.49 8.63
C SER A 31 -2.63 10.55 7.09
N VAL A 32 -1.89 9.70 6.37
CA VAL A 32 -2.03 9.54 4.91
C VAL A 32 -3.11 8.51 4.59
N VAL A 33 -3.22 7.43 5.37
CA VAL A 33 -4.26 6.41 5.09
C VAL A 33 -5.69 6.93 5.36
N GLY A 34 -5.80 8.00 6.16
CA GLY A 34 -7.04 8.75 6.39
C GLY A 34 -7.34 9.81 5.30
N SER A 35 -6.33 10.21 4.53
CA SER A 35 -6.45 11.14 3.39
C SER A 35 -6.74 10.40 2.08
N ILE A 36 -6.07 9.26 1.84
CA ILE A 36 -6.28 8.37 0.70
C ILE A 36 -7.60 7.61 0.90
N ASP A 37 -8.56 7.85 0.00
CA ASP A 37 -9.76 7.02 -0.21
C ASP A 37 -9.48 5.92 -1.24
N GLU A 38 -10.42 4.99 -1.45
CA GLU A 38 -10.33 4.03 -2.56
C GLU A 38 -10.25 4.74 -3.93
N SER A 39 -10.99 5.85 -4.08
CA SER A 39 -10.96 6.70 -5.28
C SER A 39 -9.69 7.56 -5.42
N SER A 40 -8.94 7.79 -4.34
CA SER A 40 -7.68 8.56 -4.38
C SER A 40 -6.59 7.76 -5.08
N ARG A 41 -6.04 8.29 -6.17
CA ARG A 41 -5.00 7.61 -6.98
C ARG A 41 -3.61 7.87 -6.40
N TRP A 42 -3.24 7.06 -5.43
CA TRP A 42 -1.90 7.08 -4.83
C TRP A 42 -0.95 6.25 -5.70
N ILE A 43 0.23 6.78 -6.04
CA ILE A 43 1.22 6.12 -6.91
C ILE A 43 2.66 6.35 -6.42
N CYS A 44 3.61 5.53 -6.90
CA CYS A 44 5.03 5.69 -6.63
C CYS A 44 5.56 7.11 -6.88
N MET A 45 5.22 7.77 -8.00
CA MET A 45 5.77 9.10 -8.32
C MET A 45 5.36 10.18 -7.28
N ASN A 46 4.23 9.97 -6.59
CA ASN A 46 3.72 10.83 -5.52
C ASN A 46 4.32 10.52 -4.13
N ASN A 47 5.01 9.38 -3.98
CA ASN A 47 5.52 8.85 -2.71
C ASN A 47 6.41 9.86 -1.97
N SER A 48 6.20 9.95 -0.66
CA SER A 48 7.00 10.77 0.27
C SER A 48 8.50 10.50 0.22
N ASP A 49 8.87 9.22 0.19
CA ASP A 49 10.26 8.75 0.26
C ASP A 49 10.90 8.62 -1.12
N LYS A 50 11.74 9.59 -1.48
CA LYS A 50 12.41 9.72 -2.78
C LYS A 50 13.32 8.53 -3.14
N ARG A 51 13.73 7.74 -2.14
CA ARG A 51 14.46 6.47 -2.28
C ARG A 51 13.62 5.36 -2.93
N PHE A 52 12.29 5.46 -2.85
CA PHE A 52 11.33 4.43 -3.31
C PHE A 52 10.23 4.95 -4.26
N ALA A 53 10.29 6.23 -4.61
CA ALA A 53 9.27 7.01 -5.31
C ALA A 53 9.27 6.83 -6.86
N ASP A 54 9.44 5.59 -7.30
CA ASP A 54 9.21 5.15 -8.68
C ASP A 54 8.76 3.69 -8.75
N CYS A 55 7.99 3.37 -9.79
CA CYS A 55 7.55 2.03 -10.16
C CYS A 55 8.76 1.07 -10.38
N SER A 56 9.94 1.63 -10.66
CA SER A 56 11.21 0.92 -10.88
C SER A 56 12.01 0.70 -9.59
N LYS A 57 11.71 1.47 -8.51
CA LYS A 57 12.36 1.32 -7.20
C LYS A 57 11.82 0.13 -6.39
N SER A 58 12.51 -0.16 -5.28
CA SER A 58 12.20 -1.25 -4.36
C SER A 58 11.11 -0.86 -3.33
N GLN A 59 10.98 -1.62 -2.24
CA GLN A 59 10.03 -1.42 -1.14
C GLN A 59 10.57 -1.89 0.22
N GLU A 60 9.91 -1.51 1.31
CA GLU A 60 10.33 -1.84 2.69
C GLU A 60 10.20 -3.35 3.04
N MET A 61 9.24 -4.07 2.41
CA MET A 61 9.04 -5.53 2.55
C MET A 61 8.36 -6.07 1.29
N SER A 62 8.89 -7.15 0.69
CA SER A 62 8.33 -7.76 -0.53
C SER A 62 6.92 -8.30 -0.28
N ASN A 63 6.10 -8.42 -1.34
CA ASN A 63 4.65 -8.61 -1.20
C ASN A 63 4.28 -9.87 -0.40
N GLU A 64 5.08 -10.93 -0.53
CA GLU A 64 4.93 -12.22 0.18
C GLU A 64 5.48 -12.20 1.63
N GLU A 65 6.23 -11.16 2.01
CA GLU A 65 6.71 -10.91 3.37
C GLU A 65 5.73 -9.99 4.14
N ILE A 66 5.24 -8.91 3.50
CA ILE A 66 4.25 -8.02 4.13
C ILE A 66 2.91 -8.73 4.36
N ASN A 67 2.32 -9.34 3.33
CA ASN A 67 1.01 -9.99 3.46
C ASN A 67 0.97 -11.07 4.59
N GLU A 68 2.10 -11.72 4.87
CA GLU A 68 2.32 -12.61 6.02
C GLU A 68 2.40 -11.89 7.38
N GLU A 69 2.96 -10.68 7.43
CA GLU A 69 2.98 -9.83 8.64
C GLU A 69 1.58 -9.39 9.08
N LEU A 70 0.69 -9.09 8.12
CA LEU A 70 -0.73 -8.83 8.36
C LEU A 70 -1.52 -10.15 8.59
N GLY A 71 -1.14 -11.22 7.88
CA GLY A 71 -1.77 -12.54 7.92
C GLY A 71 -2.96 -12.67 6.96
N ILE A 72 -2.79 -12.21 5.72
CA ILE A 72 -3.87 -11.98 4.73
C ILE A 72 -3.54 -12.50 3.33
N GLY A 73 -4.56 -12.56 2.47
CA GLY A 73 -4.49 -13.01 1.08
C GLY A 73 -4.21 -11.91 0.04
N GLN A 74 -3.35 -10.94 0.36
CA GLN A 74 -2.87 -9.94 -0.63
C GLN A 74 -1.93 -10.59 -1.65
N ASP A 75 -1.76 -9.93 -2.80
CA ASP A 75 -0.93 -10.29 -3.96
C ASP A 75 -1.47 -11.43 -4.84
N GLU A 76 -2.44 -12.17 -4.29
CA GLU A 76 -3.18 -13.26 -4.97
C GLU A 76 -3.88 -12.81 -6.27
N ALA A 77 -4.19 -11.53 -6.36
CA ALA A 77 -4.68 -10.81 -7.54
C ALA A 77 -3.82 -11.02 -8.80
N ASP A 78 -2.49 -11.08 -8.64
CA ASP A 78 -1.48 -11.02 -9.70
C ASP A 78 -1.51 -9.73 -10.56
N ALA A 79 -2.33 -8.74 -10.18
CA ALA A 79 -2.56 -7.47 -10.90
C ALA A 79 -2.90 -6.30 -9.97
N ALA B 1 -6.99 2.90 -4.75
CA ALA B 1 -5.89 2.42 -3.88
C ALA B 1 -6.37 1.40 -2.84
N ARG B 2 -6.44 0.10 -3.22
CA ARG B 2 -6.69 -1.02 -2.29
C ARG B 2 -5.50 -1.24 -1.38
N THR B 3 -5.68 -1.18 -0.06
CA THR B 3 -4.59 -1.45 0.90
C THR B 3 -5.10 -1.89 2.30
N GLN B 5 -3.38 -2.23 6.93
CA GLN B 5 -2.50 -1.72 7.99
C GLN B 5 -2.05 -2.78 9.00
N THR B 6 -0.74 -2.82 9.20
CA THR B 6 0.01 -3.86 9.94
C THR B 6 -0.33 -3.93 11.43
N ALA B 7 -0.60 -5.16 11.89
CA ALA B 7 -0.87 -5.52 13.29
C ALA B 7 0.43 -5.74 14.09
N ARG B 8 1.35 -4.77 14.01
CA ARG B 8 2.72 -4.80 14.56
C ARG B 8 3.10 -3.43 15.13
N TYR B 9 3.04 -3.34 16.47
CA TYR B 9 3.45 -2.18 17.27
C TYR B 9 4.98 -1.92 17.20
N GLY A 1 -15.04 1.85 -15.31
CA GLY A 1 -14.06 1.58 -14.23
C GLY A 1 -12.71 1.16 -14.78
N SER A 2 -11.89 0.50 -13.95
CA SER A 2 -10.56 -0.03 -14.32
C SER A 2 -10.18 -1.26 -13.46
N ARG A 3 -8.95 -1.77 -13.62
CA ARG A 3 -8.47 -3.00 -12.97
C ARG A 3 -8.29 -2.90 -11.43
N ARG A 4 -8.15 -1.69 -10.88
CA ARG A 4 -7.96 -1.47 -9.43
C ARG A 4 -9.30 -1.38 -8.67
N ALA A 5 -9.22 -1.35 -7.33
CA ALA A 5 -10.35 -1.31 -6.41
C ALA A 5 -10.04 -0.52 -5.13
N SER A 6 -11.08 -0.20 -4.36
CA SER A 6 -11.04 0.50 -3.05
C SER A 6 -11.33 -0.44 -1.86
N VAL A 7 -11.09 0.09 -0.66
CA VAL A 7 -11.46 -0.50 0.64
C VAL A 7 -11.57 0.60 1.72
N GLY A 8 -12.36 0.36 2.77
CA GLY A 8 -12.56 1.32 3.88
C GLY A 8 -11.29 1.60 4.70
N SER A 9 -10.52 0.55 4.99
CA SER A 9 -9.28 0.56 5.80
C SER A 9 -9.48 1.06 7.25
N GLU A 10 -8.39 1.04 8.03
CA GLU A 10 -8.29 1.49 9.42
C GLU A 10 -6.95 2.22 9.63
N PHE A 11 -6.94 3.27 10.46
CA PHE A 11 -5.80 4.20 10.57
C PHE A 11 -4.51 3.54 11.09
N THR A 12 -4.55 2.98 12.31
CA THR A 12 -3.34 2.55 13.07
C THR A 12 -2.35 3.73 13.25
N GLU A 13 -1.09 3.51 13.65
CA GLU A 13 -0.04 4.55 13.62
C GLU A 13 0.60 4.71 12.22
N SER A 14 0.69 3.60 11.48
CA SER A 14 1.15 3.51 10.09
C SER A 14 0.44 2.35 9.38
N ALA A 15 0.33 2.42 8.06
CA ALA A 15 -0.36 1.44 7.22
C ALA A 15 0.31 1.33 5.84
N TRP A 16 -0.17 0.45 4.96
CA TRP A 16 0.29 0.43 3.55
C TRP A 16 -0.63 1.20 2.58
N VAL A 17 -0.20 1.29 1.31
CA VAL A 17 -0.98 1.74 0.14
C VAL A 17 -0.45 1.06 -1.14
N ARG A 18 -1.34 0.71 -2.09
CA ARG A 18 -0.96 0.22 -3.43
C ARG A 18 -0.89 1.35 -4.46
N CYS A 19 0.13 1.36 -5.32
CA CYS A 19 0.23 2.26 -6.47
C CYS A 19 -0.90 1.97 -7.51
N ASP A 20 -1.69 2.99 -7.83
CA ASP A 20 -2.69 2.97 -8.91
C ASP A 20 -2.08 2.81 -10.32
N ASP A 21 -0.78 3.02 -10.51
CA ASP A 21 -0.09 2.86 -11.80
C ASP A 21 0.71 1.53 -11.92
N CYS A 22 0.96 0.86 -10.79
CA CYS A 22 1.63 -0.45 -10.70
C CYS A 22 0.72 -1.52 -10.04
N PHE A 23 1.09 -1.81 -8.79
CA PHE A 23 0.72 -2.89 -7.87
C PHE A 23 1.69 -2.87 -6.65
N LYS A 24 2.86 -2.21 -6.81
CA LYS A 24 3.84 -1.81 -5.79
C LYS A 24 3.17 -1.35 -4.50
N TRP A 25 3.71 -1.78 -3.36
CA TRP A 25 3.24 -1.38 -2.03
C TRP A 25 4.19 -0.35 -1.39
N ARG A 26 3.68 0.46 -0.46
CA ARG A 26 4.49 1.37 0.36
C ARG A 26 3.89 1.51 1.75
N ARG A 27 4.75 1.42 2.78
CA ARG A 27 4.41 1.63 4.19
C ARG A 27 4.49 3.12 4.51
N ILE A 28 3.31 3.72 4.71
CA ILE A 28 3.03 5.14 4.92
C ILE A 28 2.57 5.40 6.37
N PRO A 29 2.72 6.62 6.90
CA PRO A 29 2.06 6.99 8.14
C PRO A 29 0.54 7.05 7.96
N ALA A 30 -0.21 6.71 9.02
CA ALA A 30 -1.68 6.76 9.03
C ALA A 30 -2.30 8.13 8.65
N SER A 31 -1.55 9.23 8.79
CA SER A 31 -1.98 10.57 8.34
C SER A 31 -2.20 10.63 6.82
N VAL A 32 -1.53 9.75 6.05
CA VAL A 32 -1.75 9.60 4.61
C VAL A 32 -2.84 8.57 4.32
N VAL A 33 -2.90 7.48 5.10
CA VAL A 33 -3.95 6.46 4.87
C VAL A 33 -5.36 6.98 5.16
N GLY A 34 -5.45 8.02 6.00
CA GLY A 34 -6.71 8.76 6.27
C GLY A 34 -7.07 9.80 5.19
N SER A 35 -6.11 10.23 4.38
CA SER A 35 -6.31 11.15 3.25
C SER A 35 -6.66 10.41 1.95
N ILE A 36 -6.00 9.28 1.68
CA ILE A 36 -6.19 8.44 0.50
C ILE A 36 -7.56 7.73 0.57
N ASP A 37 -8.28 7.72 -0.56
CA ASP A 37 -9.67 7.27 -0.69
C ASP A 37 -9.95 6.61 -2.06
N GLU A 38 -11.18 6.16 -2.28
CA GLU A 38 -11.69 5.73 -3.58
C GLU A 38 -11.58 6.81 -4.67
N SER A 39 -11.59 8.10 -4.28
CA SER A 39 -11.40 9.24 -5.19
C SER A 39 -9.93 9.55 -5.52
N SER A 40 -8.99 8.99 -4.76
CA SER A 40 -7.53 9.20 -4.91
C SER A 40 -6.91 8.38 -6.04
N ARG A 41 -5.69 8.77 -6.44
CA ARG A 41 -4.81 8.08 -7.40
C ARG A 41 -3.36 8.08 -6.90
N TRP A 42 -3.13 7.38 -5.79
CA TRP A 42 -1.84 7.32 -5.12
C TRP A 42 -0.85 6.48 -5.93
N ILE A 43 0.37 6.99 -6.19
CA ILE A 43 1.40 6.28 -6.96
C ILE A 43 2.80 6.47 -6.38
N CYS A 44 3.76 5.62 -6.79
CA CYS A 44 5.16 5.74 -6.41
C CYS A 44 5.74 7.17 -6.59
N MET A 45 5.45 7.87 -7.70
CA MET A 45 6.04 9.20 -7.95
C MET A 45 5.61 10.26 -6.91
N ASN A 46 4.46 10.04 -6.25
CA ASN A 46 3.92 10.88 -5.17
C ASN A 46 4.42 10.47 -3.76
N ASN A 47 5.06 9.29 -3.65
CA ASN A 47 5.47 8.69 -2.38
C ASN A 47 6.31 9.63 -1.50
N SER A 48 6.01 9.63 -0.20
CA SER A 48 6.73 10.38 0.83
C SER A 48 8.23 10.07 0.89
N ASP A 49 8.58 8.78 0.82
CA ASP A 49 9.94 8.27 0.98
C ASP A 49 10.69 8.22 -0.35
N LYS A 50 11.58 9.19 -0.57
CA LYS A 50 12.34 9.42 -1.81
C LYS A 50 13.26 8.24 -2.19
N ARG A 51 13.56 7.35 -1.24
CA ARG A 51 14.26 6.07 -1.46
C ARG A 51 13.47 5.07 -2.32
N PHE A 52 12.14 5.20 -2.36
CA PHE A 52 11.21 4.26 -3.00
C PHE A 52 10.18 4.91 -3.94
N ALA A 53 10.33 6.21 -4.19
CA ALA A 53 9.37 7.10 -4.83
C ALA A 53 9.44 7.11 -6.36
N ASP A 54 9.62 5.93 -6.95
CA ASP A 54 9.55 5.69 -8.39
C ASP A 54 8.85 4.37 -8.68
N CYS A 55 8.12 4.32 -9.79
CA CYS A 55 7.51 3.11 -10.32
C CYS A 55 8.56 2.02 -10.67
N SER A 56 9.84 2.40 -10.77
CA SER A 56 10.99 1.51 -10.98
C SER A 56 11.65 1.05 -9.67
N LYS A 57 11.40 1.72 -8.53
CA LYS A 57 12.00 1.41 -7.22
C LYS A 57 11.36 0.21 -6.52
N SER A 58 12.02 -0.18 -5.44
CA SER A 58 11.67 -1.23 -4.47
C SER A 58 10.60 -0.76 -3.47
N GLN A 59 10.41 -1.51 -2.37
CA GLN A 59 9.52 -1.18 -1.25
C GLN A 59 10.07 -1.70 0.10
N GLU A 60 9.40 -1.34 1.20
CA GLU A 60 9.85 -1.64 2.58
C GLU A 60 9.94 -3.15 2.88
N MET A 61 9.11 -3.98 2.20
CA MET A 61 9.03 -5.44 2.31
C MET A 61 8.37 -6.02 1.05
N SER A 62 8.87 -7.12 0.47
CA SER A 62 8.23 -7.77 -0.69
C SER A 62 6.84 -8.29 -0.34
N ASN A 63 5.94 -8.43 -1.32
CA ASN A 63 4.51 -8.70 -1.07
C ASN A 63 4.29 -9.97 -0.22
N GLU A 64 5.12 -11.01 -0.42
CA GLU A 64 5.08 -12.28 0.32
C GLU A 64 5.69 -12.20 1.75
N GLU A 65 6.36 -11.09 2.08
CA GLU A 65 6.89 -10.78 3.41
C GLU A 65 5.98 -9.81 4.21
N ILE A 66 5.37 -8.81 3.55
CA ILE A 66 4.36 -7.94 4.20
C ILE A 66 3.10 -8.73 4.56
N ASN A 67 2.43 -9.38 3.61
CA ASN A 67 1.15 -10.06 3.86
C ASN A 67 1.18 -11.03 5.07
N GLU A 68 2.33 -11.66 5.34
CA GLU A 68 2.65 -12.49 6.51
C GLU A 68 2.52 -11.75 7.85
N GLU A 69 2.92 -10.47 7.87
CA GLU A 69 2.97 -9.62 9.07
C GLU A 69 1.59 -9.38 9.69
N LEU A 70 0.56 -9.17 8.86
CA LEU A 70 -0.84 -9.04 9.30
C LEU A 70 -1.53 -10.41 9.42
N GLY A 71 -1.03 -11.41 8.69
CA GLY A 71 -1.53 -12.79 8.68
C GLY A 71 -2.56 -13.07 7.57
N ILE A 72 -2.30 -12.52 6.38
CA ILE A 72 -3.21 -12.51 5.21
C ILE A 72 -2.50 -12.97 3.93
N GLY A 73 -3.27 -13.18 2.86
CA GLY A 73 -2.76 -13.51 1.52
C GLY A 73 -2.43 -12.31 0.63
N GLN A 74 -3.07 -11.16 0.88
CA GLN A 74 -3.34 -10.10 -0.10
C GLN A 74 -4.19 -10.59 -1.30
N ASP A 75 -4.65 -9.64 -2.13
CA ASP A 75 -5.66 -9.87 -3.16
C ASP A 75 -5.13 -9.85 -4.61
N GLU A 76 -3.99 -9.19 -4.87
CA GLU A 76 -3.48 -8.96 -6.22
C GLU A 76 -2.99 -10.23 -6.94
N ALA A 77 -2.40 -11.16 -6.16
CA ALA A 77 -1.77 -12.43 -6.53
C ALA A 77 -0.52 -12.33 -7.44
N ASP A 78 -0.60 -11.47 -8.44
CA ASP A 78 0.46 -11.20 -9.44
C ASP A 78 1.56 -10.22 -8.97
N ALA A 79 1.49 -9.79 -7.70
CA ALA A 79 2.48 -8.91 -7.05
C ALA A 79 3.82 -9.61 -6.71
N ALA B 1 -4.63 3.01 -4.23
CA ALA B 1 -5.66 1.94 -4.32
C ALA B 1 -5.72 1.10 -3.03
N ARG B 2 -6.66 0.13 -2.94
CA ARG B 2 -6.91 -0.72 -1.75
C ARG B 2 -5.65 -1.39 -1.18
N THR B 3 -5.68 -1.71 0.12
CA THR B 3 -4.49 -2.11 0.87
C THR B 3 -4.84 -2.71 2.24
N GLN B 5 -3.19 -2.70 6.84
CA GLN B 5 -2.68 -1.84 7.92
C GLN B 5 -1.93 -2.62 9.03
N THR B 6 -0.58 -2.63 8.97
CA THR B 6 0.30 -3.31 9.93
C THR B 6 0.27 -2.68 11.32
N ALA B 7 0.07 -3.50 12.35
CA ALA B 7 -0.06 -3.10 13.76
C ALA B 7 1.04 -3.69 14.68
N ARG B 8 2.15 -4.17 14.10
CA ARG B 8 3.26 -4.82 14.82
C ARG B 8 4.65 -4.41 14.29
N TYR B 9 4.77 -3.12 13.99
CA TYR B 9 5.99 -2.44 13.54
C TYR B 9 6.99 -2.20 14.70
N GLY A 1 -2.12 -0.51 -12.79
CA GLY A 1 -2.83 -1.77 -12.50
C GLY A 1 -4.25 -1.50 -12.02
N SER A 2 -5.21 -1.39 -12.95
CA SER A 2 -6.58 -0.88 -12.70
C SER A 2 -7.49 -1.77 -11.85
N ARG A 3 -7.05 -3.00 -11.52
CA ARG A 3 -7.68 -3.96 -10.60
C ARG A 3 -7.40 -3.58 -9.13
N ARG A 4 -7.65 -2.32 -8.78
CA ARG A 4 -7.31 -1.72 -7.48
C ARG A 4 -8.16 -2.24 -6.32
N ALA A 5 -9.44 -2.47 -6.59
CA ALA A 5 -10.49 -2.95 -5.67
C ALA A 5 -10.71 -2.07 -4.41
N SER A 6 -11.80 -2.36 -3.68
CA SER A 6 -12.09 -2.02 -2.28
C SER A 6 -11.40 -0.77 -1.67
N VAL A 7 -10.89 -0.90 -0.43
CA VAL A 7 -10.82 0.20 0.55
C VAL A 7 -9.50 0.28 1.34
N GLY A 8 -9.33 1.44 1.97
CA GLY A 8 -8.26 1.80 2.90
C GLY A 8 -8.76 2.91 3.82
N SER A 9 -8.61 2.70 5.11
CA SER A 9 -9.03 3.62 6.19
C SER A 9 -8.10 3.47 7.41
N GLU A 10 -7.84 4.55 8.15
CA GLU A 10 -7.02 4.50 9.36
C GLU A 10 -7.78 3.92 10.56
N PHE A 11 -7.16 2.99 11.27
CA PHE A 11 -7.65 2.38 12.52
C PHE A 11 -6.54 2.25 13.57
N THR A 12 -5.37 1.71 13.19
CA THR A 12 -4.18 1.55 14.04
C THR A 12 -2.87 1.60 13.25
N GLU A 13 -1.91 2.38 13.79
CA GLU A 13 -0.55 2.60 13.32
C GLU A 13 -0.34 3.08 11.87
N SER A 14 0.86 3.61 11.61
CA SER A 14 1.41 3.85 10.27
C SER A 14 1.31 2.59 9.40
N ALA A 15 0.86 2.76 8.16
CA ALA A 15 0.17 1.75 7.38
C ALA A 15 0.81 1.56 6.00
N TRP A 16 0.21 0.76 5.13
CA TRP A 16 0.60 0.68 3.72
C TRP A 16 -0.40 1.38 2.78
N VAL A 17 0.00 1.48 1.51
CA VAL A 17 -0.84 1.86 0.35
C VAL A 17 -0.38 1.13 -0.91
N ARG A 18 -1.33 0.76 -1.79
CA ARG A 18 -1.03 0.17 -3.12
C ARG A 18 -0.84 1.27 -4.16
N CYS A 19 0.14 1.12 -5.05
CA CYS A 19 0.30 1.97 -6.22
C CYS A 19 -0.77 1.67 -7.30
N ASP A 20 -1.49 2.71 -7.72
CA ASP A 20 -2.43 2.66 -8.85
C ASP A 20 -1.76 2.38 -10.22
N ASP A 21 -0.50 2.78 -10.41
CA ASP A 21 0.18 2.76 -11.72
C ASP A 21 0.79 1.39 -12.00
N CYS A 22 1.59 0.86 -11.05
CA CYS A 22 1.99 -0.53 -11.03
C CYS A 22 1.01 -1.38 -10.19
N PHE A 23 1.42 -1.74 -8.97
CA PHE A 23 0.70 -2.53 -7.95
C PHE A 23 1.48 -2.70 -6.62
N LYS A 24 2.74 -2.26 -6.58
CA LYS A 24 3.64 -2.25 -5.41
C LYS A 24 2.98 -1.72 -4.13
N TRP A 25 3.43 -2.21 -2.98
CA TRP A 25 3.10 -1.64 -1.68
C TRP A 25 4.15 -0.64 -1.18
N ARG A 26 3.72 0.37 -0.44
CA ARG A 26 4.58 1.36 0.21
C ARG A 26 4.09 1.69 1.61
N ARG A 27 5.02 1.75 2.56
CA ARG A 27 4.75 2.15 3.94
C ARG A 27 4.60 3.67 4.02
N ILE A 28 3.55 4.11 4.70
CA ILE A 28 3.12 5.52 4.87
C ILE A 28 2.71 5.81 6.32
N PRO A 29 2.73 7.07 6.78
CA PRO A 29 2.05 7.44 8.03
C PRO A 29 0.53 7.30 7.89
N ALA A 30 -0.15 6.97 9.00
CA ALA A 30 -1.61 6.79 9.04
C ALA A 30 -2.42 8.03 8.62
N SER A 31 -1.83 9.22 8.67
CA SER A 31 -2.44 10.47 8.16
C SER A 31 -2.67 10.43 6.63
N VAL A 32 -1.89 9.63 5.90
CA VAL A 32 -2.10 9.37 4.47
C VAL A 32 -3.10 8.24 4.27
N VAL A 33 -3.08 7.19 5.11
CA VAL A 33 -4.03 6.08 4.96
C VAL A 33 -5.47 6.46 5.34
N GLY A 34 -5.63 7.57 6.08
CA GLY A 34 -6.91 8.23 6.33
C GLY A 34 -7.37 9.17 5.21
N SER A 35 -6.43 9.63 4.36
CA SER A 35 -6.70 10.48 3.19
C SER A 35 -7.03 9.66 1.93
N ILE A 36 -6.25 8.60 1.66
CA ILE A 36 -6.42 7.69 0.53
C ILE A 36 -7.56 6.70 0.87
N ASP A 37 -8.64 6.68 0.09
CA ASP A 37 -9.86 5.88 0.37
C ASP A 37 -10.26 4.88 -0.72
N GLU A 38 -11.54 4.49 -0.70
CA GLU A 38 -12.19 3.72 -1.76
C GLU A 38 -11.98 4.30 -3.17
N SER A 39 -11.80 5.61 -3.31
CA SER A 39 -11.80 6.29 -4.63
C SER A 39 -10.67 7.31 -4.88
N SER A 40 -9.83 7.62 -3.89
CA SER A 40 -8.60 8.41 -4.03
C SER A 40 -7.59 7.81 -5.04
N ARG A 41 -6.51 8.57 -5.32
CA ARG A 41 -5.40 8.15 -6.18
C ARG A 41 -4.05 8.33 -5.49
N TRP A 42 -3.23 7.28 -5.55
CA TRP A 42 -1.87 7.21 -5.01
C TRP A 42 -0.92 6.37 -5.89
N ILE A 43 0.29 6.86 -6.15
CA ILE A 43 1.34 6.17 -6.92
C ILE A 43 2.75 6.38 -6.34
N CYS A 44 3.70 5.53 -6.72
CA CYS A 44 5.11 5.67 -6.37
C CYS A 44 5.68 7.09 -6.61
N MET A 45 5.38 7.75 -7.74
CA MET A 45 5.97 9.07 -8.06
C MET A 45 5.58 10.16 -7.03
N ASN A 46 4.43 9.98 -6.37
CA ASN A 46 3.91 10.86 -5.31
C ASN A 46 4.43 10.51 -3.89
N ASN A 47 5.08 9.36 -3.73
CA ASN A 47 5.53 8.81 -2.45
C ASN A 47 6.36 9.80 -1.61
N SER A 48 6.04 9.86 -0.32
CA SER A 48 6.76 10.63 0.72
C SER A 48 8.25 10.33 0.77
N ASP A 49 8.62 9.05 0.69
CA ASP A 49 10.01 8.59 0.73
C ASP A 49 10.64 8.52 -0.66
N LYS A 50 11.52 9.49 -0.92
CA LYS A 50 12.33 9.62 -2.15
C LYS A 50 13.27 8.42 -2.39
N ARG A 51 13.49 7.61 -1.34
CA ARG A 51 14.21 6.32 -1.37
C ARG A 51 13.47 5.25 -2.20
N PHE A 52 12.15 5.38 -2.33
CA PHE A 52 11.26 4.40 -2.96
C PHE A 52 10.15 5.04 -3.83
N ALA A 53 10.34 6.27 -4.28
CA ALA A 53 9.35 7.10 -4.99
C ALA A 53 9.36 6.94 -6.52
N ASP A 54 9.52 5.70 -6.99
CA ASP A 54 9.43 5.30 -8.39
C ASP A 54 8.87 3.88 -8.51
N CYS A 55 8.12 3.59 -9.57
CA CYS A 55 7.69 2.24 -9.92
C CYS A 55 8.91 1.30 -10.10
N SER A 56 10.09 1.85 -10.45
CA SER A 56 11.35 1.12 -10.67
C SER A 56 12.14 0.85 -9.38
N LYS A 57 11.86 1.58 -8.30
CA LYS A 57 12.51 1.42 -6.98
C LYS A 57 12.06 0.15 -6.24
N SER A 58 12.67 -0.09 -5.08
CA SER A 58 12.35 -1.19 -4.17
C SER A 58 11.11 -0.85 -3.29
N GLN A 59 10.92 -1.58 -2.18
CA GLN A 59 9.90 -1.35 -1.15
C GLN A 59 10.39 -1.84 0.23
N GLU A 60 9.73 -1.41 1.32
CA GLU A 60 10.09 -1.78 2.71
C GLU A 60 9.94 -3.30 3.00
N MET A 61 8.98 -3.98 2.34
CA MET A 61 8.76 -5.44 2.43
C MET A 61 8.08 -5.96 1.16
N SER A 62 8.59 -7.04 0.57
CA SER A 62 8.03 -7.65 -0.65
C SER A 62 6.60 -8.15 -0.42
N ASN A 63 5.81 -8.33 -1.48
CA ASN A 63 4.37 -8.59 -1.34
C ASN A 63 4.08 -9.93 -0.62
N GLU A 64 4.98 -10.90 -0.74
CA GLU A 64 4.95 -12.19 -0.02
C GLU A 64 5.39 -12.09 1.46
N GLU A 65 5.87 -10.93 1.90
CA GLU A 65 6.15 -10.59 3.30
C GLU A 65 5.09 -9.62 3.86
N ILE A 66 4.68 -8.60 3.09
CA ILE A 66 3.64 -7.63 3.52
C ILE A 66 2.18 -8.12 3.37
N ASN A 67 2.02 -9.38 3.04
CA ASN A 67 0.78 -10.11 3.35
C ASN A 67 0.90 -10.98 4.63
N GLU A 68 2.05 -11.61 4.86
CA GLU A 68 2.35 -12.40 6.05
C GLU A 68 2.43 -11.57 7.35
N GLU A 69 2.90 -10.32 7.28
CA GLU A 69 3.08 -9.46 8.47
C GLU A 69 1.75 -9.16 9.18
N LEU A 70 0.65 -9.04 8.42
CA LEU A 70 -0.71 -8.88 8.95
C LEU A 70 -1.44 -10.23 9.09
N GLY A 71 -1.09 -11.21 8.26
CA GLY A 71 -1.68 -12.56 8.24
C GLY A 71 -2.85 -12.68 7.23
N ILE A 72 -2.76 -11.93 6.13
CA ILE A 72 -3.79 -11.81 5.09
C ILE A 72 -3.41 -12.58 3.80
N GLY A 73 -4.39 -12.76 2.92
CA GLY A 73 -4.30 -13.58 1.70
C GLY A 73 -4.06 -12.79 0.40
N GLN A 74 -3.41 -11.63 0.50
CA GLN A 74 -3.24 -10.69 -0.61
C GLN A 74 -2.35 -11.24 -1.74
N ASP A 75 -2.49 -10.64 -2.92
CA ASP A 75 -1.83 -10.94 -4.21
C ASP A 75 -2.23 -12.29 -4.84
N GLU A 76 -2.98 -13.10 -4.10
CA GLU A 76 -3.74 -14.32 -4.44
C GLU A 76 -2.93 -15.46 -5.06
N ALA A 77 -2.37 -15.21 -6.24
CA ALA A 77 -1.31 -16.01 -6.86
C ALA A 77 -0.01 -15.85 -6.08
N ASP A 78 0.36 -14.60 -5.75
CA ASP A 78 1.57 -14.20 -5.03
C ASP A 78 2.91 -14.69 -5.67
N ALA A 79 2.84 -15.21 -6.90
CA ALA A 79 3.97 -15.67 -7.71
C ALA A 79 4.88 -14.53 -8.22
N ALA B 1 -9.17 2.02 -3.33
CA ALA B 1 -8.00 1.12 -3.53
C ALA B 1 -7.76 0.27 -2.29
N ARG B 2 -7.62 -1.05 -2.46
CA ARG B 2 -7.29 -2.04 -1.42
C ARG B 2 -5.96 -1.70 -0.77
N THR B 3 -5.89 -1.68 0.57
CA THR B 3 -4.60 -1.77 1.29
C THR B 3 -4.71 -2.37 2.71
N GLN B 5 -2.66 -2.34 7.11
CA GLN B 5 -1.94 -1.56 8.14
C GLN B 5 -1.30 -2.42 9.26
N THR B 6 0.04 -2.54 9.21
CA THR B 6 0.86 -3.31 10.16
C THR B 6 1.04 -2.60 11.49
N ALA B 7 0.75 -3.29 12.60
CA ALA B 7 0.97 -2.83 13.98
C ALA B 7 2.44 -2.97 14.45
N ARG B 8 3.37 -2.62 13.57
CA ARG B 8 4.83 -2.79 13.71
C ARG B 8 5.56 -1.59 13.10
N TYR B 9 5.97 -0.64 13.93
CA TYR B 9 6.58 0.64 13.53
C TYR B 9 7.58 1.17 14.58
N GLY A 1 -8.24 -2.81 -14.17
CA GLY A 1 -9.27 -3.69 -13.58
C GLY A 1 -10.09 -2.95 -12.53
N SER A 2 -11.42 -3.07 -12.60
CA SER A 2 -12.36 -2.39 -11.69
C SER A 2 -12.24 -2.85 -10.23
N ARG A 3 -12.60 -1.98 -9.28
CA ARG A 3 -12.62 -2.20 -7.82
C ARG A 3 -11.27 -2.63 -7.19
N ARG A 4 -10.15 -2.28 -7.84
CA ARG A 4 -8.79 -2.38 -7.28
C ARG A 4 -8.50 -1.34 -6.19
N ALA A 5 -9.28 -0.26 -6.10
CA ALA A 5 -9.21 0.70 -5.01
C ALA A 5 -10.27 0.51 -3.90
N SER A 6 -9.81 0.77 -2.68
CA SER A 6 -10.55 0.89 -1.42
C SER A 6 -9.62 1.42 -0.31
N VAL A 7 -10.16 1.56 0.91
CA VAL A 7 -9.41 1.89 2.15
C VAL A 7 -9.94 1.12 3.36
N GLY A 8 -9.15 1.08 4.44
CA GLY A 8 -9.50 0.47 5.72
C GLY A 8 -10.19 1.44 6.68
N SER A 9 -9.76 1.41 7.95
CA SER A 9 -10.30 2.23 9.04
C SER A 9 -9.39 3.43 9.39
N GLU A 10 -9.92 4.38 10.17
CA GLU A 10 -9.17 5.50 10.77
C GLU A 10 -8.67 5.26 12.21
N PHE A 11 -8.99 4.07 12.68
CA PHE A 11 -8.68 3.53 14.01
C PHE A 11 -7.21 3.09 14.14
N THR A 12 -6.77 2.29 13.18
CA THR A 12 -5.45 1.64 13.14
C THR A 12 -4.29 2.65 13.04
N GLU A 13 -3.11 2.28 13.53
CA GLU A 13 -1.87 3.06 13.37
C GLU A 13 -1.26 2.90 11.95
N SER A 14 0.03 3.18 11.77
CA SER A 14 0.73 3.19 10.46
C SER A 14 0.43 1.95 9.60
N ALA A 15 0.18 2.22 8.32
CA ALA A 15 -0.42 1.30 7.36
C ALA A 15 0.38 1.26 6.05
N TRP A 16 -0.10 0.52 5.06
CA TRP A 16 0.45 0.54 3.71
C TRP A 16 -0.44 1.29 2.71
N VAL A 17 0.04 1.41 1.47
CA VAL A 17 -0.73 1.82 0.29
C VAL A 17 -0.18 1.15 -0.98
N ARG A 18 -1.08 0.71 -1.89
CA ARG A 18 -0.74 0.15 -3.21
C ARG A 18 -0.75 1.26 -4.27
N CYS A 19 0.21 1.24 -5.20
CA CYS A 19 0.24 2.13 -6.35
C CYS A 19 -0.90 1.82 -7.37
N ASP A 20 -1.65 2.86 -7.76
CA ASP A 20 -2.61 2.83 -8.87
C ASP A 20 -1.98 2.74 -10.28
N ASP A 21 -0.67 2.98 -10.43
CA ASP A 21 0.03 2.94 -11.73
C ASP A 21 0.78 1.62 -11.97
N CYS A 22 1.21 0.94 -10.89
CA CYS A 22 1.67 -0.44 -10.91
C CYS A 22 0.86 -1.33 -9.92
N PHE A 23 1.47 -1.64 -8.77
CA PHE A 23 0.97 -2.52 -7.69
C PHE A 23 1.89 -2.57 -6.44
N LYS A 24 3.11 -2.03 -6.53
CA LYS A 24 4.10 -1.89 -5.44
C LYS A 24 3.50 -1.30 -4.17
N TRP A 25 4.03 -1.74 -3.03
CA TRP A 25 3.60 -1.31 -1.70
C TRP A 25 4.56 -0.29 -1.06
N ARG A 26 4.04 0.59 -0.20
CA ARG A 26 4.82 1.55 0.60
C ARG A 26 4.21 1.71 1.99
N ARG A 27 5.04 1.71 3.03
CA ARG A 27 4.66 1.97 4.42
C ARG A 27 4.45 3.47 4.63
N ILE A 28 3.28 3.84 5.16
CA ILE A 28 2.84 5.21 5.41
C ILE A 28 2.31 5.40 6.83
N PRO A 29 2.36 6.62 7.41
CA PRO A 29 1.60 6.91 8.62
C PRO A 29 0.09 6.90 8.34
N ALA A 30 -0.70 6.56 9.34
CA ALA A 30 -2.18 6.59 9.28
C ALA A 30 -2.75 7.97 8.89
N SER A 31 -2.00 9.06 9.10
CA SER A 31 -2.33 10.42 8.64
C SER A 31 -2.47 10.51 7.11
N VAL A 32 -1.74 9.66 6.36
CA VAL A 32 -1.87 9.53 4.91
C VAL A 32 -2.97 8.55 4.56
N VAL A 33 -3.12 7.44 5.30
CA VAL A 33 -4.16 6.45 4.98
C VAL A 33 -5.59 6.99 5.22
N GLY A 34 -5.72 8.04 6.03
CA GLY A 34 -6.95 8.82 6.20
C GLY A 34 -7.12 9.98 5.20
N SER A 35 -6.02 10.48 4.61
CA SER A 35 -6.03 11.51 3.56
C SER A 35 -6.34 10.94 2.18
N ILE A 36 -5.82 9.73 1.89
CA ILE A 36 -6.16 8.91 0.72
C ILE A 36 -7.60 8.40 0.92
N ASP A 37 -8.49 8.73 -0.01
CA ASP A 37 -9.89 8.27 -0.03
C ASP A 37 -10.04 6.89 -0.70
N GLU A 38 -11.24 6.31 -0.60
CA GLU A 38 -11.59 5.00 -1.18
C GLU A 38 -11.33 4.89 -2.70
N SER A 39 -11.29 6.03 -3.40
CA SER A 39 -11.04 6.16 -4.85
C SER A 39 -9.79 6.97 -5.21
N SER A 40 -8.99 7.45 -4.24
CA SER A 40 -7.79 8.27 -4.50
C SER A 40 -6.68 7.49 -5.22
N ARG A 41 -6.16 8.07 -6.32
CA ARG A 41 -5.07 7.51 -7.13
C ARG A 41 -3.69 7.82 -6.53
N TRP A 42 -3.32 7.09 -5.47
CA TRP A 42 -1.98 7.15 -4.87
C TRP A 42 -0.99 6.36 -5.74
N ILE A 43 0.17 6.93 -6.06
CA ILE A 43 1.20 6.28 -6.89
C ILE A 43 2.62 6.52 -6.38
N CYS A 44 3.57 5.71 -6.84
CA CYS A 44 5.00 5.83 -6.53
C CYS A 44 5.55 7.26 -6.76
N MET A 45 5.20 7.96 -7.85
CA MET A 45 5.74 9.30 -8.15
C MET A 45 5.44 10.32 -7.03
N ASN A 46 4.29 10.15 -6.36
CA ASN A 46 3.81 10.98 -5.25
C ASN A 46 4.40 10.57 -3.88
N ASN A 47 5.06 9.42 -3.80
CA ASN A 47 5.56 8.81 -2.56
C ASN A 47 6.44 9.78 -1.73
N SER A 48 6.22 9.75 -0.41
CA SER A 48 6.96 10.52 0.59
C SER A 48 8.48 10.34 0.51
N ASP A 49 8.92 9.10 0.35
CA ASP A 49 10.34 8.69 0.37
C ASP A 49 10.92 8.63 -1.04
N LYS A 50 11.73 9.64 -1.40
CA LYS A 50 12.35 9.83 -2.72
C LYS A 50 13.26 8.66 -3.13
N ARG A 51 13.74 7.88 -2.17
CA ARG A 51 14.49 6.62 -2.37
C ARG A 51 13.65 5.48 -2.98
N PHE A 52 12.32 5.53 -2.82
CA PHE A 52 11.37 4.49 -3.27
C PHE A 52 10.25 5.01 -4.20
N ALA A 53 10.32 6.29 -4.57
CA ALA A 53 9.31 7.09 -5.26
C ALA A 53 9.28 6.91 -6.80
N ASP A 54 9.45 5.67 -7.25
CA ASP A 54 9.14 5.24 -8.62
C ASP A 54 8.69 3.78 -8.68
N CYS A 55 7.89 3.48 -9.70
CA CYS A 55 7.45 2.15 -10.10
C CYS A 55 8.66 1.19 -10.37
N SER A 56 9.84 1.77 -10.61
CA SER A 56 11.10 1.07 -10.86
C SER A 56 11.88 0.76 -9.57
N LYS A 57 11.59 1.50 -8.49
CA LYS A 57 12.25 1.32 -7.19
C LYS A 57 11.68 0.15 -6.37
N SER A 58 12.36 -0.10 -5.25
CA SER A 58 12.10 -1.16 -4.28
C SER A 58 11.00 -0.81 -3.27
N GLN A 59 10.90 -1.60 -2.19
CA GLN A 59 9.99 -1.42 -1.06
C GLN A 59 10.61 -1.98 0.25
N GLU A 60 10.04 -1.64 1.40
CA GLU A 60 10.58 -2.09 2.72
C GLU A 60 10.52 -3.62 2.91
N MET A 61 9.50 -4.30 2.37
CA MET A 61 9.26 -5.75 2.48
C MET A 61 8.54 -6.28 1.25
N SER A 62 9.01 -7.38 0.67
CA SER A 62 8.41 -8.03 -0.51
C SER A 62 6.99 -8.52 -0.22
N ASN A 63 6.18 -8.77 -1.24
CA ASN A 63 4.73 -8.97 -1.07
C ASN A 63 4.41 -10.31 -0.37
N GLU A 64 5.33 -11.29 -0.42
CA GLU A 64 5.30 -12.52 0.38
C GLU A 64 5.59 -12.29 1.89
N GLU A 65 6.20 -11.15 2.24
CA GLU A 65 6.42 -10.70 3.63
C GLU A 65 5.35 -9.71 4.09
N ILE A 66 4.98 -8.70 3.28
CA ILE A 66 3.89 -7.75 3.58
C ILE A 66 2.45 -8.27 3.34
N ASN A 67 2.33 -9.57 3.19
CA ASN A 67 1.09 -10.29 3.48
C ASN A 67 1.16 -11.12 4.79
N GLU A 68 2.32 -11.69 5.10
CA GLU A 68 2.59 -12.43 6.35
C GLU A 68 2.61 -11.54 7.59
N GLU A 69 3.04 -10.27 7.48
CA GLU A 69 3.13 -9.32 8.60
C GLU A 69 1.77 -9.05 9.26
N LEU A 70 0.69 -9.13 8.46
CA LEU A 70 -0.69 -8.99 8.93
C LEU A 70 -1.39 -10.35 9.10
N GLY A 71 -1.06 -11.31 8.24
CA GLY A 71 -1.69 -12.64 8.16
C GLY A 71 -2.82 -12.70 7.13
N ILE A 72 -2.60 -12.07 5.96
CA ILE A 72 -3.58 -11.91 4.86
C ILE A 72 -3.14 -12.63 3.57
N GLY A 73 -4.06 -12.73 2.61
CA GLY A 73 -3.89 -13.49 1.37
C GLY A 73 -3.37 -12.72 0.15
N GLN A 74 -3.25 -11.40 0.25
CA GLN A 74 -2.97 -10.51 -0.89
C GLN A 74 -1.65 -10.84 -1.60
N ASP A 75 -1.70 -10.70 -2.93
CA ASP A 75 -0.68 -11.06 -3.94
C ASP A 75 -0.25 -12.54 -3.99
N GLU A 76 -0.79 -13.34 -3.08
CA GLU A 76 -0.80 -14.81 -2.94
C GLU A 76 0.55 -15.53 -2.78
N ALA A 77 1.54 -15.16 -3.58
CA ALA A 77 2.81 -15.87 -3.76
C ALA A 77 4.02 -14.95 -3.94
N ASP A 78 3.88 -13.90 -4.76
CA ASP A 78 4.98 -13.03 -5.24
C ASP A 78 6.09 -13.79 -6.01
N ALA A 79 5.86 -15.06 -6.36
CA ALA A 79 6.76 -15.92 -7.14
C ALA A 79 6.90 -15.48 -8.63
N ALA B 1 -4.52 2.71 -4.21
CA ALA B 1 -5.33 1.50 -4.43
C ALA B 1 -5.47 0.70 -3.12
N ARG B 2 -6.25 -0.40 -3.11
CA ARG B 2 -6.61 -1.14 -1.88
C ARG B 2 -5.38 -1.61 -1.12
N THR B 3 -5.49 -1.83 0.20
CA THR B 3 -4.28 -2.05 1.01
C THR B 3 -4.54 -2.78 2.34
N GLN B 5 -3.54 -2.67 6.82
CA GLN B 5 -3.31 -1.80 7.98
C GLN B 5 -2.58 -2.57 9.10
N THR B 6 -1.25 -2.44 9.11
CA THR B 6 -0.34 -3.23 9.96
C THR B 6 -0.54 -3.05 11.47
N ALA B 7 -0.55 -4.17 12.19
CA ALA B 7 -0.69 -4.27 13.65
C ALA B 7 0.68 -4.41 14.37
N ARG B 8 1.78 -4.07 13.69
CA ARG B 8 3.17 -4.18 14.12
C ARG B 8 3.91 -2.93 13.65
N TYR B 9 4.45 -2.20 14.63
CA TYR B 9 5.06 -0.86 14.51
C TYR B 9 6.09 -0.59 15.63
N GLY A 1 -12.84 -8.21 -13.26
CA GLY A 1 -13.38 -7.16 -12.38
C GLY A 1 -12.27 -6.38 -11.69
N SER A 2 -12.42 -5.06 -11.56
CA SER A 2 -11.38 -4.10 -11.11
C SER A 2 -11.12 -4.10 -9.58
N ARG A 3 -10.96 -5.28 -8.96
CA ARG A 3 -10.78 -5.47 -7.50
C ARG A 3 -9.51 -4.81 -6.93
N ARG A 4 -8.56 -4.41 -7.78
CA ARG A 4 -7.39 -3.58 -7.44
C ARG A 4 -7.78 -2.20 -6.88
N ALA A 5 -8.84 -1.60 -7.39
CA ALA A 5 -9.37 -0.32 -6.90
C ALA A 5 -10.45 -0.50 -5.81
N SER A 6 -10.52 0.49 -4.91
CA SER A 6 -11.49 0.62 -3.81
C SER A 6 -11.33 1.96 -3.09
N VAL A 7 -12.21 2.21 -2.12
CA VAL A 7 -12.12 3.29 -1.12
C VAL A 7 -10.88 3.17 -0.21
N GLY A 8 -10.62 4.22 0.58
CA GLY A 8 -9.63 4.22 1.65
C GLY A 8 -10.13 3.51 2.91
N SER A 9 -9.82 4.10 4.07
CA SER A 9 -10.09 3.54 5.39
C SER A 9 -10.13 4.61 6.49
N GLU A 10 -10.63 4.24 7.68
CA GLU A 10 -10.43 5.02 8.91
C GLU A 10 -8.95 4.98 9.34
N PHE A 11 -8.50 6.02 10.04
CA PHE A 11 -7.08 6.35 10.21
C PHE A 11 -6.23 5.19 10.76
N THR A 12 -6.70 4.52 11.83
CA THR A 12 -6.01 3.39 12.48
C THR A 12 -4.60 3.81 12.98
N GLU A 13 -3.72 2.88 13.37
CA GLU A 13 -2.27 3.11 13.41
C GLU A 13 -1.65 3.06 11.99
N SER A 14 -0.38 3.46 11.85
CA SER A 14 0.34 3.59 10.57
C SER A 14 0.27 2.34 9.70
N ALA A 15 0.04 2.51 8.40
CA ALA A 15 -0.50 1.47 7.51
C ALA A 15 0.13 1.53 6.10
N TRP A 16 -0.21 0.60 5.20
CA TRP A 16 0.27 0.65 3.81
C TRP A 16 -0.63 1.48 2.87
N VAL A 17 -0.11 1.71 1.67
CA VAL A 17 -0.84 2.13 0.47
C VAL A 17 -0.31 1.38 -0.75
N ARG A 18 -1.21 1.02 -1.68
CA ARG A 18 -0.89 0.45 -3.00
C ARG A 18 -0.72 1.55 -4.06
N CYS A 19 0.23 1.39 -4.98
CA CYS A 19 0.30 2.20 -6.20
C CYS A 19 -0.89 1.89 -7.15
N ASP A 20 -1.65 2.92 -7.49
CA ASP A 20 -2.72 2.89 -8.49
C ASP A 20 -2.23 2.76 -9.96
N ASP A 21 -0.94 2.94 -10.24
CA ASP A 21 -0.37 2.81 -11.59
C ASP A 21 0.28 1.43 -11.83
N CYS A 22 0.78 0.78 -10.78
CA CYS A 22 1.24 -0.61 -10.80
C CYS A 22 0.58 -1.47 -9.68
N PHE A 23 1.29 -1.62 -8.57
CA PHE A 23 0.88 -2.33 -7.36
C PHE A 23 1.77 -2.05 -6.13
N LYS A 24 2.98 -1.53 -6.34
CA LYS A 24 4.02 -1.26 -5.34
C LYS A 24 3.46 -0.75 -4.01
N TRP A 25 3.96 -1.31 -2.91
CA TRP A 25 3.49 -1.01 -1.57
C TRP A 25 4.48 -0.07 -0.84
N ARG A 26 3.96 0.79 0.04
CA ARG A 26 4.75 1.66 0.94
C ARG A 26 4.02 1.82 2.28
N ARG A 27 4.75 1.75 3.40
CA ARG A 27 4.22 1.99 4.75
C ARG A 27 4.27 3.49 5.06
N ILE A 28 3.09 4.05 5.32
CA ILE A 28 2.81 5.48 5.52
C ILE A 28 2.18 5.72 6.90
N PRO A 29 2.25 6.95 7.45
CA PRO A 29 1.47 7.27 8.64
C PRO A 29 -0.03 7.31 8.35
N ALA A 30 -0.81 6.93 9.36
CA ALA A 30 -2.27 6.96 9.37
C ALA A 30 -2.89 8.29 8.91
N SER A 31 -2.21 9.41 9.15
CA SER A 31 -2.61 10.75 8.72
C SER A 31 -2.80 10.87 7.21
N VAL A 32 -2.08 10.05 6.43
CA VAL A 32 -2.26 9.95 4.96
C VAL A 32 -3.15 8.77 4.58
N VAL A 33 -3.17 7.66 5.33
CA VAL A 33 -4.05 6.53 4.99
C VAL A 33 -5.55 6.90 5.06
N GLY A 34 -5.90 7.89 5.88
CA GLY A 34 -7.23 8.50 5.94
C GLY A 34 -7.49 9.60 4.90
N SER A 35 -6.44 10.13 4.27
CA SER A 35 -6.51 11.13 3.19
C SER A 35 -6.57 10.48 1.79
N ILE A 36 -5.82 9.37 1.61
CA ILE A 36 -5.96 8.45 0.47
C ILE A 36 -7.38 7.86 0.44
N ASP A 37 -7.87 7.65 -0.79
CA ASP A 37 -9.24 7.23 -1.09
C ASP A 37 -9.42 6.85 -2.57
N GLU A 38 -10.61 6.38 -2.95
CA GLU A 38 -11.02 6.18 -4.34
C GLU A 38 -11.10 7.50 -5.14
N SER A 39 -11.34 8.64 -4.46
CA SER A 39 -11.33 9.98 -5.06
C SER A 39 -9.90 10.55 -5.19
N SER A 40 -8.94 10.01 -4.44
CA SER A 40 -7.50 10.27 -4.58
C SER A 40 -6.86 9.34 -5.64
N ARG A 41 -5.55 9.48 -5.86
CA ARG A 41 -4.73 8.54 -6.65
C ARG A 41 -3.30 8.52 -6.12
N TRP A 42 -2.97 7.51 -5.33
CA TRP A 42 -1.62 7.31 -4.78
C TRP A 42 -0.76 6.49 -5.74
N ILE A 43 0.44 6.95 -6.09
CA ILE A 43 1.40 6.22 -6.93
C ILE A 43 2.84 6.40 -6.45
N CYS A 44 3.76 5.54 -6.90
CA CYS A 44 5.19 5.66 -6.63
C CYS A 44 5.74 7.08 -6.93
N MET A 45 5.40 7.72 -8.06
CA MET A 45 5.98 9.02 -8.42
C MET A 45 5.58 10.14 -7.44
N ASN A 46 4.48 9.95 -6.68
CA ASN A 46 3.97 10.85 -5.64
C ASN A 46 4.58 10.57 -4.24
N ASN A 47 5.27 9.42 -4.07
CA ASN A 47 5.78 8.95 -2.79
C ASN A 47 6.66 9.98 -2.08
N SER A 48 6.41 10.17 -0.78
CA SER A 48 7.22 10.97 0.13
C SER A 48 8.68 10.51 0.22
N ASP A 49 8.89 9.20 0.20
CA ASP A 49 10.21 8.57 0.36
C ASP A 49 10.91 8.43 -1.00
N LYS A 50 11.77 9.40 -1.30
CA LYS A 50 12.49 9.56 -2.58
C LYS A 50 13.41 8.38 -2.92
N ARG A 51 13.72 7.54 -1.92
CA ARG A 51 14.44 6.25 -2.06
C ARG A 51 13.64 5.18 -2.80
N PHE A 52 12.31 5.30 -2.81
CA PHE A 52 11.38 4.30 -3.34
C PHE A 52 10.29 4.90 -4.26
N ALA A 53 10.47 6.13 -4.71
CA ALA A 53 9.47 6.98 -5.37
C ALA A 53 9.42 6.82 -6.90
N ASP A 54 9.58 5.58 -7.36
CA ASP A 54 9.42 5.17 -8.76
C ASP A 54 8.82 3.76 -8.83
N CYS A 55 8.03 3.50 -9.88
CA CYS A 55 7.51 2.17 -10.21
C CYS A 55 8.66 1.14 -10.46
N SER A 56 9.88 1.64 -10.71
CA SER A 56 11.10 0.84 -10.93
C SER A 56 11.85 0.53 -9.63
N LYS A 57 11.64 1.31 -8.56
CA LYS A 57 12.27 1.10 -7.25
C LYS A 57 11.61 -0.04 -6.44
N SER A 58 12.25 -0.33 -5.32
CA SER A 58 11.94 -1.36 -4.34
C SER A 58 10.87 -0.91 -3.32
N GLN A 59 10.68 -1.70 -2.26
CA GLN A 59 9.87 -1.38 -1.08
C GLN A 59 10.45 -2.04 0.18
N GLU A 60 9.93 -1.65 1.37
CA GLU A 60 10.41 -2.14 2.68
C GLU A 60 10.42 -3.67 2.82
N MET A 61 9.45 -4.35 2.19
CA MET A 61 9.32 -5.82 2.18
C MET A 61 8.60 -6.30 0.91
N SER A 62 9.09 -7.35 0.24
CA SER A 62 8.37 -7.96 -0.90
C SER A 62 7.00 -8.49 -0.46
N ASN A 63 6.06 -8.59 -1.40
CA ASN A 63 4.63 -8.72 -1.08
C ASN A 63 4.34 -9.94 -0.19
N GLU A 64 5.05 -11.04 -0.42
CA GLU A 64 4.96 -12.30 0.31
C GLU A 64 5.65 -12.30 1.70
N GLU A 65 6.48 -11.29 2.00
CA GLU A 65 6.99 -11.01 3.36
C GLU A 65 6.08 -10.05 4.13
N ILE A 66 5.53 -9.01 3.49
CA ILE A 66 4.58 -8.11 4.16
C ILE A 66 3.25 -8.80 4.47
N ASN A 67 2.56 -9.38 3.50
CA ASN A 67 1.24 -10.00 3.73
C ASN A 67 1.24 -11.08 4.85
N GLU A 68 2.38 -11.75 5.07
CA GLU A 68 2.65 -12.65 6.21
C GLU A 68 2.65 -11.95 7.58
N GLU A 69 3.09 -10.69 7.67
CA GLU A 69 3.04 -9.84 8.87
C GLU A 69 1.59 -9.50 9.28
N LEU A 70 0.72 -9.27 8.30
CA LEU A 70 -0.72 -9.10 8.49
C LEU A 70 -1.46 -10.43 8.74
N GLY A 71 -0.93 -11.53 8.20
CA GLY A 71 -1.47 -12.89 8.31
C GLY A 71 -2.46 -13.28 7.20
N ILE A 72 -2.23 -12.80 5.97
CA ILE A 72 -3.13 -12.84 4.79
C ILE A 72 -2.33 -13.06 3.49
N GLY A 73 -3.03 -13.17 2.35
CA GLY A 73 -2.45 -13.02 1.02
C GLY A 73 -2.66 -11.58 0.50
N GLN A 74 -2.82 -11.47 -0.81
CA GLN A 74 -3.11 -10.24 -1.55
C GLN A 74 -3.84 -10.57 -2.87
N ASP A 75 -4.38 -9.55 -3.54
CA ASP A 75 -5.19 -9.72 -4.75
C ASP A 75 -4.39 -10.25 -5.97
N GLU A 76 -3.11 -9.88 -6.06
CA GLU A 76 -2.18 -10.37 -7.09
C GLU A 76 -1.85 -11.87 -6.91
N ALA A 77 -1.70 -12.31 -5.65
CA ALA A 77 -1.49 -13.70 -5.28
C ALA A 77 -2.74 -14.57 -5.47
N ASP A 78 -3.89 -14.08 -5.00
CA ASP A 78 -5.17 -14.82 -4.90
C ASP A 78 -5.08 -16.13 -4.08
N ALA A 79 -4.00 -16.29 -3.31
CA ALA A 79 -3.70 -17.45 -2.44
C ALA A 79 -3.00 -17.05 -1.13
N ALA B 1 -7.95 1.60 -2.15
CA ALA B 1 -7.39 0.81 -3.29
C ALA B 1 -6.66 -0.46 -2.81
N ARG B 2 -7.42 -1.48 -2.40
CA ARG B 2 -6.96 -2.83 -1.98
C ARG B 2 -5.78 -2.85 -0.99
N THR B 3 -5.61 -1.86 -0.12
CA THR B 3 -4.49 -1.91 0.83
C THR B 3 -4.91 -2.46 2.21
N GLN B 5 -3.64 -2.73 6.89
CA GLN B 5 -3.30 -1.95 8.09
C GLN B 5 -1.93 -2.26 8.74
N THR B 6 -1.58 -3.53 8.96
CA THR B 6 -0.35 -4.06 9.60
C THR B 6 -0.09 -3.66 11.06
N ALA B 7 -0.11 -2.37 11.38
CA ALA B 7 0.34 -1.72 12.62
C ALA B 7 1.84 -1.93 12.95
N ARG B 8 2.30 -3.17 13.16
CA ARG B 8 3.66 -3.55 13.59
C ARG B 8 4.10 -2.72 14.82
N TYR B 9 3.37 -2.88 15.92
CA TYR B 9 3.63 -2.23 17.22
C TYR B 9 4.96 -2.67 17.86
N GLY A 1 -19.73 -5.29 -7.35
CA GLY A 1 -18.35 -5.59 -6.91
C GLY A 1 -17.36 -5.55 -8.07
N SER A 2 -16.11 -5.94 -7.81
CA SER A 2 -15.01 -5.99 -8.80
C SER A 2 -13.93 -7.02 -8.38
N ARG A 3 -12.85 -7.12 -9.17
CA ARG A 3 -11.72 -8.05 -8.95
C ARG A 3 -10.82 -7.69 -7.74
N ARG A 4 -11.01 -6.53 -7.11
CA ARG A 4 -10.20 -6.03 -5.97
C ARG A 4 -11.01 -5.14 -5.00
N ALA A 5 -10.37 -4.81 -3.88
CA ALA A 5 -10.84 -3.96 -2.78
C ALA A 5 -11.91 -4.55 -1.83
N SER A 6 -11.84 -4.08 -0.58
CA SER A 6 -12.70 -4.38 0.57
C SER A 6 -12.53 -3.30 1.66
N VAL A 7 -13.25 -3.44 2.77
CA VAL A 7 -13.17 -2.53 3.94
C VAL A 7 -11.86 -2.67 4.73
N GLY A 8 -11.56 -1.66 5.55
CA GLY A 8 -10.37 -1.58 6.41
C GLY A 8 -10.54 -0.55 7.52
N SER A 9 -9.51 0.29 7.71
CA SER A 9 -9.43 1.32 8.78
C SER A 9 -8.67 2.57 8.34
N GLU A 10 -9.10 3.73 8.84
CA GLU A 10 -8.53 5.07 8.53
C GLU A 10 -7.98 5.83 9.75
N PHE A 11 -7.91 5.09 10.83
CA PHE A 11 -7.73 5.53 12.23
C PHE A 11 -6.55 4.86 12.96
N THR A 12 -6.19 3.67 12.50
CA THR A 12 -5.06 2.83 12.92
C THR A 12 -3.67 3.51 12.80
N GLU A 13 -2.65 2.82 13.30
CA GLU A 13 -1.22 3.17 13.17
C GLU A 13 -0.76 3.24 11.69
N SER A 14 0.48 3.69 11.44
CA SER A 14 1.09 3.76 10.10
C SER A 14 0.93 2.45 9.30
N ALA A 15 0.56 2.58 8.04
CA ALA A 15 -0.02 1.48 7.24
C ALA A 15 0.50 1.48 5.80
N TRP A 16 -0.01 0.60 4.96
CA TRP A 16 0.42 0.50 3.56
C TRP A 16 -0.51 1.23 2.57
N VAL A 17 -0.10 1.26 1.31
CA VAL A 17 -0.88 1.67 0.13
C VAL A 17 -0.38 0.92 -1.11
N ARG A 18 -1.27 0.64 -2.08
CA ARG A 18 -0.96 0.01 -3.37
C ARG A 18 -1.00 1.05 -4.50
N CYS A 19 0.06 1.15 -5.31
CA CYS A 19 0.16 2.11 -6.41
C CYS A 19 -0.93 1.88 -7.50
N ASP A 20 -1.66 2.94 -7.86
CA ASP A 20 -2.63 2.95 -8.96
C ASP A 20 -2.00 2.90 -10.36
N ASP A 21 -0.72 3.22 -10.50
CA ASP A 21 0.06 3.10 -11.75
C ASP A 21 0.80 1.76 -11.88
N CYS A 22 1.03 1.05 -10.76
CA CYS A 22 1.61 -0.28 -10.68
C CYS A 22 0.60 -1.28 -10.02
N PHE A 23 0.94 -1.61 -8.77
CA PHE A 23 0.43 -2.59 -7.81
C PHE A 23 1.42 -2.71 -6.62
N LYS A 24 2.65 -2.19 -6.79
CA LYS A 24 3.70 -1.94 -5.79
C LYS A 24 3.12 -1.51 -4.45
N TRP A 25 3.64 -2.07 -3.35
CA TRP A 25 3.24 -1.71 -1.98
C TRP A 25 4.18 -0.67 -1.37
N ARG A 26 3.65 0.20 -0.51
CA ARG A 26 4.43 1.20 0.22
C ARG A 26 3.87 1.46 1.61
N ARG A 27 4.75 1.38 2.61
CA ARG A 27 4.56 1.81 4.00
C ARG A 27 4.56 3.34 4.07
N ILE A 28 3.45 3.90 4.55
CA ILE A 28 3.17 5.34 4.70
C ILE A 28 2.64 5.66 6.12
N PRO A 29 2.75 6.91 6.61
CA PRO A 29 2.12 7.30 7.86
C PRO A 29 0.58 7.42 7.73
N ALA A 30 -0.13 7.09 8.81
CA ALA A 30 -1.59 7.14 8.91
C ALA A 30 -2.23 8.52 8.58
N SER A 31 -1.46 9.61 8.70
CA SER A 31 -1.86 10.94 8.23
C SER A 31 -2.19 10.98 6.72
N VAL A 32 -1.63 10.05 5.94
CA VAL A 32 -1.94 9.82 4.52
C VAL A 32 -2.94 8.70 4.33
N VAL A 33 -2.90 7.65 5.14
CA VAL A 33 -3.81 6.49 5.01
C VAL A 33 -5.28 6.88 5.19
N GLY A 34 -5.52 7.93 5.98
CA GLY A 34 -6.84 8.53 6.22
C GLY A 34 -7.32 9.48 5.10
N SER A 35 -6.41 9.91 4.22
CA SER A 35 -6.69 10.77 3.06
C SER A 35 -6.92 9.97 1.77
N ILE A 36 -6.20 8.84 1.60
CA ILE A 36 -6.29 7.97 0.42
C ILE A 36 -7.57 7.10 0.47
N ASP A 37 -8.33 7.12 -0.63
CA ASP A 37 -9.60 6.41 -0.85
C ASP A 37 -9.61 5.64 -2.19
N GLU A 38 -10.67 4.87 -2.46
CA GLU A 38 -10.86 4.19 -3.76
C GLU A 38 -10.93 5.19 -4.95
N SER A 39 -11.42 6.41 -4.70
CA SER A 39 -11.46 7.52 -5.66
C SER A 39 -10.12 8.25 -5.85
N SER A 40 -9.12 7.98 -5.00
CA SER A 40 -7.76 8.56 -5.09
C SER A 40 -6.91 7.92 -6.20
N ARG A 41 -5.77 8.56 -6.53
CA ARG A 41 -4.76 8.09 -7.50
C ARG A 41 -3.35 8.16 -6.91
N TRP A 42 -3.13 7.40 -5.84
CA TRP A 42 -1.83 7.32 -5.14
C TRP A 42 -0.83 6.49 -5.96
N ILE A 43 0.37 7.01 -6.18
CA ILE A 43 1.43 6.32 -6.95
C ILE A 43 2.82 6.48 -6.31
N CYS A 44 3.77 5.62 -6.71
CA CYS A 44 5.17 5.70 -6.29
C CYS A 44 5.75 7.14 -6.45
N MET A 45 5.51 7.83 -7.58
CA MET A 45 6.12 9.17 -7.81
C MET A 45 5.61 10.26 -6.86
N ASN A 46 4.54 9.98 -6.09
CA ASN A 46 3.99 10.84 -5.04
C ASN A 46 4.43 10.42 -3.61
N ASN A 47 5.07 9.25 -3.47
CA ASN A 47 5.44 8.61 -2.20
C ASN A 47 6.22 9.54 -1.25
N SER A 48 5.85 9.50 0.03
CA SER A 48 6.54 10.18 1.13
C SER A 48 8.02 9.84 1.25
N ASP A 49 8.37 8.56 1.13
CA ASP A 49 9.74 8.06 1.32
C ASP A 49 10.51 7.99 -0.01
N LYS A 50 11.41 8.96 -0.18
CA LYS A 50 12.22 9.21 -1.39
C LYS A 50 13.17 8.05 -1.76
N ARG A 51 13.38 7.10 -0.84
CA ARG A 51 14.09 5.83 -1.08
C ARG A 51 13.36 4.93 -2.07
N PHE A 52 12.03 5.07 -2.17
CA PHE A 52 11.16 4.17 -2.94
C PHE A 52 10.10 4.91 -3.78
N ALA A 53 10.31 6.20 -4.04
CA ALA A 53 9.37 7.15 -4.64
C ALA A 53 9.48 7.30 -6.17
N ASP A 54 9.65 6.17 -6.85
CA ASP A 54 9.48 6.05 -8.30
C ASP A 54 8.88 4.69 -8.64
N CYS A 55 8.10 4.64 -9.72
CA CYS A 55 7.52 3.41 -10.26
C CYS A 55 8.60 2.39 -10.71
N SER A 56 9.87 2.82 -10.77
CA SER A 56 11.04 1.99 -11.05
C SER A 56 11.70 1.43 -9.77
N LYS A 57 11.48 2.05 -8.60
CA LYS A 57 12.02 1.59 -7.31
C LYS A 57 11.29 0.38 -6.72
N SER A 58 11.86 -0.15 -5.64
CA SER A 58 11.39 -1.33 -4.91
C SER A 58 10.51 -0.93 -3.70
N GLN A 59 10.45 -1.76 -2.68
CA GLN A 59 9.77 -1.54 -1.39
C GLN A 59 10.48 -2.28 -0.25
N GLU A 60 10.19 -1.93 1.01
CA GLU A 60 10.89 -2.46 2.20
C GLU A 60 10.68 -3.96 2.45
N MET A 61 9.56 -4.54 1.99
CA MET A 61 9.25 -5.98 2.09
C MET A 61 8.43 -6.44 0.89
N SER A 62 8.80 -7.55 0.24
CA SER A 62 8.04 -8.10 -0.91
C SER A 62 6.64 -8.53 -0.49
N ASN A 63 5.71 -8.65 -1.44
CA ASN A 63 4.28 -8.88 -1.14
C ASN A 63 4.05 -10.13 -0.26
N GLU A 64 4.84 -11.18 -0.48
CA GLU A 64 4.85 -12.44 0.29
C GLU A 64 5.62 -12.38 1.63
N GLU A 65 6.17 -11.21 1.98
CA GLU A 65 6.87 -10.91 3.23
C GLU A 65 6.10 -9.89 4.09
N ILE A 66 5.47 -8.88 3.47
CA ILE A 66 4.56 -7.97 4.19
C ILE A 66 3.29 -8.69 4.65
N ASN A 67 2.57 -9.35 3.76
CA ASN A 67 1.28 -10.01 4.08
C ASN A 67 1.35 -10.97 5.30
N GLU A 68 2.52 -11.58 5.54
CA GLU A 68 2.87 -12.38 6.72
C GLU A 68 2.90 -11.59 8.05
N GLU A 69 3.27 -10.30 8.01
CA GLU A 69 3.30 -9.40 9.19
C GLU A 69 1.89 -9.17 9.76
N LEU A 70 0.90 -8.95 8.88
CA LEU A 70 -0.51 -8.80 9.27
C LEU A 70 -1.20 -10.16 9.46
N GLY A 71 -0.78 -11.18 8.69
CA GLY A 71 -1.33 -12.53 8.70
C GLY A 71 -2.49 -12.72 7.70
N ILE A 72 -2.31 -12.21 6.48
CA ILE A 72 -3.34 -12.11 5.43
C ILE A 72 -2.91 -12.77 4.09
N GLY A 73 -3.88 -12.95 3.19
CA GLY A 73 -3.72 -13.57 1.88
C GLY A 73 -4.21 -12.64 0.76
N GLN A 74 -3.29 -11.85 0.20
CA GLN A 74 -3.60 -10.81 -0.78
C GLN A 74 -4.03 -11.37 -2.14
N ASP A 75 -4.71 -10.53 -2.92
CA ASP A 75 -5.20 -10.86 -4.27
C ASP A 75 -4.05 -11.14 -5.26
N GLU A 76 -2.90 -10.51 -5.02
CA GLU A 76 -1.62 -10.73 -5.73
C GLU A 76 -1.02 -12.12 -5.47
N ALA A 77 -1.07 -12.55 -4.21
CA ALA A 77 -0.57 -13.84 -3.73
C ALA A 77 -1.47 -15.01 -4.12
N ASP A 78 -2.79 -14.84 -3.97
CA ASP A 78 -3.87 -15.83 -4.08
C ASP A 78 -3.76 -17.10 -3.20
N ALA A 79 -2.72 -17.17 -2.36
CA ALA A 79 -2.48 -18.23 -1.37
C ALA A 79 -3.55 -18.28 -0.24
N ALA B 1 -4.83 2.47 -4.86
CA ALA B 1 -5.55 1.18 -4.94
C ALA B 1 -5.72 0.56 -3.55
N ARG B 2 -6.44 -0.58 -3.44
CA ARG B 2 -6.76 -1.26 -2.16
C ARG B 2 -5.52 -1.58 -1.31
N THR B 3 -5.68 -1.72 0.00
CA THR B 3 -4.52 -1.97 0.88
C THR B 3 -4.86 -2.64 2.22
N GLN B 5 -3.63 -2.65 6.85
CA GLN B 5 -3.33 -1.79 8.00
C GLN B 5 -2.47 -2.52 9.04
N THR B 6 -1.15 -2.35 8.96
CA THR B 6 -0.18 -2.87 9.94
C THR B 6 -0.41 -2.28 11.33
N ALA B 7 -0.41 -3.14 12.36
CA ALA B 7 -0.75 -2.79 13.75
C ALA B 7 -0.02 -3.67 14.80
N ARG B 8 1.13 -4.25 14.43
CA ARG B 8 1.92 -5.20 15.24
C ARG B 8 2.76 -4.48 16.31
N TYR B 9 2.10 -3.94 17.33
CA TYR B 9 2.71 -3.28 18.50
C TYR B 9 3.55 -4.24 19.38
N GLY A 1 -2.14 -1.35 -11.91
CA GLY A 1 -3.44 -2.07 -11.76
C GLY A 1 -4.02 -1.82 -10.38
N SER A 2 -5.33 -1.54 -10.31
CA SER A 2 -6.00 -1.08 -9.07
C SER A 2 -7.47 -1.54 -8.97
N ARG A 3 -8.15 -1.15 -7.88
CA ARG A 3 -9.53 -1.55 -7.50
C ARG A 3 -9.70 -3.08 -7.33
N ARG A 4 -8.61 -3.74 -6.91
CA ARG A 4 -8.48 -5.19 -6.65
C ARG A 4 -8.94 -5.60 -5.24
N ALA A 5 -9.21 -6.90 -5.11
CA ALA A 5 -9.49 -7.64 -3.87
C ALA A 5 -10.73 -7.17 -3.06
N SER A 6 -11.12 -7.97 -2.06
CA SER A 6 -12.18 -7.64 -1.10
C SER A 6 -11.72 -6.68 0.01
N VAL A 7 -12.71 -5.98 0.59
CA VAL A 7 -12.66 -4.96 1.66
C VAL A 7 -11.70 -3.78 1.42
N GLY A 8 -11.86 -2.74 2.25
CA GLY A 8 -11.09 -1.49 2.19
C GLY A 8 -11.69 -0.42 3.11
N SER A 9 -10.88 0.14 4.00
CA SER A 9 -11.26 1.14 5.00
C SER A 9 -10.06 2.00 5.46
N GLU A 10 -10.28 2.99 6.33
CA GLU A 10 -9.23 3.71 7.05
C GLU A 10 -8.58 2.85 8.15
N PHE A 11 -7.47 3.32 8.71
CA PHE A 11 -6.71 2.72 9.79
C PHE A 11 -5.99 3.85 10.51
N THR A 12 -6.29 3.90 11.79
CA THR A 12 -5.52 4.56 12.84
C THR A 12 -4.14 3.92 13.04
N GLU A 13 -3.16 4.75 13.41
CA GLU A 13 -1.72 4.44 13.41
C GLU A 13 -1.14 4.04 12.04
N SER A 14 0.18 4.20 11.87
CA SER A 14 0.88 4.05 10.57
C SER A 14 0.53 2.75 9.83
N ALA A 15 0.28 2.88 8.52
CA ALA A 15 -0.32 1.84 7.68
C ALA A 15 0.40 1.74 6.33
N TRP A 16 0.07 0.77 5.49
CA TRP A 16 0.57 0.76 4.10
C TRP A 16 -0.35 1.52 3.13
N VAL A 17 0.08 1.62 1.87
CA VAL A 17 -0.71 2.03 0.69
C VAL A 17 -0.19 1.34 -0.58
N ARG A 18 -1.09 0.98 -1.50
CA ARG A 18 -0.75 0.41 -2.83
C ARG A 18 -0.47 1.50 -3.86
N CYS A 19 0.50 1.28 -4.75
CA CYS A 19 0.57 2.01 -6.02
C CYS A 19 -0.54 1.51 -6.98
N ASP A 20 -1.41 2.43 -7.42
CA ASP A 20 -2.43 2.17 -8.44
C ASP A 20 -1.86 1.89 -9.85
N ASP A 21 -0.64 2.35 -10.14
CA ASP A 21 0.03 2.13 -11.44
C ASP A 21 0.72 0.76 -11.47
N CYS A 22 1.43 0.40 -10.38
CA CYS A 22 1.98 -0.92 -10.13
C CYS A 22 0.92 -1.82 -9.42
N PHE A 23 1.24 -2.13 -8.17
CA PHE A 23 0.62 -3.02 -7.18
C PHE A 23 1.52 -3.14 -5.91
N LYS A 24 2.78 -2.67 -6.01
CA LYS A 24 3.74 -2.41 -4.92
C LYS A 24 3.10 -1.75 -3.69
N TRP A 25 3.67 -2.01 -2.51
CA TRP A 25 3.26 -1.38 -1.25
C TRP A 25 4.32 -0.41 -0.70
N ARG A 26 3.88 0.59 0.08
CA ARG A 26 4.74 1.55 0.81
C ARG A 26 4.14 1.85 2.18
N ARG A 27 4.98 1.91 3.23
CA ARG A 27 4.59 2.27 4.60
C ARG A 27 4.45 3.79 4.73
N ILE A 28 3.32 4.26 5.25
CA ILE A 28 2.91 5.67 5.38
C ILE A 28 2.34 5.98 6.78
N PRO A 29 2.29 7.26 7.21
CA PRO A 29 1.50 7.65 8.36
C PRO A 29 -0.02 7.56 8.07
N ALA A 30 -0.79 7.27 9.12
CA ALA A 30 -2.26 7.25 9.11
C ALA A 30 -2.91 8.54 8.56
N SER A 31 -2.22 9.68 8.68
CA SER A 31 -2.65 10.98 8.15
C SER A 31 -2.81 10.96 6.62
N VAL A 32 -2.07 10.08 5.94
CA VAL A 32 -2.21 9.84 4.49
C VAL A 32 -3.20 8.69 4.23
N VAL A 33 -3.21 7.64 5.05
CA VAL A 33 -4.13 6.51 4.82
C VAL A 33 -5.60 6.90 5.02
N GLY A 34 -5.85 7.97 5.78
CA GLY A 34 -7.18 8.58 5.97
C GLY A 34 -7.59 9.54 4.83
N SER A 35 -6.63 10.03 4.06
CA SER A 35 -6.85 10.89 2.88
C SER A 35 -7.06 10.09 1.60
N ILE A 36 -6.26 9.03 1.40
CA ILE A 36 -6.32 8.10 0.26
C ILE A 36 -7.60 7.25 0.30
N ASP A 37 -8.25 7.09 -0.85
CA ASP A 37 -9.45 6.28 -1.07
C ASP A 37 -9.49 5.71 -2.50
N GLU A 38 -10.54 4.95 -2.84
CA GLU A 38 -10.81 4.53 -4.22
C GLU A 38 -11.21 5.68 -5.16
N SER A 39 -11.45 6.87 -4.61
CA SER A 39 -11.57 8.11 -5.38
C SER A 39 -10.21 8.81 -5.64
N SER A 40 -9.14 8.38 -4.96
CA SER A 40 -7.75 8.86 -5.12
C SER A 40 -6.98 8.09 -6.20
N ARG A 41 -5.78 8.57 -6.56
CA ARG A 41 -4.81 7.88 -7.44
C ARG A 41 -3.40 7.96 -6.83
N TRP A 42 -3.13 7.11 -5.82
CA TRP A 42 -1.83 7.09 -5.14
C TRP A 42 -0.84 6.20 -5.91
N ILE A 43 0.38 6.67 -6.15
CA ILE A 43 1.42 5.93 -6.88
C ILE A 43 2.83 6.16 -6.32
N CYS A 44 3.81 5.35 -6.72
CA CYS A 44 5.21 5.55 -6.34
C CYS A 44 5.72 7.00 -6.56
N MET A 45 5.37 7.66 -7.67
CA MET A 45 5.88 9.01 -7.97
C MET A 45 5.49 10.07 -6.92
N ASN A 46 4.39 9.84 -6.17
CA ASN A 46 3.90 10.70 -5.10
C ASN A 46 4.27 10.23 -3.67
N ASN A 47 5.05 9.16 -3.58
CA ASN A 47 5.52 8.56 -2.33
C ASN A 47 6.32 9.55 -1.46
N SER A 48 6.14 9.44 -0.15
CA SER A 48 6.85 10.21 0.88
C SER A 48 8.37 10.06 0.84
N ASP A 49 8.85 8.81 0.70
CA ASP A 49 10.27 8.44 0.75
C ASP A 49 10.90 8.45 -0.64
N LYS A 50 11.73 9.46 -0.91
CA LYS A 50 12.41 9.69 -2.19
C LYS A 50 13.31 8.53 -2.63
N ARG A 51 13.76 7.70 -1.68
CA ARG A 51 14.48 6.44 -1.89
C ARG A 51 13.67 5.34 -2.58
N PHE A 52 12.34 5.42 -2.50
CA PHE A 52 11.38 4.43 -3.05
C PHE A 52 10.27 5.05 -3.93
N ALA A 53 10.41 6.33 -4.29
CA ALA A 53 9.39 7.16 -4.94
C ALA A 53 9.42 7.09 -6.49
N ASP A 54 9.62 5.89 -7.02
CA ASP A 54 9.53 5.58 -8.45
C ASP A 54 8.91 4.21 -8.68
N CYS A 55 8.16 4.07 -9.76
CA CYS A 55 7.64 2.78 -10.23
C CYS A 55 8.79 1.77 -10.52
N SER A 56 10.01 2.26 -10.75
CA SER A 56 11.22 1.47 -10.97
C SER A 56 11.96 1.07 -9.67
N LYS A 57 11.68 1.76 -8.56
CA LYS A 57 12.30 1.50 -7.23
C LYS A 57 11.72 0.25 -6.54
N SER A 58 12.32 -0.09 -5.39
CA SER A 58 11.97 -1.24 -4.56
C SER A 58 10.91 -0.89 -3.49
N GLN A 59 10.83 -1.69 -2.43
CA GLN A 59 9.97 -1.54 -1.24
C GLN A 59 10.63 -2.19 -0.01
N GLU A 60 10.11 -1.95 1.20
CA GLU A 60 10.68 -2.56 2.43
C GLU A 60 10.55 -4.10 2.45
N MET A 61 9.42 -4.64 1.94
CA MET A 61 9.13 -6.07 1.84
C MET A 61 8.23 -6.36 0.63
N SER A 62 8.61 -7.33 -0.20
CA SER A 62 7.86 -7.73 -1.40
C SER A 62 6.46 -8.23 -1.07
N ASN A 63 5.59 -8.24 -2.09
CA ASN A 63 4.14 -8.38 -1.88
C ASN A 63 3.72 -9.72 -1.22
N GLU A 64 4.56 -10.76 -1.34
CA GLU A 64 4.42 -12.08 -0.68
C GLU A 64 5.05 -12.15 0.74
N GLU A 65 5.73 -11.09 1.17
CA GLU A 65 6.41 -10.96 2.48
C GLU A 65 5.76 -9.88 3.39
N ILE A 66 5.20 -8.80 2.83
CA ILE A 66 4.36 -7.86 3.60
C ILE A 66 3.07 -8.56 4.07
N ASN A 67 2.27 -9.13 3.18
CA ASN A 67 0.99 -9.79 3.52
C ASN A 67 1.10 -10.86 4.63
N GLU A 68 2.25 -11.51 4.75
CA GLU A 68 2.62 -12.43 5.84
C GLU A 68 2.78 -11.75 7.22
N GLU A 69 3.23 -10.49 7.26
CA GLU A 69 3.37 -9.71 8.51
C GLU A 69 2.01 -9.41 9.17
N LEU A 70 0.97 -9.21 8.35
CA LEU A 70 -0.42 -9.07 8.80
C LEU A 70 -1.12 -10.42 8.97
N GLY A 71 -0.84 -11.36 8.05
CA GLY A 71 -1.48 -12.68 7.96
C GLY A 71 -2.74 -12.67 7.07
N ILE A 72 -2.66 -12.01 5.90
CA ILE A 72 -3.80 -11.70 5.01
C ILE A 72 -3.67 -12.30 3.61
N GLY A 73 -4.80 -12.36 2.90
CA GLY A 73 -4.98 -13.05 1.61
C GLY A 73 -5.09 -12.12 0.40
N GLN A 74 -4.07 -11.28 0.17
CA GLN A 74 -4.02 -10.35 -0.97
C GLN A 74 -3.90 -11.07 -2.33
N ASP A 75 -4.12 -10.32 -3.41
CA ASP A 75 -3.89 -10.74 -4.81
C ASP A 75 -2.40 -10.82 -5.19
N GLU A 76 -1.58 -10.08 -4.45
CA GLU A 76 -0.13 -9.88 -4.57
C GLU A 76 0.32 -9.16 -5.86
N ALA A 77 -0.08 -9.63 -7.02
CA ALA A 77 0.24 -9.05 -8.33
C ALA A 77 -0.86 -9.35 -9.36
N ASP A 78 -0.81 -10.53 -9.99
CA ASP A 78 -1.74 -10.96 -11.05
C ASP A 78 -1.93 -9.90 -12.18
N ALA A 79 -0.88 -9.12 -12.45
CA ALA A 79 -0.84 -8.09 -13.50
C ALA A 79 -0.80 -8.67 -14.94
N ALA B 1 -6.75 2.08 -4.79
CA ALA B 1 -6.84 0.65 -4.41
C ALA B 1 -7.10 0.52 -2.91
N ARG B 2 -7.48 -0.68 -2.44
CA ARG B 2 -7.44 -1.04 -1.02
C ARG B 2 -6.00 -1.03 -0.47
N THR B 3 -5.87 -1.12 0.85
CA THR B 3 -4.60 -1.41 1.52
C THR B 3 -4.81 -2.04 2.91
N GLN B 5 -2.98 -2.34 7.43
CA GLN B 5 -2.21 -1.77 8.55
C GLN B 5 -1.55 -2.89 9.36
N THR B 6 -0.21 -2.92 9.36
CA THR B 6 0.61 -3.85 10.15
C THR B 6 0.58 -3.53 11.65
N ALA B 7 0.28 -4.55 12.46
CA ALA B 7 0.24 -4.49 13.93
C ALA B 7 1.58 -4.90 14.60
N ARG B 8 2.67 -4.91 13.83
CA ARG B 8 4.01 -5.41 14.20
C ARG B 8 5.07 -4.63 13.42
N TYR B 9 5.91 -3.92 14.16
CA TYR B 9 6.97 -3.00 13.70
C TYR B 9 6.43 -1.95 12.69
N GLY A 1 -8.81 -1.73 -12.76
CA GLY A 1 -7.66 -0.79 -12.71
C GLY A 1 -6.73 -1.14 -11.55
N SER A 2 -5.46 -1.41 -11.85
CA SER A 2 -4.45 -2.01 -10.95
C SER A 2 -4.78 -3.44 -10.49
N ARG A 3 -3.77 -4.16 -9.98
CA ARG A 3 -3.82 -5.61 -9.67
C ARG A 3 -4.38 -5.93 -8.27
N ARG A 4 -5.12 -4.98 -7.68
CA ARG A 4 -5.79 -5.10 -6.38
C ARG A 4 -6.79 -6.27 -6.33
N ALA A 5 -6.90 -6.89 -5.15
CA ALA A 5 -7.74 -8.04 -4.85
C ALA A 5 -8.20 -8.03 -3.38
N SER A 6 -9.23 -8.84 -3.06
CA SER A 6 -9.81 -9.04 -1.72
C SER A 6 -10.10 -7.72 -0.95
N VAL A 7 -9.94 -7.72 0.38
CA VAL A 7 -10.22 -6.58 1.28
C VAL A 7 -9.20 -6.49 2.41
N GLY A 8 -9.14 -5.31 3.05
CA GLY A 8 -8.34 -5.02 4.24
C GLY A 8 -9.23 -4.53 5.39
N SER A 9 -8.70 -3.57 6.14
CA SER A 9 -9.33 -2.92 7.31
C SER A 9 -8.70 -1.56 7.63
N GLU A 10 -9.34 -0.79 8.51
CA GLU A 10 -8.80 0.44 9.12
C GLU A 10 -9.24 0.58 10.58
N PHE A 11 -8.27 0.74 11.49
CA PHE A 11 -8.46 0.93 12.93
C PHE A 11 -7.38 1.84 13.55
N THR A 12 -6.09 1.47 13.40
CA THR A 12 -4.96 2.02 14.17
C THR A 12 -3.61 1.90 13.48
N GLU A 13 -2.66 2.73 13.94
CA GLU A 13 -1.24 2.80 13.54
C GLU A 13 -0.95 3.22 12.08
N SER A 14 0.25 3.76 11.84
CA SER A 14 0.82 4.00 10.51
C SER A 14 0.85 2.71 9.67
N ALA A 15 0.39 2.81 8.43
CA ALA A 15 -0.08 1.66 7.65
C ALA A 15 0.48 1.69 6.22
N TRP A 16 0.09 0.75 5.36
CA TRP A 16 0.57 0.72 3.99
C TRP A 16 -0.34 1.47 3.01
N VAL A 17 0.13 1.60 1.78
CA VAL A 17 -0.63 2.01 0.59
C VAL A 17 -0.07 1.29 -0.63
N ARG A 18 -0.95 0.94 -1.58
CA ARG A 18 -0.60 0.39 -2.90
C ARG A 18 -0.35 1.51 -3.91
N CYS A 19 0.56 1.33 -4.86
CA CYS A 19 0.57 2.11 -6.08
C CYS A 19 -0.64 1.73 -6.98
N ASP A 20 -1.52 2.69 -7.25
CA ASP A 20 -2.63 2.59 -8.20
C ASP A 20 -2.20 2.51 -9.69
N ASP A 21 -0.91 2.63 -10.00
CA ASP A 21 -0.37 2.40 -11.36
C ASP A 21 0.41 1.08 -11.48
N CYS A 22 1.03 0.63 -10.38
CA CYS A 22 1.64 -0.70 -10.22
C CYS A 22 0.69 -1.63 -9.41
N PHE A 23 1.17 -2.00 -8.22
CA PHE A 23 0.62 -2.84 -7.16
C PHE A 23 1.60 -2.94 -5.96
N LYS A 24 2.87 -2.49 -6.15
CA LYS A 24 3.89 -2.22 -5.11
C LYS A 24 3.31 -1.57 -3.85
N TRP A 25 3.91 -1.89 -2.70
CA TRP A 25 3.49 -1.39 -1.39
C TRP A 25 4.51 -0.41 -0.78
N ARG A 26 4.03 0.53 0.04
CA ARG A 26 4.84 1.52 0.78
C ARG A 26 4.21 1.78 2.15
N ARG A 27 5.02 1.83 3.20
CA ARG A 27 4.60 2.25 4.55
C ARG A 27 4.46 3.77 4.59
N ILE A 28 3.33 4.26 5.12
CA ILE A 28 2.97 5.68 5.25
C ILE A 28 2.37 5.98 6.64
N PRO A 29 2.39 7.23 7.12
CA PRO A 29 1.66 7.58 8.35
C PRO A 29 0.15 7.58 8.14
N ALA A 30 -0.59 7.19 9.19
CA ALA A 30 -2.06 7.14 9.21
C ALA A 30 -2.76 8.48 8.87
N SER A 31 -2.06 9.61 8.98
CA SER A 31 -2.52 10.93 8.50
C SER A 31 -2.80 10.94 6.99
N VAL A 32 -2.13 10.07 6.22
CA VAL A 32 -2.34 9.86 4.78
C VAL A 32 -3.25 8.67 4.50
N VAL A 33 -3.21 7.62 5.33
CA VAL A 33 -4.02 6.41 5.09
C VAL A 33 -5.53 6.70 5.11
N GLY A 34 -5.93 7.70 5.89
CA GLY A 34 -7.30 8.21 5.98
C GLY A 34 -7.69 9.20 4.86
N SER A 35 -6.70 9.74 4.14
CA SER A 35 -6.88 10.66 3.01
C SER A 35 -6.98 9.93 1.66
N ILE A 36 -6.29 8.80 1.50
CA ILE A 36 -6.26 8.03 0.25
C ILE A 36 -7.55 7.19 0.08
N ASP A 37 -8.36 7.55 -0.91
CA ASP A 37 -9.70 7.00 -1.21
C ASP A 37 -9.67 5.72 -2.08
N GLU A 38 -10.80 5.02 -2.21
CA GLU A 38 -10.94 3.84 -3.08
C GLU A 38 -10.80 4.17 -4.58
N SER A 39 -11.25 5.37 -4.97
CA SER A 39 -11.15 5.96 -6.32
C SER A 39 -9.90 6.85 -6.51
N SER A 40 -8.94 6.79 -5.57
CA SER A 40 -7.72 7.61 -5.58
C SER A 40 -6.72 7.20 -6.69
N ARG A 41 -5.60 7.94 -6.77
CA ARG A 41 -4.46 7.70 -7.65
C ARG A 41 -3.13 7.96 -6.95
N TRP A 42 -2.98 7.35 -5.76
CA TRP A 42 -1.71 7.32 -5.04
C TRP A 42 -0.74 6.40 -5.77
N ILE A 43 0.46 6.87 -6.10
CA ILE A 43 1.47 6.12 -6.86
C ILE A 43 2.89 6.35 -6.35
N CYS A 44 3.84 5.48 -6.75
CA CYS A 44 5.25 5.63 -6.42
C CYS A 44 5.80 7.06 -6.66
N MET A 45 5.47 7.72 -7.78
CA MET A 45 6.01 9.06 -8.10
C MET A 45 5.71 10.11 -7.02
N ASN A 46 4.56 9.96 -6.34
CA ASN A 46 4.07 10.85 -5.27
C ASN A 46 4.60 10.47 -3.87
N ASN A 47 5.23 9.29 -3.74
CA ASN A 47 5.65 8.69 -2.46
C ASN A 47 6.51 9.62 -1.60
N SER A 48 6.25 9.59 -0.29
CA SER A 48 6.96 10.34 0.75
C SER A 48 8.49 10.14 0.73
N ASP A 49 8.93 8.89 0.61
CA ASP A 49 10.34 8.48 0.64
C ASP A 49 10.97 8.49 -0.76
N LYS A 50 11.79 9.49 -1.03
CA LYS A 50 12.46 9.74 -2.33
C LYS A 50 13.33 8.57 -2.80
N ARG A 51 13.79 7.73 -1.85
CA ARG A 51 14.52 6.47 -2.11
C ARG A 51 13.67 5.39 -2.81
N PHE A 52 12.35 5.46 -2.68
CA PHE A 52 11.38 4.49 -3.24
C PHE A 52 10.30 5.13 -4.12
N ALA A 53 10.44 6.42 -4.43
CA ALA A 53 9.46 7.27 -5.10
C ALA A 53 9.55 7.25 -6.65
N ASP A 54 9.69 6.06 -7.22
CA ASP A 54 9.43 5.80 -8.63
C ASP A 54 8.88 4.39 -8.86
N CYS A 55 8.09 4.26 -9.92
CA CYS A 55 7.55 3.00 -10.39
C CYS A 55 8.66 1.98 -10.78
N SER A 56 9.91 2.45 -10.87
CA SER A 56 11.09 1.63 -11.13
C SER A 56 11.81 1.16 -9.85
N LYS A 57 11.53 1.80 -8.70
CA LYS A 57 12.16 1.48 -7.40
C LYS A 57 11.58 0.25 -6.72
N SER A 58 12.12 -0.09 -5.55
CA SER A 58 11.75 -1.25 -4.73
C SER A 58 10.72 -0.90 -3.63
N GLN A 59 10.65 -1.71 -2.57
CA GLN A 59 9.78 -1.57 -1.39
C GLN A 59 10.49 -2.08 -0.11
N GLU A 60 9.96 -1.79 1.08
CA GLU A 60 10.56 -2.28 2.35
C GLU A 60 10.49 -3.81 2.52
N MET A 61 9.44 -4.44 1.97
CA MET A 61 9.10 -5.86 2.16
C MET A 61 8.31 -6.37 0.95
N SER A 62 8.70 -7.50 0.36
CA SER A 62 8.03 -8.07 -0.82
C SER A 62 6.59 -8.47 -0.50
N ASN A 63 5.74 -8.65 -1.50
CA ASN A 63 4.30 -8.90 -1.26
C ASN A 63 4.06 -10.22 -0.48
N GLU A 64 4.93 -11.22 -0.64
CA GLU A 64 4.94 -12.47 0.13
C GLU A 64 5.42 -12.30 1.61
N GLU A 65 5.95 -11.13 1.96
CA GLU A 65 6.30 -10.73 3.32
C GLU A 65 5.26 -9.76 3.91
N ILE A 66 4.87 -8.71 3.18
CA ILE A 66 3.84 -7.73 3.61
C ILE A 66 2.38 -8.18 3.44
N ASN A 67 2.21 -9.45 3.15
CA ASN A 67 0.95 -10.16 3.39
C ASN A 67 1.00 -11.04 4.66
N GLU A 68 2.14 -11.67 4.94
CA GLU A 68 2.40 -12.49 6.13
C GLU A 68 2.46 -11.68 7.43
N GLU A 69 2.91 -10.42 7.39
CA GLU A 69 3.01 -9.56 8.58
C GLU A 69 1.63 -9.29 9.22
N LEU A 70 0.57 -9.27 8.40
CA LEU A 70 -0.82 -9.12 8.85
C LEU A 70 -1.57 -10.46 8.96
N GLY A 71 -1.19 -11.43 8.12
CA GLY A 71 -1.83 -12.76 8.03
C GLY A 71 -2.87 -12.86 6.92
N ILE A 72 -2.61 -12.22 5.78
CA ILE A 72 -3.49 -12.11 4.61
C ILE A 72 -2.83 -12.69 3.34
N GLY A 73 -3.59 -12.80 2.26
CA GLY A 73 -3.16 -13.43 1.00
C GLY A 73 -2.78 -12.46 -0.13
N GLN A 74 -3.54 -11.37 -0.30
CA GLN A 74 -3.48 -10.46 -1.46
C GLN A 74 -3.69 -11.18 -2.82
N ASP A 75 -3.30 -10.57 -3.95
CA ASP A 75 -3.51 -11.12 -5.30
C ASP A 75 -2.82 -12.47 -5.54
N GLU A 76 -1.66 -12.69 -4.92
CA GLU A 76 -0.94 -13.98 -4.93
C GLU A 76 -1.68 -15.09 -4.17
N ALA A 77 -2.49 -14.70 -3.18
CA ALA A 77 -3.48 -15.44 -2.39
C ALA A 77 -2.93 -16.52 -1.45
N ASP A 78 -2.00 -17.32 -1.94
CA ASP A 78 -1.38 -18.49 -1.27
C ASP A 78 -0.30 -18.09 -0.21
N ALA A 79 -0.54 -16.99 0.51
CA ALA A 79 0.35 -16.36 1.51
C ALA A 79 1.81 -16.17 1.01
N ALA B 1 -7.73 3.50 -0.66
CA ALA B 1 -7.35 2.51 -1.70
C ALA B 1 -7.25 1.11 -1.07
N ARG B 2 -7.36 0.02 -1.86
CA ARG B 2 -7.15 -1.35 -1.36
C ARG B 2 -5.72 -1.52 -0.84
N THR B 3 -5.59 -1.64 0.48
CA THR B 3 -4.30 -1.82 1.18
C THR B 3 -4.49 -2.50 2.55
N GLN B 5 -3.01 -2.66 7.10
CA GLN B 5 -2.51 -1.95 8.29
C GLN B 5 -1.84 -2.88 9.33
N THR B 6 -0.51 -2.97 9.26
CA THR B 6 0.32 -3.79 10.15
C THR B 6 0.28 -3.29 11.60
N ALA B 7 0.03 -4.20 12.55
CA ALA B 7 0.03 -3.95 14.00
C ALA B 7 1.46 -3.92 14.59
N ARG B 8 2.39 -3.32 13.86
CA ARG B 8 3.84 -3.27 14.10
C ARG B 8 4.41 -2.01 13.43
N TYR B 9 4.95 -1.08 14.22
CA TYR B 9 5.55 0.18 13.75
C TYR B 9 6.64 0.69 14.74
N GLY A 1 -15.67 -4.17 -11.69
CA GLY A 1 -14.82 -5.15 -10.98
C GLY A 1 -13.35 -4.74 -10.98
N SER A 2 -12.46 -5.67 -10.63
CA SER A 2 -11.00 -5.48 -10.58
C SER A 2 -10.23 -6.79 -10.78
N ARG A 3 -8.90 -6.72 -10.99
CA ARG A 3 -7.96 -7.86 -10.92
C ARG A 3 -7.31 -8.03 -9.54
N ARG A 4 -7.34 -7.00 -8.69
CA ARG A 4 -6.89 -7.04 -7.27
C ARG A 4 -8.07 -7.26 -6.31
N ALA A 5 -7.77 -7.60 -5.05
CA ALA A 5 -8.77 -7.82 -3.98
C ALA A 5 -9.46 -6.53 -3.51
N SER A 6 -10.50 -6.65 -2.66
CA SER A 6 -11.19 -5.53 -2.02
C SER A 6 -11.66 -5.85 -0.59
N VAL A 7 -11.88 -4.77 0.17
CA VAL A 7 -12.28 -4.77 1.60
C VAL A 7 -13.13 -3.54 1.95
N GLY A 8 -13.78 -3.57 3.11
CA GLY A 8 -14.56 -2.46 3.69
C GLY A 8 -14.04 -1.96 5.04
N SER A 9 -12.73 -2.05 5.23
CA SER A 9 -12.00 -1.76 6.47
C SER A 9 -11.95 -0.26 6.80
N GLU A 10 -11.86 0.03 8.09
CA GLU A 10 -11.59 1.35 8.66
C GLU A 10 -10.16 1.84 8.34
N PHE A 11 -9.93 3.14 8.44
CA PHE A 11 -8.64 3.80 8.17
C PHE A 11 -7.55 3.38 9.18
N THR A 12 -7.85 3.46 10.48
CA THR A 12 -7.01 2.96 11.60
C THR A 12 -5.63 3.68 11.70
N GLU A 13 -4.82 3.32 12.71
CA GLU A 13 -3.45 3.84 12.91
C GLU A 13 -2.48 3.44 11.76
N SER A 14 -1.28 4.05 11.73
CA SER A 14 -0.31 4.08 10.63
C SER A 14 -0.15 2.76 9.86
N ALA A 15 -0.16 2.87 8.53
CA ALA A 15 -0.58 1.79 7.63
C ALA A 15 0.27 1.71 6.37
N TRP A 16 -0.06 0.82 5.45
CA TRP A 16 0.53 0.80 4.11
C TRP A 16 -0.34 1.55 3.08
N VAL A 17 0.17 1.63 1.86
CA VAL A 17 -0.56 2.03 0.65
C VAL A 17 -0.03 1.27 -0.58
N ARG A 18 -0.93 0.85 -1.48
CA ARG A 18 -0.59 0.28 -2.79
C ARG A 18 -0.47 1.39 -3.83
N CYS A 19 0.43 1.24 -4.79
CA CYS A 19 0.39 1.99 -6.02
C CYS A 19 -0.86 1.63 -6.87
N ASP A 20 -1.64 2.64 -7.22
CA ASP A 20 -2.74 2.58 -8.18
C ASP A 20 -2.29 2.52 -9.65
N ASP A 21 -0.99 2.58 -9.94
CA ASP A 21 -0.43 2.51 -11.30
C ASP A 21 0.38 1.22 -11.53
N CYS A 22 0.99 0.67 -10.48
CA CYS A 22 1.44 -0.71 -10.40
C CYS A 22 0.73 -1.48 -9.26
N PHE A 23 1.49 -1.85 -8.23
CA PHE A 23 1.12 -2.75 -7.13
C PHE A 23 2.12 -2.83 -5.96
N LYS A 24 3.27 -2.15 -6.06
CA LYS A 24 4.24 -1.92 -4.98
C LYS A 24 3.59 -1.33 -3.73
N TRP A 25 4.14 -1.65 -2.56
CA TRP A 25 3.66 -1.19 -1.27
C TRP A 25 4.65 -0.22 -0.59
N ARG A 26 4.12 0.70 0.24
CA ARG A 26 4.89 1.66 1.05
C ARG A 26 4.21 1.88 2.40
N ARG A 27 4.97 1.91 3.50
CA ARG A 27 4.48 2.26 4.84
C ARG A 27 4.37 3.79 5.00
N ILE A 28 3.21 4.26 5.46
CA ILE A 28 2.84 5.69 5.62
C ILE A 28 2.15 5.95 6.98
N PRO A 29 2.20 7.18 7.52
CA PRO A 29 1.42 7.54 8.71
C PRO A 29 -0.07 7.69 8.42
N ALA A 30 -0.91 7.36 9.43
CA ALA A 30 -2.37 7.48 9.39
C ALA A 30 -2.91 8.84 8.92
N SER A 31 -2.14 9.93 9.09
CA SER A 31 -2.44 11.26 8.58
C SER A 31 -2.65 11.28 7.05
N VAL A 32 -2.02 10.35 6.34
CA VAL A 32 -2.22 10.11 4.89
C VAL A 32 -3.20 8.96 4.63
N VAL A 33 -3.21 7.92 5.45
CA VAL A 33 -4.09 6.75 5.26
C VAL A 33 -5.58 7.12 5.26
N GLY A 34 -5.93 8.18 5.99
CA GLY A 34 -7.28 8.74 6.10
C GLY A 34 -7.72 9.57 4.87
N SER A 35 -6.77 10.03 4.05
CA SER A 35 -7.03 10.73 2.78
C SER A 35 -7.11 9.76 1.59
N ILE A 36 -6.25 8.74 1.58
CA ILE A 36 -6.19 7.68 0.55
C ILE A 36 -7.38 6.73 0.69
N ASP A 37 -7.89 6.25 -0.46
CA ASP A 37 -9.07 5.37 -0.59
C ASP A 37 -9.06 4.66 -1.94
N GLU A 38 -10.06 3.82 -2.21
CA GLU A 38 -10.33 3.25 -3.54
C GLU A 38 -10.69 4.32 -4.60
N SER A 39 -11.17 5.49 -4.17
CA SER A 39 -11.42 6.65 -5.05
C SER A 39 -10.17 7.51 -5.33
N SER A 40 -9.09 7.29 -4.56
CA SER A 40 -7.80 8.00 -4.73
C SER A 40 -6.94 7.40 -5.86
N ARG A 41 -5.83 8.07 -6.19
CA ARG A 41 -4.81 7.65 -7.17
C ARG A 41 -3.41 7.85 -6.58
N TRP A 42 -3.12 7.14 -5.48
CA TRP A 42 -1.80 7.14 -4.84
C TRP A 42 -0.82 6.31 -5.69
N ILE A 43 0.34 6.87 -6.02
CA ILE A 43 1.35 6.17 -6.84
C ILE A 43 2.78 6.41 -6.34
N CYS A 44 3.71 5.56 -6.77
CA CYS A 44 5.13 5.68 -6.48
C CYS A 44 5.70 7.10 -6.76
N MET A 45 5.35 7.74 -7.88
CA MET A 45 5.92 9.06 -8.22
C MET A 45 5.51 10.18 -7.23
N ASN A 46 4.41 9.97 -6.49
CA ASN A 46 3.91 10.84 -5.43
C ASN A 46 4.51 10.51 -4.04
N ASN A 47 5.18 9.36 -3.89
CA ASN A 47 5.68 8.83 -2.62
C ASN A 47 6.59 9.83 -1.86
N SER A 48 6.39 9.89 -0.55
CA SER A 48 7.19 10.69 0.39
C SER A 48 8.69 10.43 0.31
N ASP A 49 9.07 9.16 0.25
CA ASP A 49 10.47 8.71 0.29
C ASP A 49 11.06 8.59 -1.12
N LYS A 50 11.89 9.56 -1.50
CA LYS A 50 12.53 9.67 -2.83
C LYS A 50 13.39 8.45 -3.20
N ARG A 51 13.85 7.71 -2.19
CA ARG A 51 14.56 6.41 -2.32
C ARG A 51 13.70 5.28 -2.88
N PHE A 52 12.37 5.37 -2.72
CA PHE A 52 11.39 4.35 -3.12
C PHE A 52 10.28 4.87 -4.07
N ALA A 53 10.39 6.13 -4.50
CA ALA A 53 9.41 6.90 -5.25
C ALA A 53 9.45 6.67 -6.78
N ASP A 54 9.57 5.41 -7.19
CA ASP A 54 9.27 4.96 -8.56
C ASP A 54 8.67 3.55 -8.58
N CYS A 55 7.90 3.26 -9.63
CA CYS A 55 7.49 1.92 -10.02
C CYS A 55 8.71 0.99 -10.27
N SER A 56 9.90 1.58 -10.51
CA SER A 56 11.16 0.84 -10.72
C SER A 56 11.99 0.66 -9.44
N LYS A 57 11.69 1.42 -8.37
CA LYS A 57 12.34 1.30 -7.06
C LYS A 57 11.82 0.11 -6.24
N SER A 58 12.54 -0.18 -5.16
CA SER A 58 12.26 -1.28 -4.24
C SER A 58 11.17 -0.92 -3.19
N GLN A 59 11.06 -1.72 -2.13
CA GLN A 59 10.15 -1.58 -0.99
C GLN A 59 10.74 -2.25 0.27
N GLU A 60 10.15 -2.02 1.46
CA GLU A 60 10.68 -2.61 2.71
C GLU A 60 10.50 -4.14 2.75
N MET A 61 9.42 -4.67 2.17
CA MET A 61 9.13 -6.12 2.07
C MET A 61 8.30 -6.42 0.82
N SER A 62 8.72 -7.40 0.02
CA SER A 62 8.07 -7.76 -1.26
C SER A 62 6.66 -8.31 -1.05
N ASN A 63 5.85 -8.33 -2.10
CA ASN A 63 4.37 -8.51 -2.00
C ASN A 63 3.92 -9.86 -1.43
N GLU A 64 4.81 -10.87 -1.38
CA GLU A 64 4.61 -12.18 -0.75
C GLU A 64 5.18 -12.28 0.70
N GLU A 65 5.85 -11.23 1.19
CA GLU A 65 6.43 -11.11 2.54
C GLU A 65 5.75 -10.02 3.40
N ILE A 66 5.28 -8.92 2.83
CA ILE A 66 4.46 -7.93 3.58
C ILE A 66 3.13 -8.55 4.03
N ASN A 67 2.34 -9.08 3.10
CA ASN A 67 1.03 -9.71 3.38
C ASN A 67 1.08 -10.77 4.50
N GLU A 68 2.19 -11.48 4.65
CA GLU A 68 2.49 -12.41 5.75
C GLU A 68 2.61 -11.73 7.13
N GLU A 69 3.08 -10.49 7.20
CA GLU A 69 3.13 -9.68 8.43
C GLU A 69 1.72 -9.37 8.96
N LEU A 70 0.78 -9.06 8.06
CA LEU A 70 -0.65 -8.91 8.37
C LEU A 70 -1.36 -10.27 8.57
N GLY A 71 -0.81 -11.33 7.99
CA GLY A 71 -1.27 -12.73 8.11
C GLY A 71 -2.31 -13.15 7.08
N ILE A 72 -2.23 -12.62 5.86
CA ILE A 72 -3.27 -12.66 4.82
C ILE A 72 -2.69 -12.92 3.40
N GLY A 73 -3.58 -13.14 2.43
CA GLY A 73 -3.22 -13.45 1.04
C GLY A 73 -2.90 -12.22 0.19
N GLN A 74 -3.73 -11.17 0.30
CA GLN A 74 -3.58 -9.85 -0.34
C GLN A 74 -3.63 -9.81 -1.87
N ASP A 75 -2.50 -10.20 -2.44
CA ASP A 75 -1.94 -9.68 -3.68
C ASP A 75 -0.90 -10.63 -4.30
N GLU A 76 0.04 -11.13 -3.50
CA GLU A 76 1.19 -12.00 -3.84
C GLU A 76 2.22 -11.38 -4.80
N ALA A 77 1.76 -10.84 -5.92
CA ALA A 77 2.55 -10.14 -6.95
C ALA A 77 1.72 -9.15 -7.77
N ASP A 78 0.56 -9.57 -8.29
CA ASP A 78 -0.28 -8.85 -9.27
C ASP A 78 0.45 -8.44 -10.58
N ALA A 79 1.66 -8.97 -10.81
CA ALA A 79 2.48 -8.78 -12.01
C ALA A 79 1.90 -9.47 -13.28
N ALA B 1 -5.99 3.27 -3.61
CA ALA B 1 -5.99 1.78 -3.51
C ALA B 1 -6.74 1.30 -2.26
N ARG B 2 -7.11 0.00 -2.22
CA ARG B 2 -7.78 -0.65 -1.05
C ARG B 2 -6.93 -0.67 0.22
N THR B 3 -5.69 -1.15 0.07
CA THR B 3 -4.63 -1.33 1.09
C THR B 3 -5.08 -1.91 2.45
N GLN B 5 -3.33 -2.28 7.10
CA GLN B 5 -2.45 -1.78 8.16
C GLN B 5 -1.87 -2.90 9.05
N THR B 6 -0.54 -2.98 9.13
CA THR B 6 0.20 -3.90 10.00
C THR B 6 -0.02 -3.58 11.48
N ALA B 7 -0.41 -4.59 12.26
CA ALA B 7 -0.66 -4.48 13.70
C ALA B 7 0.60 -4.58 14.58
N ARG B 8 1.73 -5.05 14.03
CA ARG B 8 3.01 -5.29 14.72
C ARG B 8 3.84 -4.01 14.88
N TYR B 9 3.22 -2.99 15.47
CA TYR B 9 3.71 -1.60 15.52
C TYR B 9 3.27 -0.86 16.80
N GLY A 1 -10.90 -6.39 -14.70
CA GLY A 1 -9.96 -6.87 -13.66
C GLY A 1 -10.59 -7.88 -12.72
N SER A 2 -9.77 -8.67 -12.03
CA SER A 2 -10.20 -9.74 -11.10
C SER A 2 -9.13 -10.03 -10.03
N ARG A 3 -9.52 -10.72 -8.95
CA ARG A 3 -8.69 -11.22 -7.83
C ARG A 3 -7.96 -10.17 -6.97
N ARG A 4 -7.87 -8.91 -7.39
CA ARG A 4 -7.27 -7.80 -6.62
C ARG A 4 -8.00 -7.51 -5.30
N ALA A 5 -9.33 -7.68 -5.31
CA ALA A 5 -10.27 -7.23 -4.28
C ALA A 5 -10.23 -5.70 -4.04
N SER A 6 -11.04 -5.19 -3.11
CA SER A 6 -11.13 -3.76 -2.77
C SER A 6 -11.52 -3.49 -1.32
N VAL A 7 -11.21 -2.27 -0.88
CA VAL A 7 -11.55 -1.67 0.41
C VAL A 7 -11.48 -0.13 0.29
N GLY A 8 -12.16 0.59 1.18
CA GLY A 8 -12.23 2.06 1.22
C GLY A 8 -10.98 2.71 1.82
N SER A 9 -11.19 3.52 2.87
CA SER A 9 -10.14 4.19 3.65
C SER A 9 -10.57 4.43 5.11
N GLU A 10 -9.61 4.49 6.01
CA GLU A 10 -9.74 4.72 7.46
C GLU A 10 -8.40 5.20 8.04
N PHE A 11 -8.34 5.61 9.32
CA PHE A 11 -7.09 5.98 9.98
C PHE A 11 -6.44 4.78 10.71
N THR A 12 -6.83 4.51 11.96
CA THR A 12 -6.15 3.53 12.86
C THR A 12 -4.66 3.91 13.05
N GLU A 13 -3.77 2.93 13.25
CA GLU A 13 -2.31 3.10 13.34
C GLU A 13 -1.58 2.75 12.02
N SER A 14 -0.25 2.96 11.97
CA SER A 14 0.58 2.96 10.75
C SER A 14 0.37 1.78 9.80
N ALA A 15 0.42 2.08 8.50
CA ALA A 15 -0.21 1.28 7.46
C ALA A 15 0.63 1.19 6.16
N TRP A 16 0.07 0.54 5.14
CA TRP A 16 0.61 0.53 3.79
C TRP A 16 -0.31 1.25 2.80
N VAL A 17 0.20 1.43 1.58
CA VAL A 17 -0.57 1.87 0.41
C VAL A 17 -0.03 1.20 -0.85
N ARG A 18 -0.94 0.82 -1.77
CA ARG A 18 -0.60 0.26 -3.09
C ARG A 18 -0.43 1.39 -4.10
N CYS A 19 0.54 1.29 -5.02
CA CYS A 19 0.54 2.10 -6.23
C CYS A 19 -0.59 1.62 -7.17
N ASP A 20 -1.60 2.47 -7.42
CA ASP A 20 -2.62 2.20 -8.44
C ASP A 20 -2.08 2.15 -9.87
N ASP A 21 -0.89 2.69 -10.13
CA ASP A 21 -0.23 2.62 -11.45
C ASP A 21 0.68 1.38 -11.61
N CYS A 22 1.05 0.72 -10.51
CA CYS A 22 1.71 -0.58 -10.46
C CYS A 22 0.78 -1.64 -9.78
N PHE A 23 1.15 -1.93 -8.53
CA PHE A 23 0.68 -2.95 -7.58
C PHE A 23 1.63 -3.00 -6.35
N LYS A 24 2.84 -2.43 -6.48
CA LYS A 24 3.86 -2.20 -5.44
C LYS A 24 3.28 -1.59 -4.16
N TRP A 25 3.93 -1.85 -3.02
CA TRP A 25 3.50 -1.39 -1.70
C TRP A 25 4.49 -0.39 -1.09
N ARG A 26 4.01 0.50 -0.19
CA ARG A 26 4.84 1.45 0.56
C ARG A 26 4.32 1.67 1.97
N ARG A 27 5.24 1.75 2.94
CA ARG A 27 4.99 1.95 4.37
C ARG A 27 4.72 3.44 4.67
N ILE A 28 3.56 3.74 5.25
CA ILE A 28 3.10 5.12 5.53
C ILE A 28 2.55 5.27 6.97
N PRO A 29 2.54 6.48 7.54
CA PRO A 29 1.72 6.78 8.70
C PRO A 29 0.23 6.76 8.34
N ALA A 30 -0.62 6.41 9.30
CA ALA A 30 -2.08 6.43 9.16
C ALA A 30 -2.67 7.80 8.77
N SER A 31 -1.95 8.89 9.05
CA SER A 31 -2.29 10.25 8.64
C SER A 31 -2.39 10.38 7.11
N VAL A 32 -1.65 9.56 6.36
CA VAL A 32 -1.76 9.45 4.89
C VAL A 32 -2.83 8.45 4.51
N VAL A 33 -2.94 7.31 5.19
CA VAL A 33 -3.90 6.26 4.78
C VAL A 33 -5.37 6.67 4.98
N GLY A 34 -5.59 7.68 5.83
CA GLY A 34 -6.90 8.33 6.02
C GLY A 34 -7.13 9.57 5.14
N SER A 35 -6.05 10.16 4.60
CA SER A 35 -6.11 11.28 3.64
C SER A 35 -6.30 10.80 2.19
N ILE A 36 -5.72 9.64 1.84
CA ILE A 36 -5.99 8.88 0.62
C ILE A 36 -7.43 8.33 0.71
N ASP A 37 -8.27 8.64 -0.27
CA ASP A 37 -9.67 8.15 -0.36
C ASP A 37 -9.76 6.78 -1.04
N GLU A 38 -10.97 6.19 -1.06
CA GLU A 38 -11.27 4.93 -1.77
C GLU A 38 -10.84 4.97 -3.24
N SER A 39 -11.08 6.10 -3.92
CA SER A 39 -10.80 6.33 -5.34
C SER A 39 -9.46 7.07 -5.61
N SER A 40 -8.71 7.47 -4.59
CA SER A 40 -7.44 8.21 -4.77
C SER A 40 -6.35 7.34 -5.42
N ARG A 41 -5.85 7.80 -6.57
CA ARG A 41 -4.67 7.21 -7.26
C ARG A 41 -3.37 7.62 -6.57
N TRP A 42 -3.09 7.02 -5.42
CA TRP A 42 -1.76 7.05 -4.82
C TRP A 42 -0.82 6.19 -5.68
N ILE A 43 0.35 6.72 -6.04
CA ILE A 43 1.34 6.05 -6.89
C ILE A 43 2.78 6.30 -6.39
N CYS A 44 3.74 5.50 -6.85
CA CYS A 44 5.16 5.70 -6.55
C CYS A 44 5.64 7.14 -6.79
N MET A 45 5.29 7.78 -7.92
CA MET A 45 5.81 9.12 -8.26
C MET A 45 5.29 10.23 -7.32
N ASN A 46 4.25 9.95 -6.52
CA ASN A 46 3.71 10.81 -5.47
C ASN A 46 4.31 10.54 -4.07
N ASN A 47 5.03 9.42 -3.90
CA ASN A 47 5.56 8.94 -2.62
C ASN A 47 6.41 9.99 -1.89
N SER A 48 6.16 10.13 -0.60
CA SER A 48 6.95 10.94 0.35
C SER A 48 8.43 10.56 0.40
N ASP A 49 8.72 9.26 0.40
CA ASP A 49 10.08 8.72 0.53
C ASP A 49 10.79 8.65 -0.83
N LYS A 50 11.65 9.64 -1.09
CA LYS A 50 12.36 9.85 -2.36
C LYS A 50 13.28 8.69 -2.77
N ARG A 51 13.62 7.82 -1.80
CA ARG A 51 14.35 6.55 -1.99
C ARG A 51 13.55 5.47 -2.74
N PHE A 52 12.22 5.56 -2.69
CA PHE A 52 11.27 4.59 -3.26
C PHE A 52 10.14 5.27 -4.08
N ALA A 53 10.35 6.50 -4.55
CA ALA A 53 9.36 7.36 -5.20
C ALA A 53 9.38 7.31 -6.75
N ASP A 54 9.57 6.12 -7.30
CA ASP A 54 9.46 5.82 -8.73
C ASP A 54 8.82 4.47 -8.97
N CYS A 55 8.06 4.35 -10.05
CA CYS A 55 7.49 3.09 -10.51
C CYS A 55 8.59 2.02 -10.80
N SER A 56 9.84 2.46 -11.00
CA SER A 56 11.02 1.62 -11.20
C SER A 56 11.71 1.16 -9.90
N LYS A 57 11.45 1.85 -8.77
CA LYS A 57 12.03 1.53 -7.44
C LYS A 57 11.40 0.31 -6.76
N SER A 58 11.85 -0.02 -5.55
CA SER A 58 11.45 -1.19 -4.76
C SER A 58 10.54 -0.81 -3.56
N GLN A 59 10.51 -1.64 -2.51
CA GLN A 59 9.81 -1.42 -1.23
C GLN A 59 10.58 -2.02 -0.03
N GLU A 60 10.19 -1.68 1.20
CA GLU A 60 10.87 -2.13 2.44
C GLU A 60 10.92 -3.66 2.60
N MET A 61 9.86 -4.36 2.18
CA MET A 61 9.68 -5.81 2.32
C MET A 61 8.79 -6.33 1.18
N SER A 62 9.18 -7.42 0.51
CA SER A 62 8.41 -7.99 -0.63
C SER A 62 6.99 -8.38 -0.22
N ASN A 63 6.08 -8.47 -1.18
CA ASN A 63 4.64 -8.65 -0.91
C ASN A 63 4.37 -9.90 -0.04
N GLU A 64 5.13 -10.98 -0.28
CA GLU A 64 5.10 -12.23 0.49
C GLU A 64 5.49 -12.08 1.97
N GLU A 65 6.31 -11.08 2.32
CA GLU A 65 6.75 -10.77 3.69
C GLU A 65 5.76 -9.83 4.40
N ILE A 66 5.35 -8.72 3.76
CA ILE A 66 4.32 -7.82 4.30
C ILE A 66 2.98 -8.55 4.53
N ASN A 67 2.39 -9.20 3.53
CA ASN A 67 1.06 -9.83 3.67
C ASN A 67 0.98 -10.89 4.79
N GLU A 68 2.12 -11.49 5.17
CA GLU A 68 2.28 -12.37 6.33
C GLU A 68 2.16 -11.63 7.69
N GLU A 69 2.59 -10.38 7.78
CA GLU A 69 2.58 -9.57 9.01
C GLU A 69 1.15 -9.32 9.53
N LEU A 70 0.22 -9.03 8.62
CA LEU A 70 -1.21 -8.89 8.93
C LEU A 70 -1.95 -10.24 8.86
N GLY A 71 -1.45 -11.17 8.04
CA GLY A 71 -2.01 -12.51 7.83
C GLY A 71 -3.17 -12.53 6.83
N ILE A 72 -2.96 -11.95 5.64
CA ILE A 72 -4.00 -11.59 4.66
C ILE A 72 -3.70 -12.06 3.22
N GLY A 73 -4.73 -12.04 2.38
CA GLY A 73 -4.79 -12.74 1.08
C GLY A 73 -4.41 -11.96 -0.17
N GLN A 74 -3.31 -11.19 -0.15
CA GLN A 74 -2.70 -10.73 -1.43
C GLN A 74 -2.28 -11.93 -2.31
N ASP A 75 -2.19 -11.68 -3.61
CA ASP A 75 -1.92 -12.66 -4.67
C ASP A 75 -0.42 -12.96 -4.88
N GLU A 76 0.41 -12.37 -4.03
CA GLU A 76 1.88 -12.41 -3.98
C GLU A 76 2.57 -11.72 -5.17
N ALA A 77 2.21 -12.12 -6.38
CA ALA A 77 2.59 -11.43 -7.62
C ALA A 77 1.79 -10.14 -7.83
N ASP A 78 0.47 -10.23 -7.62
CA ASP A 78 -0.54 -9.17 -7.80
C ASP A 78 -0.66 -8.56 -9.22
N ALA A 79 0.15 -9.02 -10.17
CA ALA A 79 0.18 -8.63 -11.58
C ALA A 79 0.62 -9.78 -12.51
N ALA B 1 -7.89 3.77 -0.45
CA ALA B 1 -7.56 2.93 -1.63
C ALA B 1 -7.36 1.47 -1.20
N ARG B 2 -7.45 0.50 -2.12
CA ARG B 2 -7.20 -0.92 -1.84
C ARG B 2 -5.78 -1.15 -1.30
N THR B 3 -5.66 -1.61 -0.06
CA THR B 3 -4.38 -1.97 0.59
C THR B 3 -4.58 -2.65 1.97
N GLN B 5 -3.32 -2.48 6.49
CA GLN B 5 -2.93 -1.61 7.61
C GLN B 5 -2.42 -2.37 8.85
N THR B 6 -1.09 -2.38 9.00
CA THR B 6 -0.35 -3.22 9.97
C THR B 6 -0.65 -2.93 11.43
N ALA B 7 -0.76 -1.66 11.82
CA ALA B 7 -0.89 -1.20 13.22
C ALA B 7 0.22 -1.75 14.16
N ARG B 8 1.38 -2.06 13.58
CA ARG B 8 2.53 -2.79 14.15
C ARG B 8 3.79 -2.29 13.45
N TYR B 9 4.68 -1.64 14.19
CA TYR B 9 5.92 -1.02 13.69
C TYR B 9 7.03 -0.93 14.77
N GLY A 1 -16.28 1.21 -5.53
CA GLY A 1 -15.96 0.14 -6.49
C GLY A 1 -14.46 0.02 -6.69
N SER A 2 -13.81 -0.83 -5.90
CA SER A 2 -12.35 -1.06 -5.93
C SER A 2 -11.88 -2.00 -7.07
N ARG A 3 -10.57 -1.97 -7.35
CA ARG A 3 -9.85 -2.92 -8.21
C ARG A 3 -9.65 -4.29 -7.54
N ARG A 4 -9.55 -4.34 -6.20
CA ARG A 4 -9.28 -5.55 -5.38
C ARG A 4 -10.04 -5.64 -4.03
N ALA A 5 -10.54 -4.51 -3.53
CA ALA A 5 -11.48 -4.33 -2.42
C ALA A 5 -11.02 -4.66 -0.98
N SER A 6 -11.56 -3.89 -0.03
CA SER A 6 -11.38 -3.99 1.42
C SER A 6 -12.52 -3.28 2.17
N VAL A 7 -12.23 -2.11 2.71
CA VAL A 7 -13.11 -1.20 3.48
C VAL A 7 -12.87 0.28 3.12
N GLY A 8 -13.79 1.14 3.54
CA GLY A 8 -13.68 2.60 3.48
C GLY A 8 -12.69 3.09 4.54
N SER A 9 -11.46 3.29 4.10
CA SER A 9 -10.26 3.57 4.90
C SER A 9 -10.43 4.67 5.96
N GLU A 10 -9.80 4.44 7.12
CA GLU A 10 -9.69 5.36 8.25
C GLU A 10 -8.24 5.45 8.76
N PHE A 11 -7.91 6.49 9.53
CA PHE A 11 -6.53 6.84 9.92
C PHE A 11 -5.77 5.68 10.59
N THR A 12 -6.37 5.02 11.59
CA THR A 12 -5.78 3.83 12.28
C THR A 12 -4.36 4.16 12.85
N GLU A 13 -3.52 3.16 13.13
CA GLU A 13 -2.06 3.32 13.28
C GLU A 13 -1.36 3.41 11.90
N SER A 14 -0.03 3.68 11.85
CA SER A 14 0.72 3.74 10.59
C SER A 14 0.58 2.45 9.76
N ALA A 15 0.40 2.60 8.44
CA ALA A 15 -0.17 1.56 7.58
C ALA A 15 0.49 1.55 6.19
N TRP A 16 0.12 0.61 5.32
CA TRP A 16 0.58 0.59 3.92
C TRP A 16 -0.33 1.39 2.98
N VAL A 17 0.09 1.49 1.72
CA VAL A 17 -0.72 1.93 0.57
C VAL A 17 -0.23 1.26 -0.72
N ARG A 18 -1.14 0.93 -1.64
CA ARG A 18 -0.80 0.38 -2.98
C ARG A 18 -0.53 1.50 -3.99
N CYS A 19 0.40 1.30 -4.90
CA CYS A 19 0.51 2.05 -6.14
C CYS A 19 -0.54 1.59 -7.17
N ASP A 20 -1.35 2.52 -7.65
CA ASP A 20 -2.29 2.28 -8.76
C ASP A 20 -1.68 2.39 -10.17
N ASP A 21 -0.45 2.88 -10.32
CA ASP A 21 0.26 2.94 -11.61
C ASP A 21 1.00 1.62 -11.93
N CYS A 22 1.47 0.92 -10.87
CA CYS A 22 1.88 -0.47 -10.92
C CYS A 22 1.01 -1.35 -9.98
N PHE A 23 1.55 -1.67 -8.81
CA PHE A 23 0.96 -2.54 -7.76
C PHE A 23 1.74 -2.55 -6.42
N LYS A 24 2.97 -2.00 -6.40
CA LYS A 24 3.90 -1.94 -5.26
C LYS A 24 3.28 -1.39 -3.96
N TRP A 25 3.90 -1.72 -2.83
CA TRP A 25 3.48 -1.26 -1.51
C TRP A 25 4.50 -0.33 -0.85
N ARG A 26 4.02 0.59 0.01
CA ARG A 26 4.82 1.53 0.81
C ARG A 26 4.19 1.74 2.18
N ARG A 27 5.00 1.75 3.25
CA ARG A 27 4.58 2.03 4.65
C ARG A 27 4.55 3.54 4.89
N ILE A 28 3.34 4.08 5.07
CA ILE A 28 3.02 5.50 5.27
C ILE A 28 2.49 5.76 6.70
N PRO A 29 2.53 7.01 7.19
CA PRO A 29 1.81 7.36 8.40
C PRO A 29 0.30 7.38 8.19
N ALA A 30 -0.43 7.08 9.26
CA ALA A 30 -1.89 7.17 9.37
C ALA A 30 -2.50 8.48 8.83
N SER A 31 -1.79 9.60 8.98
CA SER A 31 -2.20 10.92 8.48
C SER A 31 -2.44 10.95 6.97
N VAL A 32 -1.75 10.08 6.22
CA VAL A 32 -1.96 9.88 4.78
C VAL A 32 -2.93 8.73 4.52
N VAL A 33 -2.91 7.65 5.31
CA VAL A 33 -3.83 6.52 5.07
C VAL A 33 -5.31 6.88 5.30
N GLY A 34 -5.56 7.92 6.09
CA GLY A 34 -6.90 8.51 6.30
C GLY A 34 -7.33 9.52 5.23
N SER A 35 -6.38 10.07 4.46
CA SER A 35 -6.63 10.93 3.30
C SER A 35 -6.88 10.11 2.01
N ILE A 36 -6.09 9.06 1.83
CA ILE A 36 -6.28 8.00 0.82
C ILE A 36 -7.56 7.19 1.17
N ASP A 37 -8.14 6.53 0.17
CA ASP A 37 -9.39 5.76 0.28
C ASP A 37 -9.41 4.59 -0.71
N GLU A 38 -10.44 3.75 -0.60
CA GLU A 38 -10.81 2.73 -1.58
C GLU A 38 -10.86 3.31 -3.01
N SER A 39 -11.40 4.53 -3.16
CA SER A 39 -11.62 5.21 -4.44
C SER A 39 -10.43 6.04 -4.94
N SER A 40 -9.46 6.37 -4.08
CA SER A 40 -8.29 7.19 -4.43
C SER A 40 -7.26 6.41 -5.26
N ARG A 41 -6.40 7.14 -5.99
CA ARG A 41 -5.33 6.61 -6.85
C ARG A 41 -3.96 7.14 -6.41
N TRP A 42 -3.41 6.53 -5.37
CA TRP A 42 -2.06 6.80 -4.86
C TRP A 42 -1.01 6.10 -5.74
N ILE A 43 0.16 6.72 -6.00
CA ILE A 43 1.21 6.13 -6.86
C ILE A 43 2.64 6.38 -6.34
N CYS A 44 3.61 5.58 -6.81
CA CYS A 44 5.02 5.76 -6.52
C CYS A 44 5.52 7.21 -6.76
N MET A 45 5.16 7.89 -7.86
CA MET A 45 5.71 9.22 -8.18
C MET A 45 5.29 10.30 -7.14
N ASN A 46 4.20 10.05 -6.42
CA ASN A 46 3.69 10.89 -5.32
C ASN A 46 4.30 10.54 -3.94
N ASN A 47 5.00 9.41 -3.83
CA ASN A 47 5.52 8.85 -2.58
C ASN A 47 6.37 9.85 -1.77
N SER A 48 6.17 9.85 -0.46
CA SER A 48 6.93 10.65 0.51
C SER A 48 8.44 10.44 0.44
N ASP A 49 8.87 9.17 0.33
CA ASP A 49 10.27 8.75 0.37
C ASP A 49 10.88 8.70 -1.05
N LYS A 50 11.71 9.69 -1.37
CA LYS A 50 12.38 9.84 -2.68
C LYS A 50 13.24 8.63 -3.07
N ARG A 51 13.71 7.86 -2.09
CA ARG A 51 14.41 6.57 -2.24
C ARG A 51 13.55 5.46 -2.87
N PHE A 52 12.22 5.56 -2.75
CA PHE A 52 11.24 4.57 -3.22
C PHE A 52 10.13 5.16 -4.13
N ALA A 53 10.28 6.40 -4.55
CA ALA A 53 9.30 7.21 -5.28
C ALA A 53 9.35 7.04 -6.82
N ASP A 54 9.51 5.81 -7.29
CA ASP A 54 9.27 5.43 -8.69
C ASP A 54 8.76 4.00 -8.79
N CYS A 55 7.98 3.70 -9.83
CA CYS A 55 7.64 2.34 -10.25
C CYS A 55 8.90 1.49 -10.55
N SER A 56 10.08 2.12 -10.72
CA SER A 56 11.36 1.44 -10.96
C SER A 56 12.14 1.15 -9.67
N LYS A 57 11.81 1.83 -8.56
CA LYS A 57 12.43 1.61 -7.25
C LYS A 57 11.92 0.34 -6.54
N SER A 58 12.46 0.05 -5.35
CA SER A 58 12.14 -1.13 -4.53
C SER A 58 11.04 -0.83 -3.47
N GLN A 59 10.95 -1.64 -2.42
CA GLN A 59 10.07 -1.51 -1.25
C GLN A 59 10.75 -2.10 0.01
N GLU A 60 10.20 -1.84 1.21
CA GLU A 60 10.78 -2.35 2.47
C GLU A 60 10.76 -3.88 2.57
N MET A 61 9.70 -4.53 2.07
CA MET A 61 9.48 -5.99 2.09
C MET A 61 8.62 -6.44 0.91
N SER A 62 9.02 -7.51 0.22
CA SER A 62 8.25 -8.08 -0.90
C SER A 62 6.87 -8.57 -0.48
N ASN A 63 5.97 -8.62 -1.45
CA ASN A 63 4.52 -8.65 -1.21
C ASN A 63 4.09 -9.89 -0.40
N GLU A 64 4.81 -11.01 -0.58
CA GLU A 64 4.63 -12.28 0.16
C GLU A 64 5.28 -12.32 1.57
N GLU A 65 6.13 -11.34 1.91
CA GLU A 65 6.72 -11.16 3.25
C GLU A 65 5.94 -10.13 4.08
N ILE A 66 5.45 -9.05 3.47
CA ILE A 66 4.54 -8.11 4.14
C ILE A 66 3.16 -8.76 4.43
N ASN A 67 2.44 -9.30 3.45
CA ASN A 67 1.08 -9.84 3.66
C ASN A 67 0.97 -10.90 4.79
N GLU A 68 2.06 -11.62 5.04
CA GLU A 68 2.27 -12.53 6.17
C GLU A 68 2.23 -11.86 7.56
N GLU A 69 2.65 -10.60 7.68
CA GLU A 69 2.57 -9.81 8.91
C GLU A 69 1.11 -9.62 9.38
N LEU A 70 0.22 -9.27 8.45
CA LEU A 70 -1.20 -9.06 8.73
C LEU A 70 -1.99 -10.37 8.72
N GLY A 71 -1.55 -11.35 7.93
CA GLY A 71 -2.18 -12.66 7.75
C GLY A 71 -3.22 -12.67 6.62
N ILE A 72 -2.91 -11.98 5.52
CA ILE A 72 -3.82 -11.72 4.38
C ILE A 72 -3.25 -12.22 3.04
N GLY A 73 -4.05 -12.13 1.98
CA GLY A 73 -3.76 -12.62 0.64
C GLY A 73 -4.29 -11.66 -0.41
N GLN A 74 -3.36 -11.04 -1.15
CA GLN A 74 -3.61 -10.08 -2.24
C GLN A 74 -2.59 -10.22 -3.38
N ASP A 75 -2.78 -9.46 -4.46
CA ASP A 75 -2.00 -9.42 -5.72
C ASP A 75 -2.07 -10.68 -6.61
N GLU A 76 -2.53 -11.78 -6.01
CA GLU A 76 -2.90 -13.10 -6.56
C GLU A 76 -1.77 -13.87 -7.27
N ALA A 77 -1.21 -13.27 -8.31
CA ALA A 77 -0.09 -13.79 -9.11
C ALA A 77 1.27 -13.49 -8.47
N ASP A 78 1.51 -12.22 -8.11
CA ASP A 78 2.83 -11.67 -7.73
C ASP A 78 3.96 -11.94 -8.75
N ALA A 79 3.61 -12.30 -9.99
CA ALA A 79 4.52 -12.59 -11.10
C ALA A 79 5.25 -11.35 -11.65
N ALA B 1 -7.20 2.89 -3.54
CA ALA B 1 -7.36 1.42 -3.65
C ALA B 1 -7.33 0.75 -2.26
N ARG B 2 -7.53 -0.58 -2.19
CA ARG B 2 -7.31 -1.37 -0.97
C ARG B 2 -5.86 -1.34 -0.50
N THR B 3 -5.62 -1.68 0.77
CA THR B 3 -4.26 -1.85 1.31
C THR B 3 -4.24 -2.69 2.61
N GLN B 5 -3.39 -2.49 7.05
CA GLN B 5 -3.30 -1.58 8.22
C GLN B 5 -2.07 -1.80 9.14
N THR B 6 -1.51 -3.01 9.14
CA THR B 6 -0.39 -3.52 9.98
C THR B 6 -0.58 -3.45 11.50
N ALA B 7 0.27 -4.20 12.23
CA ALA B 7 0.27 -4.31 13.69
C ALA B 7 1.70 -4.36 14.30
N ARG B 8 2.73 -3.98 13.53
CA ARG B 8 4.12 -3.83 13.94
C ARG B 8 4.38 -2.40 14.45
N TYR B 9 5.65 -2.20 14.77
CA TYR B 9 6.28 -0.98 15.32
C TYR B 9 7.76 -0.86 14.94
N GLY A 1 -14.53 4.31 -7.45
CA GLY A 1 -14.17 2.95 -7.91
C GLY A 1 -12.89 2.44 -7.25
N SER A 2 -12.24 1.45 -7.88
CA SER A 2 -10.93 0.91 -7.48
C SER A 2 -10.24 0.24 -8.68
N ARG A 3 -8.90 0.19 -8.67
CA ARG A 3 -8.10 -0.57 -9.66
C ARG A 3 -8.28 -2.09 -9.54
N ARG A 4 -8.48 -2.60 -8.31
CA ARG A 4 -8.37 -4.04 -7.97
C ARG A 4 -9.64 -4.59 -7.31
N ALA A 5 -9.97 -4.10 -6.11
CA ALA A 5 -11.07 -4.55 -5.26
C ALA A 5 -11.44 -3.48 -4.22
N SER A 6 -12.59 -3.64 -3.56
CA SER A 6 -12.95 -2.81 -2.40
C SER A 6 -12.05 -3.04 -1.18
N VAL A 7 -12.00 -2.05 -0.29
CA VAL A 7 -11.16 -2.08 0.93
C VAL A 7 -11.71 -3.03 2.02
N GLY A 8 -10.82 -3.46 2.90
CA GLY A 8 -11.12 -4.34 4.05
C GLY A 8 -11.69 -3.58 5.25
N SER A 9 -12.76 -2.82 5.04
CA SER A 9 -13.23 -1.75 5.93
C SER A 9 -12.17 -0.64 6.10
N GLU A 10 -12.31 0.17 7.14
CA GLU A 10 -11.39 1.26 7.52
C GLU A 10 -9.98 0.76 7.89
N PHE A 11 -9.06 1.70 8.09
CA PHE A 11 -7.66 1.48 8.46
C PHE A 11 -7.26 2.49 9.53
N THR A 12 -7.37 1.95 10.71
CA THR A 12 -6.84 2.46 12.00
C THR A 12 -5.33 2.24 12.13
N GLU A 13 -4.69 3.17 12.86
CA GLU A 13 -3.23 3.26 13.04
C GLU A 13 -2.41 3.36 11.73
N SER A 14 -1.08 3.51 11.84
CA SER A 14 -0.18 3.62 10.69
C SER A 14 -0.25 2.38 9.79
N ALA A 15 -0.30 2.59 8.48
CA ALA A 15 -0.79 1.60 7.52
C ALA A 15 0.16 1.42 6.33
N TRP A 16 -0.19 0.58 5.36
CA TRP A 16 0.42 0.61 4.03
C TRP A 16 -0.48 1.36 3.03
N VAL A 17 0.05 1.58 1.83
CA VAL A 17 -0.68 2.05 0.64
C VAL A 17 -0.10 1.40 -0.62
N ARG A 18 -0.96 1.12 -1.59
CA ARG A 18 -0.62 0.52 -2.90
C ARG A 18 -0.53 1.58 -4.00
N CYS A 19 0.39 1.41 -4.94
CA CYS A 19 0.45 2.18 -6.17
C CYS A 19 -0.67 1.76 -7.15
N ASP A 20 -1.57 2.70 -7.47
CA ASP A 20 -2.56 2.59 -8.54
C ASP A 20 -2.00 2.81 -9.96
N ASP A 21 -0.68 2.97 -10.13
CA ASP A 21 -0.05 2.93 -11.46
C ASP A 21 0.65 1.58 -11.75
N CYS A 22 1.14 0.89 -10.72
CA CYS A 22 1.60 -0.50 -10.75
C CYS A 22 0.91 -1.38 -9.68
N PHE A 23 1.60 -1.60 -8.56
CA PHE A 23 1.22 -2.39 -7.40
C PHE A 23 2.03 -2.11 -6.12
N LYS A 24 3.16 -1.40 -6.20
CA LYS A 24 4.12 -1.15 -5.12
C LYS A 24 3.45 -0.80 -3.78
N TRP A 25 3.97 -1.38 -2.71
CA TRP A 25 3.54 -1.11 -1.34
C TRP A 25 4.53 -0.19 -0.61
N ARG A 26 4.01 0.70 0.23
CA ARG A 26 4.77 1.64 1.08
C ARG A 26 4.09 1.80 2.44
N ARG A 27 4.86 1.80 3.53
CA ARG A 27 4.37 2.06 4.90
C ARG A 27 4.26 3.58 5.13
N ILE A 28 3.07 4.02 5.53
CA ILE A 28 2.66 5.41 5.72
C ILE A 28 2.06 5.63 7.13
N PRO A 29 2.08 6.86 7.66
CA PRO A 29 1.30 7.18 8.85
C PRO A 29 -0.21 7.22 8.54
N ALA A 30 -1.02 6.98 9.57
CA ALA A 30 -2.48 7.12 9.53
C ALA A 30 -2.96 8.49 8.99
N SER A 31 -2.16 9.54 9.13
CA SER A 31 -2.42 10.89 8.59
C SER A 31 -2.56 10.89 7.06
N VAL A 32 -1.91 9.95 6.37
CA VAL A 32 -2.05 9.72 4.93
C VAL A 32 -3.15 8.70 4.64
N VAL A 33 -3.28 7.65 5.46
CA VAL A 33 -4.33 6.63 5.22
C VAL A 33 -5.75 7.18 5.44
N GLY A 34 -5.88 8.28 6.18
CA GLY A 34 -7.12 9.04 6.36
C GLY A 34 -7.43 10.00 5.20
N SER A 35 -6.43 10.34 4.37
CA SER A 35 -6.58 11.17 3.17
C SER A 35 -6.83 10.32 1.91
N ILE A 36 -6.13 9.19 1.78
CA ILE A 36 -6.27 8.22 0.68
C ILE A 36 -7.53 7.37 0.92
N ASP A 37 -8.50 7.46 0.00
CA ASP A 37 -9.68 6.61 -0.08
C ASP A 37 -9.46 5.39 -1.00
N GLU A 38 -10.43 4.48 -1.03
CA GLU A 38 -10.50 3.35 -1.98
C GLU A 38 -10.30 3.81 -3.44
N SER A 39 -10.87 4.97 -3.81
CA SER A 39 -10.80 5.55 -5.16
C SER A 39 -9.63 6.53 -5.40
N SER A 40 -8.90 6.94 -4.34
CA SER A 40 -7.80 7.91 -4.46
C SER A 40 -6.57 7.28 -5.12
N ARG A 41 -6.12 7.86 -6.25
CA ARG A 41 -5.01 7.36 -7.08
C ARG A 41 -3.64 7.73 -6.49
N TRP A 42 -3.28 7.05 -5.40
CA TRP A 42 -1.95 7.11 -4.80
C TRP A 42 -0.96 6.28 -5.63
N ILE A 43 0.24 6.79 -5.91
CA ILE A 43 1.22 6.14 -6.79
C ILE A 43 2.67 6.32 -6.31
N CYS A 44 3.61 5.54 -6.84
CA CYS A 44 5.04 5.72 -6.59
C CYS A 44 5.52 7.19 -6.79
N MET A 45 5.15 7.86 -7.90
CA MET A 45 5.69 9.19 -8.19
C MET A 45 5.30 10.26 -7.14
N ASN A 46 4.17 10.06 -6.43
CA ASN A 46 3.72 10.96 -5.36
C ASN A 46 4.28 10.64 -3.96
N ASN A 47 4.98 9.52 -3.84
CA ASN A 47 5.63 9.04 -2.61
C ASN A 47 6.59 10.10 -2.01
N SER A 48 6.53 10.28 -0.70
CA SER A 48 7.45 11.11 0.09
C SER A 48 8.91 10.66 0.00
N ASP A 49 9.13 9.35 0.06
CA ASP A 49 10.46 8.74 0.12
C ASP A 49 11.07 8.57 -1.27
N LYS A 50 12.00 9.46 -1.63
CA LYS A 50 12.68 9.51 -2.93
C LYS A 50 13.44 8.23 -3.29
N ARG A 51 13.79 7.42 -2.29
CA ARG A 51 14.37 6.06 -2.41
C ARG A 51 13.42 5.06 -3.07
N PHE A 52 12.11 5.28 -2.96
CA PHE A 52 11.05 4.38 -3.41
C PHE A 52 9.93 5.08 -4.23
N ALA A 53 10.20 6.29 -4.72
CA ALA A 53 9.26 7.15 -5.43
C ALA A 53 9.24 6.97 -6.96
N ASP A 54 9.47 5.74 -7.44
CA ASP A 54 9.21 5.31 -8.83
C ASP A 54 8.87 3.83 -8.91
N CYS A 55 8.03 3.47 -9.88
CA CYS A 55 7.64 2.10 -10.20
C CYS A 55 8.87 1.18 -10.46
N SER A 56 10.03 1.77 -10.73
CA SER A 56 11.31 1.09 -10.99
C SER A 56 12.16 0.86 -9.74
N LYS A 57 11.83 1.53 -8.61
CA LYS A 57 12.57 1.41 -7.33
C LYS A 57 12.33 0.07 -6.60
N SER A 58 12.89 -0.04 -5.39
CA SER A 58 12.77 -1.20 -4.49
C SER A 58 11.45 -1.20 -3.67
N GLN A 59 11.39 -1.92 -2.55
CA GLN A 59 10.30 -2.00 -1.56
C GLN A 59 10.86 -2.39 -0.17
N GLU A 60 10.21 -2.06 0.96
CA GLU A 60 10.73 -2.47 2.28
C GLU A 60 10.71 -4.00 2.48
N MET A 61 9.64 -4.65 2.01
CA MET A 61 9.46 -6.11 2.06
C MET A 61 8.74 -6.61 0.80
N SER A 62 9.12 -7.75 0.23
CA SER A 62 8.40 -8.37 -0.90
C SER A 62 6.96 -8.75 -0.49
N ASN A 63 6.06 -8.86 -1.46
CA ASN A 63 4.61 -8.88 -1.19
C ASN A 63 4.17 -10.05 -0.31
N GLU A 64 4.86 -11.19 -0.43
CA GLU A 64 4.64 -12.38 0.41
C GLU A 64 5.14 -12.20 1.86
N GLU A 65 6.16 -11.36 2.07
CA GLU A 65 6.75 -11.08 3.39
C GLU A 65 5.94 -10.02 4.16
N ILE A 66 5.41 -9.00 3.48
CA ILE A 66 4.44 -8.07 4.09
C ILE A 66 3.11 -8.78 4.39
N ASN A 67 2.46 -9.41 3.42
CA ASN A 67 1.14 -10.05 3.64
C ASN A 67 1.15 -11.12 4.76
N GLU A 68 2.29 -11.75 5.04
CA GLU A 68 2.53 -12.59 6.23
C GLU A 68 2.52 -11.82 7.57
N GLU A 69 3.03 -10.59 7.60
CA GLU A 69 2.99 -9.68 8.76
C GLU A 69 1.57 -9.25 9.13
N LEU A 70 0.68 -9.10 8.14
CA LEU A 70 -0.76 -8.88 8.35
C LEU A 70 -1.51 -10.18 8.65
N GLY A 71 -1.13 -11.27 7.98
CA GLY A 71 -1.74 -12.61 8.09
C GLY A 71 -2.81 -12.88 7.03
N ILE A 72 -2.59 -12.41 5.79
CA ILE A 72 -3.60 -12.34 4.71
C ILE A 72 -3.03 -12.80 3.35
N GLY A 73 -3.92 -12.91 2.36
CA GLY A 73 -3.63 -13.27 0.97
C GLY A 73 -3.97 -12.13 0.02
N GLN A 74 -2.97 -11.33 -0.33
CA GLN A 74 -3.13 -10.12 -1.17
C GLN A 74 -3.56 -10.43 -2.62
N ASP A 75 -4.09 -9.41 -3.29
CA ASP A 75 -4.58 -9.50 -4.67
C ASP A 75 -3.46 -9.75 -5.69
N GLU A 76 -2.33 -9.04 -5.56
CA GLU A 76 -1.15 -9.18 -6.40
C GLU A 76 -0.44 -10.53 -6.19
N ALA A 77 -0.46 -11.01 -4.94
CA ALA A 77 0.10 -12.29 -4.52
C ALA A 77 -0.71 -13.50 -5.03
N ASP A 78 -2.04 -13.44 -4.91
CA ASP A 78 -2.99 -14.55 -5.10
C ASP A 78 -2.67 -15.79 -4.22
N ALA A 79 -1.88 -15.60 -3.17
CA ALA A 79 -1.49 -16.61 -2.18
C ALA A 79 -2.70 -17.19 -1.38
N ALA B 1 -6.87 3.81 -3.72
CA ALA B 1 -6.08 2.55 -3.72
C ALA B 1 -6.69 1.50 -2.80
N ARG B 2 -6.80 0.24 -3.26
CA ARG B 2 -6.93 -0.95 -2.40
C ARG B 2 -5.66 -1.14 -1.58
N THR B 3 -5.77 -1.33 -0.26
CA THR B 3 -4.62 -1.60 0.63
C THR B 3 -5.03 -2.23 1.99
N GLN B 5 -3.25 -2.68 6.60
CA GLN B 5 -2.63 -2.00 7.75
C GLN B 5 -2.02 -2.96 8.80
N THR B 6 -0.68 -2.96 8.88
CA THR B 6 0.10 -3.75 9.86
C THR B 6 -0.05 -3.23 11.30
N ALA B 7 -0.28 -4.16 12.24
CA ALA B 7 -0.32 -3.90 13.69
C ALA B 7 0.79 -4.64 14.48
N ARG B 8 1.57 -5.52 13.82
CA ARG B 8 2.66 -6.30 14.42
C ARG B 8 4.00 -5.55 14.31
N TYR B 9 4.13 -4.46 15.06
CA TYR B 9 5.33 -3.60 15.15
C TYR B 9 6.58 -4.36 15.67
N GLY A 1 -13.24 3.31 -9.72
CA GLY A 1 -13.80 2.71 -8.49
C GLY A 1 -12.79 1.77 -7.82
N SER A 2 -13.24 0.62 -7.33
CA SER A 2 -12.38 -0.40 -6.71
C SER A 2 -11.40 -1.03 -7.71
N ARG A 3 -10.15 -1.21 -7.29
CA ARG A 3 -9.09 -1.90 -8.05
C ARG A 3 -9.11 -3.43 -7.84
N ARG A 4 -9.54 -3.85 -6.64
CA ARG A 4 -9.37 -5.19 -6.05
C ARG A 4 -10.38 -5.33 -4.89
N ALA A 5 -10.28 -4.44 -3.90
CA ALA A 5 -11.25 -4.12 -2.85
C ALA A 5 -11.00 -2.69 -2.34
N SER A 6 -11.99 -2.05 -1.71
CA SER A 6 -11.89 -0.65 -1.28
C SER A 6 -11.58 -0.44 0.20
N VAL A 7 -10.88 0.66 0.47
CA VAL A 7 -10.53 1.18 1.82
C VAL A 7 -10.00 2.63 1.73
N GLY A 8 -10.13 3.41 2.81
CA GLY A 8 -9.65 4.79 2.88
C GLY A 8 -10.11 5.57 4.12
N SER A 9 -9.90 5.01 5.32
CA SER A 9 -10.32 5.59 6.61
C SER A 9 -9.32 5.31 7.74
N GLU A 10 -9.22 6.24 8.70
CA GLU A 10 -8.50 6.03 9.98
C GLU A 10 -9.32 5.16 10.96
N PHE A 11 -8.62 4.26 11.67
CA PHE A 11 -9.14 3.50 12.81
C PHE A 11 -7.98 2.95 13.66
N THR A 12 -7.09 2.21 12.98
CA THR A 12 -5.83 1.66 13.48
C THR A 12 -4.69 2.70 13.57
N GLU A 13 -3.56 2.25 14.11
CA GLU A 13 -2.24 2.87 13.95
C GLU A 13 -1.73 2.75 12.47
N SER A 14 -0.53 3.23 12.19
CA SER A 14 0.13 3.34 10.87
C SER A 14 -0.03 2.12 9.95
N ALA A 15 -0.14 2.38 8.64
CA ALA A 15 -0.62 1.44 7.63
C ALA A 15 0.37 1.26 6.45
N TRP A 16 -0.05 0.55 5.40
CA TRP A 16 0.56 0.64 4.06
C TRP A 16 -0.32 1.44 3.08
N VAL A 17 0.19 1.66 1.88
CA VAL A 17 -0.58 2.08 0.69
C VAL A 17 0.00 1.45 -0.58
N ARG A 18 -0.88 1.14 -1.55
CA ARG A 18 -0.57 0.55 -2.86
C ARG A 18 -0.45 1.61 -3.96
N CYS A 19 0.48 1.43 -4.89
CA CYS A 19 0.53 2.21 -6.12
C CYS A 19 -0.57 1.78 -7.13
N ASP A 20 -1.34 2.77 -7.58
CA ASP A 20 -2.34 2.60 -8.65
C ASP A 20 -1.78 2.69 -10.08
N ASP A 21 -0.52 3.11 -10.26
CA ASP A 21 0.18 3.06 -11.56
C ASP A 21 0.90 1.72 -11.80
N CYS A 22 1.31 1.00 -10.74
CA CYS A 22 1.72 -0.40 -10.79
C CYS A 22 0.96 -1.25 -9.72
N PHE A 23 1.60 -1.42 -8.56
CA PHE A 23 1.14 -2.19 -7.39
C PHE A 23 2.02 -1.96 -6.14
N LYS A 24 3.25 -1.43 -6.28
CA LYS A 24 4.24 -1.27 -5.19
C LYS A 24 3.66 -0.71 -3.89
N TRP A 25 4.15 -1.25 -2.79
CA TRP A 25 3.72 -0.94 -1.43
C TRP A 25 4.70 0.00 -0.71
N ARG A 26 4.17 0.84 0.19
CA ARG A 26 4.95 1.75 1.05
C ARG A 26 4.29 1.87 2.42
N ARG A 27 5.11 1.89 3.47
CA ARG A 27 4.69 2.10 4.87
C ARG A 27 4.39 3.58 5.12
N ILE A 28 3.21 3.89 5.67
CA ILE A 28 2.70 5.26 5.87
C ILE A 28 2.09 5.47 7.27
N PRO A 29 2.03 6.70 7.80
CA PRO A 29 1.17 7.02 8.92
C PRO A 29 -0.31 6.92 8.53
N ALA A 30 -1.18 6.56 9.48
CA ALA A 30 -2.63 6.46 9.27
C ALA A 30 -3.29 7.78 8.84
N SER A 31 -2.66 8.92 9.13
CA SER A 31 -3.09 10.24 8.63
C SER A 31 -3.10 10.34 7.10
N VAL A 32 -2.29 9.53 6.41
CA VAL A 32 -2.33 9.38 4.94
C VAL A 32 -3.39 8.35 4.54
N VAL A 33 -3.54 7.26 5.29
CA VAL A 33 -4.53 6.22 4.93
C VAL A 33 -5.98 6.70 5.08
N GLY A 34 -6.20 7.77 5.86
CA GLY A 34 -7.47 8.50 5.95
C GLY A 34 -7.64 9.63 4.93
N SER A 35 -6.54 10.14 4.36
CA SER A 35 -6.54 11.16 3.30
C SER A 35 -6.72 10.54 1.90
N ILE A 36 -6.16 9.35 1.69
CA ILE A 36 -6.31 8.55 0.46
C ILE A 36 -7.71 7.92 0.47
N ASP A 37 -8.54 8.32 -0.50
CA ASP A 37 -9.89 7.79 -0.77
C ASP A 37 -9.87 6.69 -1.84
N GLU A 38 -11.02 6.09 -2.15
CA GLU A 38 -11.18 5.25 -3.35
C GLU A 38 -11.40 6.10 -4.63
N SER A 39 -11.97 7.30 -4.49
CA SER A 39 -12.07 8.30 -5.59
C SER A 39 -10.71 8.93 -5.93
N SER A 40 -9.84 9.08 -4.92
CA SER A 40 -8.43 9.46 -5.06
C SER A 40 -7.58 8.32 -5.64
N ARG A 41 -6.30 8.58 -5.95
CA ARG A 41 -5.30 7.58 -6.35
C ARG A 41 -3.89 7.94 -5.87
N TRP A 42 -3.22 6.99 -5.25
CA TRP A 42 -1.84 7.09 -4.75
C TRP A 42 -0.87 6.30 -5.64
N ILE A 43 0.31 6.84 -5.94
CA ILE A 43 1.32 6.21 -6.80
C ILE A 43 2.76 6.43 -6.32
N CYS A 44 3.70 5.62 -6.81
CA CYS A 44 5.13 5.80 -6.61
C CYS A 44 5.61 7.25 -6.86
N MET A 45 5.22 7.91 -7.96
CA MET A 45 5.76 9.24 -8.29
C MET A 45 5.35 10.33 -7.28
N ASN A 46 4.30 10.09 -6.50
CA ASN A 46 3.83 10.94 -5.40
C ASN A 46 4.49 10.63 -4.04
N ASN A 47 5.17 9.47 -3.92
CA ASN A 47 5.72 8.95 -2.67
C ASN A 47 6.68 9.95 -1.98
N SER A 48 6.57 10.02 -0.66
CA SER A 48 7.46 10.80 0.20
C SER A 48 8.94 10.45 0.02
N ASP A 49 9.26 9.15 0.03
CA ASP A 49 10.63 8.63 0.04
C ASP A 49 11.19 8.47 -1.38
N LYS A 50 12.08 9.40 -1.76
CA LYS A 50 12.72 9.51 -3.08
C LYS A 50 13.56 8.28 -3.47
N ARG A 51 13.93 7.44 -2.49
CA ARG A 51 14.56 6.13 -2.69
C ARG A 51 13.63 5.08 -3.33
N PHE A 52 12.32 5.25 -3.18
CA PHE A 52 11.29 4.30 -3.68
C PHE A 52 10.18 4.93 -4.53
N ALA A 53 10.30 6.21 -4.85
CA ALA A 53 9.31 7.07 -5.50
C ALA A 53 9.26 6.93 -7.05
N ASP A 54 9.47 5.71 -7.55
CA ASP A 54 9.22 5.32 -8.95
C ASP A 54 8.80 3.86 -9.05
N CYS A 55 7.96 3.56 -10.05
CA CYS A 55 7.50 2.21 -10.40
C CYS A 55 8.68 1.25 -10.73
N SER A 56 9.87 1.81 -10.99
CA SER A 56 11.11 1.07 -11.27
C SER A 56 11.95 0.79 -10.01
N LYS A 57 11.66 1.46 -8.89
CA LYS A 57 12.38 1.28 -7.62
C LYS A 57 11.95 0.02 -6.84
N SER A 58 12.59 -0.19 -5.68
CA SER A 58 12.38 -1.32 -4.77
C SER A 58 11.25 -1.07 -3.75
N GLN A 59 11.22 -1.84 -2.66
CA GLN A 59 10.21 -1.89 -1.60
C GLN A 59 10.85 -2.29 -0.25
N GLU A 60 10.25 -1.96 0.91
CA GLU A 60 10.82 -2.36 2.22
C GLU A 60 10.83 -3.88 2.42
N MET A 61 9.77 -4.56 1.96
CA MET A 61 9.62 -6.02 2.00
C MET A 61 8.85 -6.49 0.77
N SER A 62 9.20 -7.62 0.14
CA SER A 62 8.36 -8.23 -0.90
C SER A 62 6.98 -8.61 -0.35
N ASN A 63 5.98 -8.62 -1.23
CA ASN A 63 4.58 -8.64 -0.76
C ASN A 63 4.26 -9.89 0.06
N GLU A 64 4.86 -11.03 -0.27
CA GLU A 64 4.71 -12.30 0.47
C GLU A 64 5.29 -12.22 1.91
N GLU A 65 6.27 -11.36 2.17
CA GLU A 65 6.86 -11.12 3.49
C GLU A 65 6.07 -10.09 4.31
N ILE A 66 5.58 -9.01 3.70
CA ILE A 66 4.70 -8.05 4.39
C ILE A 66 3.30 -8.65 4.65
N ASN A 67 2.60 -9.15 3.64
CA ASN A 67 1.22 -9.65 3.79
C ASN A 67 1.08 -10.77 4.85
N GLU A 68 2.15 -11.51 5.12
CA GLU A 68 2.30 -12.46 6.24
C GLU A 68 2.28 -11.81 7.64
N GLU A 69 2.77 -10.58 7.79
CA GLU A 69 2.79 -9.81 9.04
C GLU A 69 1.38 -9.47 9.52
N LEU A 70 0.47 -9.15 8.59
CA LEU A 70 -0.95 -8.93 8.86
C LEU A 70 -1.75 -10.25 8.87
N GLY A 71 -1.37 -11.19 7.99
CA GLY A 71 -2.02 -12.50 7.83
C GLY A 71 -3.08 -12.51 6.72
N ILE A 72 -2.76 -11.91 5.57
CA ILE A 72 -3.66 -11.63 4.45
C ILE A 72 -3.10 -12.13 3.10
N GLY A 73 -3.78 -11.80 1.99
CA GLY A 73 -3.41 -12.13 0.62
C GLY A 73 -3.84 -10.99 -0.31
N GLN A 74 -2.90 -10.59 -1.17
CA GLN A 74 -3.04 -9.57 -2.22
C GLN A 74 -2.03 -9.77 -3.37
N ASP A 75 -2.06 -8.90 -4.38
CA ASP A 75 -1.24 -8.88 -5.63
C ASP A 75 -1.50 -10.03 -6.62
N GLU A 76 -2.31 -10.99 -6.20
CA GLU A 76 -2.95 -12.04 -7.02
C GLU A 76 -3.88 -11.49 -8.11
N ALA A 77 -4.47 -10.32 -7.80
CA ALA A 77 -5.39 -9.48 -8.58
C ALA A 77 -6.77 -10.07 -8.87
N ASP A 78 -6.81 -11.36 -9.21
CA ASP A 78 -8.03 -12.12 -9.53
C ASP A 78 -8.95 -12.40 -8.31
N ALA A 79 -8.46 -12.09 -7.11
CA ALA A 79 -9.12 -12.19 -5.79
C ALA A 79 -9.86 -13.53 -5.55
N ALA B 1 -8.07 3.60 -1.81
CA ALA B 1 -7.38 2.64 -2.71
C ALA B 1 -7.08 1.35 -1.96
N ARG B 2 -7.04 0.18 -2.61
CA ARG B 2 -6.76 -1.13 -1.96
C ARG B 2 -5.46 -1.09 -1.15
N THR B 3 -5.55 -1.37 0.15
CA THR B 3 -4.40 -1.62 1.03
C THR B 3 -4.84 -2.28 2.35
N GLN B 5 -3.49 -2.47 7.05
CA GLN B 5 -3.02 -1.74 8.24
C GLN B 5 -2.28 -2.65 9.24
N THR B 6 -0.95 -2.64 9.23
CA THR B 6 -0.12 -3.57 10.01
C THR B 6 -0.21 -3.33 11.52
N ALA B 7 -0.29 -2.06 11.95
CA ALA B 7 -0.40 -1.65 13.35
C ALA B 7 0.64 -2.29 14.30
N ARG B 8 1.86 -2.49 13.78
CA ARG B 8 3.01 -3.15 14.40
C ARG B 8 4.29 -2.56 13.82
N TYR B 9 5.20 -2.18 14.71
CA TYR B 9 6.54 -1.66 14.44
C TYR B 9 7.51 -2.72 13.85
N GLY A 1 -17.63 -1.99 -6.94
CA GLY A 1 -16.32 -2.52 -6.50
C GLY A 1 -15.44 -2.89 -7.70
N SER A 2 -14.35 -3.63 -7.43
CA SER A 2 -13.31 -4.01 -8.41
C SER A 2 -12.61 -2.81 -9.09
N ARG A 3 -11.80 -3.07 -10.13
CA ARG A 3 -11.08 -2.10 -10.98
C ARG A 3 -10.03 -1.21 -10.26
N ARG A 4 -9.68 -1.54 -9.01
CA ARG A 4 -8.74 -0.84 -8.10
C ARG A 4 -9.14 0.61 -7.75
N ALA A 5 -8.42 1.18 -6.77
CA ALA A 5 -8.76 2.38 -5.99
C ALA A 5 -10.08 2.28 -5.17
N SER A 6 -10.12 3.00 -4.05
CA SER A 6 -11.23 3.04 -3.08
C SER A 6 -11.06 4.14 -2.05
N VAL A 7 -12.09 4.35 -1.22
CA VAL A 7 -12.13 5.33 -0.12
C VAL A 7 -11.10 5.05 1.00
N GLY A 8 -10.92 6.04 1.86
CA GLY A 8 -10.13 6.00 3.10
C GLY A 8 -10.88 6.69 4.25
N SER A 9 -12.09 6.19 4.56
CA SER A 9 -13.09 6.86 5.42
C SER A 9 -12.83 6.89 6.92
N GLU A 10 -11.71 6.30 7.31
CA GLU A 10 -11.16 6.27 8.68
C GLU A 10 -9.63 6.20 8.68
N PHE A 11 -9.03 6.63 9.79
CA PHE A 11 -7.58 6.77 9.97
C PHE A 11 -6.91 5.45 10.41
N THR A 12 -7.40 4.84 11.51
CA THR A 12 -6.76 3.66 12.16
C THR A 12 -5.32 3.98 12.63
N GLU A 13 -4.53 2.99 13.06
CA GLU A 13 -3.07 3.15 13.26
C GLU A 13 -2.30 3.24 11.93
N SER A 14 -1.04 3.70 11.97
CA SER A 14 -0.16 3.86 10.79
C SER A 14 -0.09 2.60 9.92
N ALA A 15 -0.18 2.77 8.60
CA ALA A 15 -0.64 1.73 7.68
C ALA A 15 0.30 1.59 6.47
N TRP A 16 0.00 0.66 5.55
CA TRP A 16 0.55 0.72 4.19
C TRP A 16 -0.39 1.47 3.23
N VAL A 17 0.09 1.66 1.98
CA VAL A 17 -0.68 2.09 0.81
C VAL A 17 -0.10 1.41 -0.45
N ARG A 18 -0.98 1.02 -1.38
CA ARG A 18 -0.59 0.47 -2.70
C ARG A 18 -0.27 1.58 -3.70
N CYS A 19 0.66 1.34 -4.63
CA CYS A 19 0.69 2.06 -5.90
C CYS A 19 -0.48 1.56 -6.80
N ASP A 20 -1.45 2.44 -7.04
CA ASP A 20 -2.54 2.22 -8.02
C ASP A 20 -2.07 2.07 -9.48
N ASP A 21 -0.83 2.47 -9.80
CA ASP A 21 -0.21 2.32 -11.12
C ASP A 21 0.70 1.07 -11.23
N CYS A 22 1.06 0.43 -10.11
CA CYS A 22 1.73 -0.87 -10.02
C CYS A 22 0.83 -1.90 -9.28
N PHE A 23 1.21 -2.13 -8.02
CA PHE A 23 0.73 -3.07 -7.00
C PHE A 23 1.65 -3.02 -5.74
N LYS A 24 2.85 -2.45 -5.89
CA LYS A 24 3.86 -2.16 -4.85
C LYS A 24 3.28 -1.53 -3.59
N TRP A 25 3.94 -1.72 -2.44
CA TRP A 25 3.47 -1.23 -1.15
C TRP A 25 4.48 -0.26 -0.48
N ARG A 26 3.96 0.70 0.30
CA ARG A 26 4.75 1.62 1.14
C ARG A 26 4.08 1.91 2.48
N ARG A 27 4.86 1.92 3.56
CA ARG A 27 4.41 2.22 4.94
C ARG A 27 4.32 3.73 5.15
N ILE A 28 3.16 4.20 5.59
CA ILE A 28 2.74 5.59 5.76
C ILE A 28 2.13 5.85 7.15
N PRO A 29 2.07 7.09 7.63
CA PRO A 29 1.20 7.44 8.74
C PRO A 29 -0.29 7.39 8.35
N ALA A 30 -1.13 7.09 9.32
CA ALA A 30 -2.60 7.05 9.17
C ALA A 30 -3.23 8.36 8.66
N SER A 31 -2.56 9.50 8.84
CA SER A 31 -2.98 10.79 8.29
C SER A 31 -3.09 10.77 6.75
N VAL A 32 -2.27 9.94 6.08
CA VAL A 32 -2.33 9.70 4.63
C VAL A 32 -3.38 8.64 4.32
N VAL A 33 -3.44 7.56 5.10
CA VAL A 33 -4.40 6.47 4.80
C VAL A 33 -5.86 6.91 5.00
N GLY A 34 -6.07 7.97 5.80
CA GLY A 34 -7.35 8.65 6.03
C GLY A 34 -7.64 9.82 5.07
N SER A 35 -6.80 10.02 4.04
CA SER A 35 -6.88 11.11 3.06
C SER A 35 -6.82 10.62 1.60
N ILE A 36 -6.20 9.46 1.36
CA ILE A 36 -6.23 8.75 0.06
C ILE A 36 -7.66 8.17 -0.16
N ASP A 37 -8.26 8.46 -1.32
CA ASP A 37 -9.67 8.19 -1.65
C ASP A 37 -9.87 7.69 -3.10
N GLU A 38 -11.09 7.22 -3.42
CA GLU A 38 -11.47 6.59 -4.69
C GLU A 38 -11.15 7.42 -5.94
N SER A 39 -11.32 8.73 -5.82
CA SER A 39 -11.06 9.72 -6.87
C SER A 39 -9.58 10.10 -7.03
N SER A 40 -8.73 9.69 -6.08
CA SER A 40 -7.27 9.81 -6.14
C SER A 40 -6.62 8.55 -6.77
N ARG A 41 -5.32 8.65 -7.09
CA ARG A 41 -4.40 7.51 -7.21
C ARG A 41 -3.13 7.82 -6.44
N TRP A 42 -2.87 7.07 -5.36
CA TRP A 42 -1.54 7.04 -4.73
C TRP A 42 -0.62 6.16 -5.58
N ILE A 43 0.55 6.67 -5.94
CA ILE A 43 1.53 5.96 -6.78
C ILE A 43 2.97 6.22 -6.32
N CYS A 44 3.92 5.41 -6.77
CA CYS A 44 5.34 5.59 -6.49
C CYS A 44 5.83 7.04 -6.77
N MET A 45 5.48 7.67 -7.91
CA MET A 45 6.00 9.01 -8.25
C MET A 45 5.53 10.10 -7.25
N ASN A 46 4.42 9.87 -6.56
CA ASN A 46 3.88 10.74 -5.50
C ASN A 46 4.49 10.47 -4.10
N ASN A 47 5.19 9.35 -3.93
CA ASN A 47 5.71 8.87 -2.64
C ASN A 47 6.62 9.89 -1.94
N SER A 48 6.41 10.04 -0.65
CA SER A 48 7.26 10.81 0.27
C SER A 48 8.72 10.32 0.31
N ASP A 49 8.91 9.01 0.33
CA ASP A 49 10.22 8.36 0.50
C ASP A 49 10.96 8.22 -0.84
N LYS A 50 11.95 9.08 -1.04
CA LYS A 50 12.83 9.14 -2.24
C LYS A 50 13.64 7.85 -2.46
N ARG A 51 13.74 7.01 -1.44
CA ARG A 51 14.24 5.62 -1.46
C ARG A 51 13.46 4.74 -2.46
N PHE A 52 12.16 4.99 -2.64
CA PHE A 52 11.23 4.16 -3.40
C PHE A 52 10.21 4.93 -4.26
N ALA A 53 10.46 6.22 -4.53
CA ALA A 53 9.53 7.14 -5.19
C ALA A 53 9.55 7.08 -6.74
N ASP A 54 9.67 5.87 -7.27
CA ASP A 54 9.56 5.57 -8.70
C ASP A 54 8.90 4.20 -8.93
N CYS A 55 8.11 4.09 -9.99
CA CYS A 55 7.52 2.84 -10.42
C CYS A 55 8.61 1.77 -10.75
N SER A 56 9.85 2.20 -11.01
CA SER A 56 11.02 1.34 -11.25
C SER A 56 11.77 0.92 -9.98
N LYS A 57 11.57 1.61 -8.85
CA LYS A 57 12.23 1.34 -7.56
C LYS A 57 11.71 0.08 -6.84
N SER A 58 12.37 -0.25 -5.72
CA SER A 58 12.04 -1.37 -4.82
C SER A 58 11.00 -0.97 -3.75
N GLN A 59 10.97 -1.69 -2.63
CA GLN A 59 10.12 -1.49 -1.45
C GLN A 59 10.77 -2.13 -0.19
N GLU A 60 10.29 -1.82 1.02
CA GLU A 60 10.88 -2.36 2.27
C GLU A 60 10.55 -3.85 2.52
N MET A 61 9.43 -4.36 2.00
CA MET A 61 9.03 -5.78 2.06
C MET A 61 8.23 -6.16 0.82
N SER A 62 8.62 -7.24 0.13
CA SER A 62 7.97 -7.71 -1.10
C SER A 62 6.52 -8.09 -0.84
N ASN A 63 5.67 -8.17 -1.88
CA ASN A 63 4.23 -8.41 -1.69
C ASN A 63 3.93 -9.79 -1.07
N GLU A 64 4.80 -10.78 -1.26
CA GLU A 64 4.78 -12.10 -0.58
C GLU A 64 5.32 -12.07 0.88
N GLU A 65 5.77 -10.91 1.36
CA GLU A 65 6.21 -10.65 2.74
C GLU A 65 5.28 -9.66 3.47
N ILE A 66 4.88 -8.55 2.83
CA ILE A 66 3.89 -7.59 3.38
C ILE A 66 2.42 -8.05 3.27
N ASN A 67 2.22 -9.28 2.85
CA ASN A 67 0.99 -10.01 3.16
C ASN A 67 1.12 -10.90 4.42
N GLU A 68 2.26 -11.59 4.58
CA GLU A 68 2.58 -12.43 5.74
C GLU A 68 2.74 -11.66 7.06
N GLU A 69 3.19 -10.40 7.00
CA GLU A 69 3.39 -9.55 8.19
C GLU A 69 2.09 -9.31 8.98
N LEU A 70 0.96 -9.25 8.28
CA LEU A 70 -0.38 -9.11 8.87
C LEU A 70 -1.10 -10.46 9.00
N GLY A 71 -0.76 -11.43 8.14
CA GLY A 71 -1.36 -12.77 8.08
C GLY A 71 -2.47 -12.90 7.03
N ILE A 72 -2.38 -12.11 5.96
CA ILE A 72 -3.34 -12.03 4.85
C ILE A 72 -2.76 -12.64 3.56
N GLY A 73 -3.59 -12.81 2.54
CA GLY A 73 -3.20 -13.32 1.22
C GLY A 73 -2.87 -12.22 0.19
N GLN A 74 -3.66 -11.15 0.17
CA GLN A 74 -3.76 -10.10 -0.84
C GLN A 74 -4.14 -10.56 -2.27
N ASP A 75 -4.94 -9.72 -2.91
CA ASP A 75 -5.55 -10.01 -4.22
C ASP A 75 -4.57 -9.90 -5.40
N GLU A 76 -3.59 -9.00 -5.30
CA GLU A 76 -2.49 -8.86 -6.28
C GLU A 76 -1.55 -10.08 -6.29
N ALA A 77 -1.29 -10.65 -5.12
CA ALA A 77 -0.54 -11.90 -4.94
C ALA A 77 -1.36 -13.13 -5.37
N ASP A 78 -2.63 -13.18 -4.97
CA ASP A 78 -3.50 -14.37 -5.03
C ASP A 78 -2.93 -15.59 -4.26
N ALA A 79 -1.98 -15.34 -3.35
CA ALA A 79 -1.35 -16.33 -2.46
C ALA A 79 -2.36 -17.02 -1.51
N ALA B 1 -8.03 3.39 -0.51
CA ALA B 1 -7.44 2.49 -1.53
C ALA B 1 -7.22 1.10 -0.93
N ARG B 2 -7.26 0.03 -1.74
CA ARG B 2 -7.03 -1.36 -1.29
C ARG B 2 -5.64 -1.49 -0.67
N THR B 3 -5.58 -1.66 0.66
CA THR B 3 -4.33 -1.80 1.41
C THR B 3 -4.52 -2.48 2.78
N GLN B 5 -2.74 -2.64 7.28
CA GLN B 5 -2.14 -1.87 8.41
C GLN B 5 -1.44 -2.75 9.45
N THR B 6 -0.10 -2.75 9.42
CA THR B 6 0.77 -3.60 10.25
C THR B 6 0.77 -3.18 11.73
N ALA B 7 0.61 -4.15 12.62
CA ALA B 7 0.53 -3.96 14.08
C ALA B 7 1.18 -5.10 14.90
N ARG B 8 2.04 -5.92 14.26
CA ARG B 8 2.79 -7.01 14.84
C ARG B 8 3.98 -6.46 15.65
N TYR B 9 4.44 -7.34 16.51
CA TYR B 9 5.58 -7.23 17.44
C TYR B 9 6.93 -6.93 16.74
N GLY A 1 0.16 1.55 -15.68
CA GLY A 1 -1.28 1.64 -15.40
C GLY A 1 -1.93 0.26 -15.40
N SER A 2 -1.85 -0.46 -14.27
CA SER A 2 -2.43 -1.80 -14.09
C SER A 2 -3.96 -1.79 -13.92
N ARG A 3 -4.61 -2.93 -14.16
CA ARG A 3 -6.09 -3.11 -14.13
C ARG A 3 -6.73 -2.99 -12.73
N ARG A 4 -5.94 -3.23 -11.66
CA ARG A 4 -6.32 -3.24 -10.23
C ARG A 4 -7.44 -4.25 -9.87
N ALA A 5 -7.71 -4.38 -8.57
CA ALA A 5 -8.83 -5.18 -8.03
C ALA A 5 -9.26 -4.71 -6.63
N SER A 6 -10.51 -5.01 -6.26
CA SER A 6 -11.17 -4.68 -4.97
C SER A 6 -11.17 -3.18 -4.60
N VAL A 7 -11.60 -2.86 -3.37
CA VAL A 7 -11.80 -1.50 -2.83
C VAL A 7 -11.51 -1.40 -1.32
N GLY A 8 -11.42 -0.17 -0.82
CA GLY A 8 -11.48 0.16 0.61
C GLY A 8 -10.14 0.38 1.32
N SER A 9 -10.07 1.46 2.10
CA SER A 9 -9.02 1.81 3.05
C SER A 9 -9.58 2.66 4.21
N GLU A 10 -8.98 2.56 5.41
CA GLU A 10 -9.38 3.29 6.63
C GLU A 10 -8.18 3.48 7.57
N PHE A 11 -8.26 4.46 8.48
CA PHE A 11 -7.14 5.02 9.25
C PHE A 11 -6.34 3.94 10.01
N THR A 12 -6.97 3.27 10.98
CA THR A 12 -6.32 2.29 11.88
C THR A 12 -5.06 2.89 12.56
N GLU A 13 -4.13 2.09 13.06
CA GLU A 13 -2.72 2.50 13.29
C GLU A 13 -1.93 2.59 11.97
N SER A 14 -0.74 3.21 12.00
CA SER A 14 0.11 3.46 10.81
C SER A 14 0.27 2.24 9.89
N ALA A 15 0.08 2.46 8.59
CA ALA A 15 -0.40 1.46 7.65
C ALA A 15 0.42 1.44 6.35
N TRP A 16 0.12 0.55 5.42
CA TRP A 16 0.68 0.63 4.07
C TRP A 16 -0.25 1.38 3.10
N VAL A 17 0.22 1.58 1.87
CA VAL A 17 -0.56 2.05 0.69
C VAL A 17 0.00 1.42 -0.58
N ARG A 18 -0.88 1.08 -1.54
CA ARG A 18 -0.51 0.54 -2.87
C ARG A 18 -0.29 1.67 -3.88
N CYS A 19 0.59 1.46 -4.85
CA CYS A 19 0.64 2.21 -6.10
C CYS A 19 -0.50 1.77 -7.05
N ASP A 20 -1.37 2.72 -7.40
CA ASP A 20 -2.40 2.55 -8.43
C ASP A 20 -1.88 2.65 -9.89
N ASP A 21 -0.60 2.97 -10.12
CA ASP A 21 0.00 2.94 -11.46
C ASP A 21 0.62 1.56 -11.76
N CYS A 22 1.45 1.05 -10.84
CA CYS A 22 1.92 -0.33 -10.82
C CYS A 22 1.17 -1.16 -9.73
N PHE A 23 1.84 -1.41 -8.60
CA PHE A 23 1.37 -2.28 -7.50
C PHE A 23 2.11 -2.14 -6.17
N LYS A 24 3.29 -1.48 -6.15
CA LYS A 24 4.17 -1.42 -4.97
C LYS A 24 3.49 -0.94 -3.69
N TRP A 25 3.86 -1.56 -2.58
CA TRP A 25 3.43 -1.17 -1.23
C TRP A 25 4.45 -0.23 -0.57
N ARG A 26 3.96 0.71 0.24
CA ARG A 26 4.77 1.63 1.07
C ARG A 26 4.14 1.90 2.43
N ARG A 27 4.94 1.89 3.51
CA ARG A 27 4.52 2.17 4.89
C ARG A 27 4.41 3.68 5.12
N ILE A 28 3.24 4.14 5.57
CA ILE A 28 2.83 5.53 5.80
C ILE A 28 2.17 5.70 7.17
N PRO A 29 2.08 6.93 7.74
CA PRO A 29 1.22 7.19 8.88
C PRO A 29 -0.27 7.10 8.50
N ALA A 30 -1.10 6.69 9.46
CA ALA A 30 -2.55 6.56 9.30
C ALA A 30 -3.26 7.86 8.85
N SER A 31 -2.68 9.01 9.16
CA SER A 31 -3.17 10.33 8.72
C SER A 31 -3.19 10.47 7.19
N VAL A 32 -2.32 9.73 6.48
CA VAL A 32 -2.34 9.63 5.02
C VAL A 32 -3.23 8.49 4.56
N VAL A 33 -3.24 7.35 5.24
CA VAL A 33 -4.05 6.20 4.78
C VAL A 33 -5.57 6.48 4.86
N GLY A 34 -5.98 7.42 5.71
CA GLY A 34 -7.35 7.91 5.80
C GLY A 34 -7.69 9.07 4.86
N SER A 35 -6.68 9.79 4.36
CA SER A 35 -6.82 10.81 3.31
C SER A 35 -6.89 10.16 1.91
N ILE A 36 -6.07 9.12 1.68
CA ILE A 36 -6.13 8.22 0.54
C ILE A 36 -7.43 7.39 0.59
N ASP A 37 -7.97 7.07 -0.59
CA ASP A 37 -9.16 6.25 -0.81
C ASP A 37 -9.15 5.71 -2.25
N GLU A 38 -10.18 4.98 -2.65
CA GLU A 38 -10.45 4.62 -4.06
C GLU A 38 -10.94 5.80 -4.91
N SER A 39 -11.41 6.87 -4.25
CA SER A 39 -11.67 8.17 -4.88
C SER A 39 -10.38 8.98 -5.12
N SER A 40 -9.22 8.43 -4.77
CA SER A 40 -7.87 8.95 -5.01
C SER A 40 -6.98 7.89 -5.71
N ARG A 41 -5.83 8.32 -6.23
CA ARG A 41 -4.81 7.45 -6.85
C ARG A 41 -3.42 7.77 -6.30
N TRP A 42 -3.02 7.06 -5.25
CA TRP A 42 -1.66 7.11 -4.70
C TRP A 42 -0.72 6.31 -5.59
N ILE A 43 0.45 6.84 -5.94
CA ILE A 43 1.43 6.19 -6.82
C ILE A 43 2.87 6.45 -6.37
N CYS A 44 3.84 5.64 -6.85
CA CYS A 44 5.26 5.85 -6.62
C CYS A 44 5.70 7.31 -6.90
N MET A 45 5.33 7.92 -8.03
CA MET A 45 5.83 9.27 -8.39
C MET A 45 5.31 10.39 -7.46
N ASN A 46 4.27 10.11 -6.67
CA ASN A 46 3.73 11.00 -5.62
C ASN A 46 4.41 10.80 -4.24
N ASN A 47 5.14 9.68 -4.07
CA ASN A 47 5.68 9.23 -2.79
C ASN A 47 6.63 10.24 -2.14
N SER A 48 6.48 10.42 -0.83
CA SER A 48 7.42 11.15 0.04
C SER A 48 8.83 10.57 0.04
N ASP A 49 8.94 9.25 0.09
CA ASP A 49 10.19 8.52 0.26
C ASP A 49 10.93 8.32 -1.07
N LYS A 50 11.99 9.11 -1.28
CA LYS A 50 12.84 9.12 -2.48
C LYS A 50 13.55 7.77 -2.75
N ARG A 51 13.62 6.91 -1.73
CA ARG A 51 14.05 5.50 -1.80
C ARG A 51 13.15 4.65 -2.71
N PHE A 52 11.87 5.03 -2.88
CA PHE A 52 10.87 4.26 -3.64
C PHE A 52 9.96 5.09 -4.55
N ALA A 53 10.28 6.37 -4.78
CA ALA A 53 9.41 7.34 -5.44
C ALA A 53 9.39 7.27 -6.98
N ASP A 54 9.57 6.07 -7.53
CA ASP A 54 9.41 5.74 -8.95
C ASP A 54 8.93 4.30 -9.11
N CYS A 55 8.13 4.02 -10.14
CA CYS A 55 7.73 2.66 -10.52
C CYS A 55 8.95 1.76 -10.86
N SER A 56 10.11 2.37 -11.12
CA SER A 56 11.39 1.69 -11.40
C SER A 56 12.18 1.32 -10.12
N LYS A 57 11.91 2.00 -8.99
CA LYS A 57 12.47 1.64 -7.68
C LYS A 57 11.82 0.37 -7.12
N SER A 58 12.24 -0.07 -5.91
CA SER A 58 11.74 -1.30 -5.30
C SER A 58 11.77 -1.35 -3.76
N GLN A 59 10.82 -2.17 -3.30
CA GLN A 59 10.09 -2.24 -2.02
C GLN A 59 10.91 -2.67 -0.79
N GLU A 60 10.36 -2.40 0.41
CA GLU A 60 11.02 -2.61 1.70
C GLU A 60 10.80 -4.03 2.27
N MET A 61 9.66 -4.65 1.94
CA MET A 61 9.37 -6.09 2.14
C MET A 61 8.57 -6.62 0.94
N SER A 62 8.88 -7.80 0.43
CA SER A 62 8.15 -8.41 -0.71
C SER A 62 6.72 -8.77 -0.33
N ASN A 63 5.82 -8.96 -1.30
CA ASN A 63 4.37 -9.07 -1.05
C ASN A 63 3.95 -10.33 -0.29
N GLU A 64 4.78 -11.38 -0.29
CA GLU A 64 4.63 -12.51 0.64
C GLU A 64 4.90 -12.09 2.10
N GLU A 65 5.95 -11.30 2.32
CA GLU A 65 6.34 -10.82 3.66
C GLU A 65 5.37 -9.76 4.18
N ILE A 66 5.01 -8.75 3.35
CA ILE A 66 3.99 -7.76 3.69
C ILE A 66 2.53 -8.22 3.51
N ASN A 67 2.34 -9.51 3.38
CA ASN A 67 1.07 -10.19 3.71
C ASN A 67 1.16 -11.10 4.96
N GLU A 68 2.30 -11.75 5.19
CA GLU A 68 2.59 -12.50 6.42
C GLU A 68 2.65 -11.62 7.68
N GLU A 69 3.10 -10.37 7.55
CA GLU A 69 3.21 -9.41 8.66
C GLU A 69 1.86 -9.13 9.34
N LEU A 70 0.76 -9.20 8.58
CA LEU A 70 -0.61 -8.98 9.06
C LEU A 70 -1.41 -10.29 9.18
N GLY A 71 -1.08 -11.28 8.34
CA GLY A 71 -1.75 -12.59 8.27
C GLY A 71 -2.93 -12.58 7.29
N ILE A 72 -2.74 -12.00 6.10
CA ILE A 72 -3.77 -11.72 5.09
C ILE A 72 -3.44 -12.33 3.72
N GLY A 73 -4.45 -12.39 2.84
CA GLY A 73 -4.38 -13.03 1.52
C GLY A 73 -4.38 -12.04 0.35
N GLN A 74 -3.26 -11.33 0.14
CA GLN A 74 -3.06 -10.48 -1.05
C GLN A 74 -2.74 -11.32 -2.31
N ASP A 75 -2.65 -10.64 -3.47
CA ASP A 75 -2.40 -11.25 -4.78
C ASP A 75 -1.02 -11.94 -4.87
N GLU A 76 -0.04 -11.44 -4.13
CA GLU A 76 1.33 -11.93 -3.90
C GLU A 76 2.25 -11.99 -5.12
N ALA A 77 1.84 -12.71 -6.16
CA ALA A 77 2.61 -12.95 -7.39
C ALA A 77 1.72 -13.29 -8.60
N ASP A 78 0.80 -14.25 -8.43
CA ASP A 78 0.02 -14.90 -9.51
C ASP A 78 0.89 -15.55 -10.63
N ALA A 79 2.19 -15.73 -10.38
CA ALA A 79 3.17 -16.36 -11.27
C ALA A 79 2.93 -17.88 -11.49
N ALA B 1 -6.58 3.65 -3.92
CA ALA B 1 -5.61 2.65 -3.45
C ALA B 1 -6.14 1.83 -2.25
N ARG B 2 -6.74 0.65 -2.48
CA ARG B 2 -7.00 -0.36 -1.44
C ARG B 2 -5.68 -0.86 -0.83
N THR B 3 -5.66 -1.21 0.46
CA THR B 3 -4.40 -1.60 1.14
C THR B 3 -4.59 -2.27 2.52
N GLN B 5 -3.20 -2.61 6.88
CA GLN B 5 -2.96 -1.73 8.05
C GLN B 5 -2.19 -2.47 9.16
N THR B 6 -0.85 -2.34 9.14
CA THR B 6 0.06 -3.04 10.07
C THR B 6 -0.16 -2.70 11.55
N ALA B 7 -0.24 -3.73 12.39
CA ALA B 7 -0.35 -3.62 13.86
C ALA B 7 1.00 -3.73 14.60
N ARG B 8 2.03 -4.28 13.93
CA ARG B 8 3.38 -4.53 14.49
C ARG B 8 4.26 -3.26 14.45
N TYR B 9 3.84 -2.24 15.19
CA TYR B 9 4.48 -0.92 15.27
C TYR B 9 4.33 -0.28 16.67
N GLY A 1 -7.51 2.99 -9.92
CA GLY A 1 -7.53 2.12 -11.12
C GLY A 1 -8.23 0.81 -10.84
N SER A 2 -9.28 0.48 -11.60
CA SER A 2 -10.22 -0.63 -11.29
C SER A 2 -9.64 -2.05 -11.32
N ARG A 3 -8.45 -2.20 -11.91
CA ARG A 3 -7.64 -3.44 -11.89
C ARG A 3 -6.96 -3.69 -10.53
N ARG A 4 -6.71 -2.63 -9.74
CA ARG A 4 -6.19 -2.67 -8.37
C ARG A 4 -7.20 -2.29 -7.28
N ALA A 5 -8.36 -1.76 -7.67
CA ALA A 5 -9.60 -1.66 -6.86
C ALA A 5 -9.48 -0.76 -5.60
N SER A 6 -10.33 -1.01 -4.61
CA SER A 6 -10.44 -0.25 -3.34
C SER A 6 -10.60 -1.14 -2.10
N VAL A 7 -10.66 -0.51 -0.91
CA VAL A 7 -10.85 -1.16 0.40
C VAL A 7 -11.50 -0.20 1.42
N GLY A 8 -12.15 -0.76 2.44
CA GLY A 8 -12.63 -0.07 3.66
C GLY A 8 -11.74 -0.35 4.88
N SER A 9 -10.43 -0.08 4.79
CA SER A 9 -9.43 -0.34 5.83
C SER A 9 -9.58 0.59 7.05
N GLU A 10 -9.00 0.15 8.17
CA GLU A 10 -8.90 0.91 9.43
C GLU A 10 -7.68 1.85 9.43
N PHE A 11 -7.79 2.95 10.19
CA PHE A 11 -6.77 4.01 10.22
C PHE A 11 -5.47 3.60 10.94
N THR A 12 -5.59 3.05 12.17
CA THR A 12 -4.48 2.76 13.11
C THR A 12 -3.52 3.96 13.31
N GLU A 13 -2.26 3.73 13.65
CA GLU A 13 -1.21 4.77 13.79
C GLU A 13 -0.33 4.90 12.54
N SER A 14 -0.03 3.77 11.88
CA SER A 14 0.69 3.66 10.60
C SER A 14 0.27 2.40 9.83
N ALA A 15 0.04 2.55 8.52
CA ALA A 15 -0.53 1.54 7.62
C ALA A 15 0.34 1.36 6.35
N TRP A 16 -0.10 0.56 5.38
CA TRP A 16 0.43 0.57 4.01
C TRP A 16 -0.52 1.26 3.02
N VAL A 17 -0.03 1.49 1.81
CA VAL A 17 -0.81 1.93 0.63
C VAL A 17 -0.25 1.28 -0.64
N ARG A 18 -1.12 0.92 -1.58
CA ARG A 18 -0.76 0.36 -2.90
C ARG A 18 -0.70 1.44 -4.00
N CYS A 19 0.16 1.25 -5.00
CA CYS A 19 0.20 2.07 -6.21
C CYS A 19 -0.98 1.76 -7.16
N ASP A 20 -1.75 2.80 -7.53
CA ASP A 20 -2.78 2.77 -8.57
C ASP A 20 -2.23 2.68 -10.02
N ASP A 21 -0.93 2.84 -10.25
CA ASP A 21 -0.32 2.84 -11.60
C ASP A 21 0.50 1.57 -11.92
N CYS A 22 1.13 0.97 -10.90
CA CYS A 22 1.62 -0.41 -10.94
C CYS A 22 0.84 -1.29 -9.93
N PHE A 23 1.47 -1.62 -8.81
CA PHE A 23 0.98 -2.48 -7.72
C PHE A 23 1.82 -2.46 -6.42
N LYS A 24 2.94 -1.74 -6.41
CA LYS A 24 3.89 -1.56 -5.29
C LYS A 24 3.20 -1.20 -3.97
N TRP A 25 3.82 -1.58 -2.86
CA TRP A 25 3.42 -1.20 -1.50
C TRP A 25 4.38 -0.18 -0.86
N ARG A 26 3.85 0.68 0.01
CA ARG A 26 4.62 1.62 0.83
C ARG A 26 4.01 1.80 2.21
N ARG A 27 4.85 1.80 3.26
CA ARG A 27 4.47 2.04 4.66
C ARG A 27 4.35 3.55 4.90
N ILE A 28 3.19 3.99 5.39
CA ILE A 28 2.77 5.38 5.60
C ILE A 28 2.23 5.61 7.02
N PRO A 29 2.26 6.84 7.56
CA PRO A 29 1.48 7.18 8.74
C PRO A 29 -0.02 7.17 8.43
N ALA A 30 -0.84 6.86 9.43
CA ALA A 30 -2.31 6.93 9.32
C ALA A 30 -2.87 8.29 8.89
N SER A 31 -2.13 9.38 9.07
CA SER A 31 -2.50 10.72 8.56
C SER A 31 -2.59 10.76 7.03
N VAL A 32 -1.88 9.87 6.33
CA VAL A 32 -2.01 9.69 4.87
C VAL A 32 -3.11 8.69 4.56
N VAL A 33 -3.24 7.60 5.32
CA VAL A 33 -4.28 6.59 5.05
C VAL A 33 -5.71 7.13 5.28
N GLY A 34 -5.83 8.19 6.07
CA GLY A 34 -7.08 8.95 6.27
C GLY A 34 -7.36 10.00 5.18
N SER A 35 -6.32 10.44 4.45
CA SER A 35 -6.43 11.37 3.30
C SER A 35 -6.74 10.63 1.98
N ILE A 36 -6.08 9.50 1.76
CA ILE A 36 -6.28 8.59 0.61
C ILE A 36 -7.67 7.93 0.71
N ASP A 37 -8.39 7.90 -0.40
CA ASP A 37 -9.80 7.46 -0.50
C ASP A 37 -10.09 6.76 -1.85
N GLU A 38 -11.33 6.30 -2.05
CA GLU A 38 -11.82 5.79 -3.33
C GLU A 38 -11.77 6.84 -4.46
N SER A 39 -11.71 8.14 -4.13
CA SER A 39 -11.52 9.24 -5.10
C SER A 39 -10.04 9.51 -5.43
N SER A 40 -9.09 8.98 -4.64
CA SER A 40 -7.65 9.18 -4.79
C SER A 40 -7.02 8.26 -5.85
N ARG A 41 -5.79 8.62 -6.26
CA ARG A 41 -4.89 7.80 -7.08
C ARG A 41 -3.45 7.87 -6.55
N TRP A 42 -3.19 7.16 -5.44
CA TRP A 42 -1.88 7.15 -4.81
C TRP A 42 -0.90 6.30 -5.64
N ILE A 43 0.28 6.84 -5.95
CA ILE A 43 1.29 6.17 -6.80
C ILE A 43 2.72 6.42 -6.31
N CYS A 44 3.67 5.61 -6.79
CA CYS A 44 5.09 5.77 -6.53
C CYS A 44 5.61 7.21 -6.82
N MET A 45 5.24 7.84 -7.95
CA MET A 45 5.78 9.18 -8.29
C MET A 45 5.36 10.27 -7.28
N ASN A 46 4.26 10.05 -6.56
CA ASN A 46 3.73 10.91 -5.49
C ASN A 46 4.38 10.64 -4.11
N ASN A 47 5.08 9.51 -3.95
CA ASN A 47 5.64 9.03 -2.69
C ASN A 47 6.56 10.06 -2.02
N SER A 48 6.38 10.25 -0.72
CA SER A 48 7.24 11.04 0.16
C SER A 48 8.70 10.57 0.17
N ASP A 49 8.91 9.25 0.22
CA ASP A 49 10.22 8.62 0.35
C ASP A 49 10.91 8.46 -1.00
N LYS A 50 11.87 9.35 -1.29
CA LYS A 50 12.62 9.42 -2.56
C LYS A 50 13.44 8.16 -2.88
N ARG A 51 13.69 7.31 -1.86
CA ARG A 51 14.28 5.97 -1.97
C ARG A 51 13.38 4.96 -2.70
N PHE A 52 12.07 5.20 -2.70
CA PHE A 52 11.05 4.30 -3.23
C PHE A 52 9.96 5.03 -4.07
N ALA A 53 10.26 6.22 -4.60
CA ALA A 53 9.32 7.11 -5.28
C ALA A 53 9.28 6.98 -6.81
N ASP A 54 9.47 5.76 -7.33
CA ASP A 54 9.31 5.40 -8.73
C ASP A 54 8.78 3.97 -8.86
N CYS A 55 7.96 3.71 -9.89
CA CYS A 55 7.53 2.36 -10.25
C CYS A 55 8.74 1.41 -10.53
N SER A 56 9.94 1.97 -10.79
CA SER A 56 11.19 1.25 -11.02
C SER A 56 12.01 0.96 -9.75
N LYS A 57 11.76 1.68 -8.64
CA LYS A 57 12.47 1.53 -7.35
C LYS A 57 12.15 0.21 -6.60
N SER A 58 12.82 0.00 -5.46
CA SER A 58 12.65 -1.15 -4.56
C SER A 58 11.39 -1.03 -3.65
N GLN A 59 11.29 -1.87 -2.63
CA GLN A 59 10.22 -1.95 -1.62
C GLN A 59 10.81 -2.42 -0.27
N GLU A 60 10.27 -1.97 0.88
CA GLU A 60 10.86 -2.29 2.20
C GLU A 60 10.65 -3.75 2.64
N MET A 61 9.62 -4.42 2.11
CA MET A 61 9.39 -5.87 2.27
C MET A 61 8.81 -6.44 0.97
N SER A 62 9.21 -7.62 0.51
CA SER A 62 8.54 -8.25 -0.65
C SER A 62 7.11 -8.65 -0.29
N ASN A 63 6.23 -8.83 -1.28
CA ASN A 63 4.79 -8.98 -1.05
C ASN A 63 4.48 -10.22 -0.20
N GLU A 64 5.27 -11.29 -0.36
CA GLU A 64 5.23 -12.55 0.41
C GLU A 64 5.78 -12.44 1.85
N GLU A 65 6.44 -11.32 2.19
CA GLU A 65 6.98 -11.03 3.52
C GLU A 65 6.04 -10.10 4.30
N ILE A 66 5.49 -9.06 3.65
CA ILE A 66 4.51 -8.16 4.27
C ILE A 66 3.17 -8.85 4.52
N ASN A 67 2.59 -9.51 3.52
CA ASN A 67 1.29 -10.19 3.68
C ASN A 67 1.26 -11.22 4.83
N GLU A 68 2.41 -11.80 5.20
CA GLU A 68 2.64 -12.64 6.39
C GLU A 68 2.59 -11.88 7.73
N GLU A 69 3.06 -10.62 7.78
CA GLU A 69 2.96 -9.75 8.97
C GLU A 69 1.49 -9.39 9.29
N LEU A 70 0.69 -9.14 8.25
CA LEU A 70 -0.75 -8.86 8.34
C LEU A 70 -1.58 -10.14 8.52
N GLY A 71 -1.15 -11.24 7.89
CA GLY A 71 -1.82 -12.54 7.90
C GLY A 71 -2.96 -12.65 6.87
N ILE A 72 -2.70 -12.23 5.62
CA ILE A 72 -3.72 -11.97 4.58
C ILE A 72 -3.38 -12.58 3.21
N GLY A 73 -4.39 -12.64 2.34
CA GLY A 73 -4.35 -13.26 1.01
C GLY A 73 -4.15 -12.29 -0.16
N GLN A 74 -3.06 -11.52 -0.15
CA GLN A 74 -2.66 -10.67 -1.29
C GLN A 74 -2.22 -11.50 -2.52
N ASP A 75 -1.97 -10.82 -3.64
CA ASP A 75 -1.58 -11.42 -4.93
C ASP A 75 -0.29 -12.28 -4.84
N GLU A 76 0.62 -11.89 -3.94
CA GLU A 76 1.90 -12.52 -3.58
C GLU A 76 2.92 -12.63 -4.73
N ALA A 77 2.58 -13.40 -5.75
CA ALA A 77 3.33 -13.51 -7.01
C ALA A 77 2.49 -14.11 -8.17
N ASP A 78 1.83 -15.24 -7.93
CA ASP A 78 1.00 -15.94 -8.94
C ASP A 78 -0.42 -15.34 -9.14
N ALA A 79 -0.72 -14.25 -8.45
CA ALA A 79 -1.94 -13.43 -8.54
C ALA A 79 -3.28 -14.24 -8.55
N ALA B 1 -6.43 2.38 -4.81
CA ALA B 1 -6.00 0.96 -4.87
C ALA B 1 -6.35 0.21 -3.57
N ARG B 2 -6.55 -1.12 -3.68
CA ARG B 2 -6.73 -2.08 -2.56
C ARG B 2 -5.54 -2.02 -1.59
N THR B 3 -5.79 -1.94 -0.28
CA THR B 3 -4.74 -2.01 0.75
C THR B 3 -5.23 -2.54 2.11
N GLN B 5 -3.77 -2.56 6.82
CA GLN B 5 -3.02 -1.91 7.89
C GLN B 5 -2.35 -2.89 8.87
N THR B 6 -1.04 -2.74 9.02
CA THR B 6 -0.17 -3.58 9.88
C THR B 6 -0.39 -3.34 11.37
N ALA B 7 -0.60 -2.08 11.78
CA ALA B 7 -0.65 -1.61 13.17
C ALA B 7 0.63 -1.88 14.01
N ARG B 8 1.71 -2.35 13.37
CA ARG B 8 3.05 -2.59 13.93
C ARG B 8 3.84 -1.29 13.91
N TYR B 9 3.65 -0.48 14.94
CA TYR B 9 4.24 0.87 15.10
C TYR B 9 4.52 1.20 16.58
N GLY A 1 -5.47 2.73 -19.19
CA GLY A 1 -6.50 2.65 -18.12
C GLY A 1 -6.17 1.56 -17.10
N SER A 2 -6.84 1.60 -15.94
CA SER A 2 -6.65 0.67 -14.82
C SER A 2 -7.97 0.10 -14.28
N ARG A 3 -7.91 -1.11 -13.71
CA ARG A 3 -9.02 -1.89 -13.12
C ARG A 3 -8.63 -2.50 -11.76
N ARG A 4 -8.09 -1.66 -10.87
CA ARG A 4 -7.59 -2.05 -9.54
C ARG A 4 -8.72 -2.55 -8.61
N ALA A 5 -8.36 -3.36 -7.62
CA ALA A 5 -9.24 -3.66 -6.47
C ALA A 5 -9.43 -2.41 -5.59
N SER A 6 -10.51 -2.40 -4.79
CA SER A 6 -11.02 -1.23 -4.06
C SER A 6 -10.76 -1.26 -2.54
N VAL A 7 -11.13 -0.17 -1.85
CA VAL A 7 -11.06 -0.01 -0.39
C VAL A 7 -12.16 0.92 0.16
N GLY A 8 -12.51 0.75 1.43
CA GLY A 8 -13.31 1.67 2.24
C GLY A 8 -12.41 2.36 3.27
N SER A 9 -11.94 3.56 2.95
CA SER A 9 -10.95 4.33 3.72
C SER A 9 -11.41 4.70 5.14
N GLU A 10 -10.44 4.69 6.06
CA GLU A 10 -10.53 5.07 7.48
C GLU A 10 -9.12 5.37 8.04
N PHE A 11 -9.01 6.00 9.21
CA PHE A 11 -7.71 6.34 9.83
C PHE A 11 -7.08 5.15 10.57
N THR A 12 -7.53 4.84 11.79
CA THR A 12 -6.90 3.87 12.72
C THR A 12 -5.42 4.16 13.02
N GLU A 13 -4.60 3.11 13.05
CA GLU A 13 -3.14 3.11 13.24
C GLU A 13 -2.39 2.77 11.92
N SER A 14 -1.05 2.88 11.89
CA SER A 14 -0.23 2.88 10.66
C SER A 14 -0.52 1.75 9.65
N ALA A 15 -0.43 2.08 8.37
CA ALA A 15 -0.84 1.25 7.24
C ALA A 15 0.22 1.14 6.13
N TRP A 16 -0.10 0.41 5.05
CA TRP A 16 0.69 0.42 3.81
C TRP A 16 -0.19 0.63 2.59
N VAL A 17 0.29 1.44 1.67
CA VAL A 17 -0.51 1.96 0.53
C VAL A 17 0.02 1.44 -0.80
N ARG A 18 -0.91 1.05 -1.68
CA ARG A 18 -0.59 0.53 -3.01
C ARG A 18 -0.50 1.64 -4.04
N CYS A 19 0.42 1.51 -4.98
CA CYS A 19 0.46 2.28 -6.20
C CYS A 19 -0.74 1.93 -7.12
N ASP A 20 -1.52 2.94 -7.50
CA ASP A 20 -2.56 2.87 -8.53
C ASP A 20 -2.00 2.78 -9.97
N ASP A 21 -0.70 3.04 -10.20
CA ASP A 21 -0.07 3.01 -11.54
C ASP A 21 0.71 1.71 -11.80
N CYS A 22 1.24 1.08 -10.74
CA CYS A 22 1.65 -0.32 -10.72
C CYS A 22 0.91 -1.11 -9.61
N PHE A 23 1.62 -1.40 -8.52
CA PHE A 23 1.20 -2.21 -7.37
C PHE A 23 2.13 -2.20 -6.15
N LYS A 24 3.29 -1.53 -6.23
CA LYS A 24 4.23 -1.39 -5.10
C LYS A 24 3.55 -0.88 -3.83
N TRP A 25 3.98 -1.43 -2.70
CA TRP A 25 3.58 -1.01 -1.35
C TRP A 25 4.60 -0.04 -0.73
N ARG A 26 4.11 0.86 0.14
CA ARG A 26 4.91 1.75 1.01
C ARG A 26 4.23 1.93 2.37
N ARG A 27 5.00 1.88 3.47
CA ARG A 27 4.55 2.08 4.86
C ARG A 27 4.26 3.56 5.10
N ILE A 28 3.07 3.88 5.59
CA ILE A 28 2.56 5.23 5.85
C ILE A 28 1.91 5.33 7.23
N PRO A 29 1.86 6.53 7.84
CA PRO A 29 1.01 6.76 9.00
C PRO A 29 -0.47 6.78 8.59
N ALA A 30 -1.34 6.42 9.53
CA ALA A 30 -2.81 6.50 9.40
C ALA A 30 -3.35 7.86 8.96
N SER A 31 -2.63 8.96 9.24
CA SER A 31 -2.98 10.31 8.78
C SER A 31 -3.00 10.43 7.26
N VAL A 32 -2.24 9.58 6.55
CA VAL A 32 -2.29 9.45 5.09
C VAL A 32 -3.33 8.43 4.67
N VAL A 33 -3.45 7.30 5.37
CA VAL A 33 -4.41 6.25 4.95
C VAL A 33 -5.87 6.67 5.11
N GLY A 34 -6.13 7.67 5.96
CA GLY A 34 -7.44 8.33 6.11
C GLY A 34 -7.67 9.49 5.13
N SER A 35 -6.61 10.01 4.50
CA SER A 35 -6.67 11.04 3.45
C SER A 35 -6.80 10.44 2.04
N ILE A 36 -6.10 9.32 1.79
CA ILE A 36 -6.20 8.50 0.58
C ILE A 36 -7.57 7.81 0.56
N ASP A 37 -8.37 8.11 -0.47
CA ASP A 37 -9.65 7.47 -0.80
C ASP A 37 -9.55 6.65 -2.09
N GLU A 38 -10.49 5.73 -2.33
CA GLU A 38 -10.53 4.96 -3.58
C GLU A 38 -10.82 5.82 -4.83
N SER A 39 -11.42 7.01 -4.63
CA SER A 39 -11.59 8.05 -5.66
C SER A 39 -10.26 8.74 -6.04
N SER A 40 -9.28 8.76 -5.12
CA SER A 40 -7.92 9.25 -5.35
C SER A 40 -7.01 8.18 -5.99
N ARG A 41 -5.80 8.58 -6.41
CA ARG A 41 -4.75 7.70 -6.95
C ARG A 41 -3.40 8.00 -6.30
N TRP A 42 -3.05 7.24 -5.26
CA TRP A 42 -1.71 7.26 -4.67
C TRP A 42 -0.75 6.45 -5.57
N ILE A 43 0.43 6.98 -5.88
CA ILE A 43 1.42 6.33 -6.77
C ILE A 43 2.86 6.52 -6.29
N CYS A 44 3.78 5.70 -6.80
CA CYS A 44 5.21 5.84 -6.59
C CYS A 44 5.72 7.28 -6.83
N MET A 45 5.35 7.95 -7.93
CA MET A 45 5.89 9.29 -8.25
C MET A 45 5.47 10.36 -7.22
N ASN A 46 4.39 10.12 -6.47
CA ASN A 46 3.90 10.96 -5.36
C ASN A 46 4.57 10.64 -4.01
N ASN A 47 5.25 9.49 -3.88
CA ASN A 47 5.84 8.99 -2.64
C ASN A 47 6.79 10.00 -1.99
N SER A 48 6.64 10.17 -0.68
CA SER A 48 7.54 10.96 0.18
C SER A 48 9.00 10.49 0.13
N ASP A 49 9.20 9.18 0.11
CA ASP A 49 10.54 8.56 0.18
C ASP A 49 11.15 8.41 -1.22
N LYS A 50 12.03 9.35 -1.57
CA LYS A 50 12.68 9.49 -2.89
C LYS A 50 13.53 8.28 -3.29
N ARG A 51 13.90 7.43 -2.32
CA ARG A 51 14.56 6.13 -2.52
C ARG A 51 13.68 5.09 -3.23
N PHE A 52 12.35 5.22 -3.13
CA PHE A 52 11.37 4.27 -3.66
C PHE A 52 10.26 4.91 -4.51
N ALA A 53 10.40 6.20 -4.83
CA ALA A 53 9.42 7.07 -5.48
C ALA A 53 9.36 6.94 -7.02
N ASP A 54 9.51 5.71 -7.53
CA ASP A 54 9.24 5.33 -8.92
C ASP A 54 8.81 3.86 -9.02
N CYS A 55 7.97 3.58 -10.02
CA CYS A 55 7.52 2.23 -10.38
C CYS A 55 8.71 1.29 -10.72
N SER A 56 9.88 1.86 -11.00
CA SER A 56 11.15 1.16 -11.31
C SER A 56 11.97 0.85 -10.06
N LYS A 57 11.69 1.52 -8.93
CA LYS A 57 12.42 1.31 -7.65
C LYS A 57 11.97 0.05 -6.89
N SER A 58 12.64 -0.19 -5.75
CA SER A 58 12.44 -1.34 -4.86
C SER A 58 11.34 -1.10 -3.81
N GLN A 59 11.34 -1.90 -2.74
CA GLN A 59 10.36 -1.95 -1.64
C GLN A 59 11.04 -2.47 -0.35
N GLU A 60 10.54 -2.13 0.85
CA GLU A 60 11.15 -2.61 2.11
C GLU A 60 11.04 -4.15 2.27
N MET A 61 9.90 -4.71 1.84
CA MET A 61 9.58 -6.15 1.93
C MET A 61 8.78 -6.58 0.69
N SER A 62 9.03 -7.77 0.13
CA SER A 62 8.24 -8.28 -0.99
C SER A 62 6.78 -8.54 -0.57
N ASN A 63 5.85 -8.58 -1.51
CA ASN A 63 4.42 -8.57 -1.19
C ASN A 63 3.99 -9.82 -0.38
N GLU A 64 4.68 -10.94 -0.58
CA GLU A 64 4.55 -12.21 0.17
C GLU A 64 5.25 -12.24 1.55
N GLU A 65 5.93 -11.16 1.94
CA GLU A 65 6.59 -10.97 3.25
C GLU A 65 5.85 -9.94 4.11
N ILE A 66 5.35 -8.84 3.52
CA ILE A 66 4.48 -7.87 4.21
C ILE A 66 3.13 -8.50 4.59
N ASN A 67 2.40 -9.14 3.66
CA ASN A 67 1.09 -9.77 3.95
C ASN A 67 1.13 -10.78 5.12
N GLU A 68 2.26 -11.43 5.36
CA GLU A 68 2.53 -12.31 6.51
C GLU A 68 2.61 -11.57 7.85
N GLU A 69 3.11 -10.33 7.89
CA GLU A 69 3.06 -9.45 9.08
C GLU A 69 1.61 -9.08 9.45
N LEU A 70 0.76 -8.84 8.44
CA LEU A 70 -0.66 -8.51 8.61
C LEU A 70 -1.51 -9.76 8.93
N GLY A 71 -1.04 -10.93 8.54
CA GLY A 71 -1.66 -12.25 8.78
C GLY A 71 -2.67 -12.66 7.72
N ILE A 72 -2.43 -12.27 6.46
CA ILE A 72 -3.36 -12.32 5.33
C ILE A 72 -2.68 -12.78 4.03
N GLY A 73 -3.48 -13.00 2.98
CA GLY A 73 -2.99 -13.36 1.63
C GLY A 73 -2.72 -12.16 0.71
N GLN A 74 -3.43 -11.05 0.91
CA GLN A 74 -3.75 -10.02 -0.09
C GLN A 74 -4.54 -10.56 -1.31
N ASP A 75 -5.21 -9.62 -1.96
CA ASP A 75 -6.14 -9.87 -3.07
C ASP A 75 -5.43 -10.01 -4.44
N GLU A 76 -4.27 -9.37 -4.59
CA GLU A 76 -3.42 -9.44 -5.78
C GLU A 76 -2.81 -10.84 -5.99
N ALA A 77 -2.42 -11.46 -4.88
CA ALA A 77 -1.96 -12.84 -4.79
C ALA A 77 -3.12 -13.85 -4.93
N ASP A 78 -4.23 -13.63 -4.22
CA ASP A 78 -5.45 -14.46 -4.26
C ASP A 78 -6.34 -14.18 -5.50
N ALA A 79 -5.71 -14.06 -6.68
CA ALA A 79 -6.36 -13.82 -7.98
C ALA A 79 -7.21 -15.02 -8.48
N ALA B 1 -6.70 2.50 -4.99
CA ALA B 1 -6.46 1.05 -4.94
C ALA B 1 -6.70 0.49 -3.54
N ARG B 2 -6.90 -0.84 -3.48
CA ARG B 2 -6.86 -1.71 -2.29
C ARG B 2 -5.66 -1.39 -1.37
N THR B 3 -5.85 -1.49 -0.05
CA THR B 3 -4.76 -1.30 0.94
C THR B 3 -5.00 -2.02 2.28
N GLN B 5 -3.54 -2.63 6.74
CA GLN B 5 -3.37 -1.85 7.98
C GLN B 5 -2.56 -2.62 9.03
N THR B 6 -1.25 -2.33 9.08
CA THR B 6 -0.24 -3.06 9.89
C THR B 6 -0.39 -2.91 11.39
N ALA B 7 -0.66 -1.70 11.88
CA ALA B 7 -0.53 -1.26 13.29
C ALA B 7 0.89 -1.36 13.93
N ARG B 8 1.73 -2.31 13.49
CA ARG B 8 3.11 -2.57 13.94
C ARG B 8 4.12 -1.50 13.45
N TYR B 9 4.01 -0.30 13.99
CA TYR B 9 4.95 0.83 13.79
C TYR B 9 5.19 1.62 15.09
N GLY A 1 -15.20 1.67 -9.79
CA GLY A 1 -14.90 0.50 -8.92
C GLY A 1 -13.40 0.27 -8.78
N SER A 2 -13.00 -0.99 -8.58
CA SER A 2 -11.59 -1.41 -8.44
C SER A 2 -11.40 -2.88 -8.85
N ARG A 3 -10.18 -3.23 -9.29
CA ARG A 3 -9.71 -4.62 -9.47
C ARG A 3 -9.77 -5.40 -8.16
N ARG A 4 -9.36 -4.79 -7.04
CA ARG A 4 -9.10 -5.44 -5.73
C ARG A 4 -9.95 -4.91 -4.56
N ALA A 5 -10.36 -3.64 -4.59
CA ALA A 5 -11.24 -2.96 -3.63
C ALA A 5 -10.74 -2.90 -2.15
N SER A 6 -11.40 -2.11 -1.31
CA SER A 6 -10.94 -1.77 0.05
C SER A 6 -10.83 -2.97 1.00
N VAL A 7 -9.94 -2.80 1.99
CA VAL A 7 -9.72 -3.73 3.12
C VAL A 7 -10.73 -3.47 4.25
N GLY A 8 -11.00 -4.48 5.08
CA GLY A 8 -12.09 -4.48 6.08
C GLY A 8 -12.02 -3.36 7.13
N SER A 9 -10.83 -3.15 7.71
CA SER A 9 -10.56 -2.11 8.72
C SER A 9 -9.07 -1.81 8.85
N GLU A 10 -8.73 -0.66 9.43
CA GLU A 10 -7.40 -0.33 9.93
C GLU A 10 -7.17 -0.93 11.33
N PHE A 11 -5.91 -1.12 11.73
CA PHE A 11 -5.52 -1.48 13.11
C PHE A 11 -5.26 -0.21 13.94
N THR A 12 -4.03 0.32 13.93
CA THR A 12 -3.68 1.63 14.52
C THR A 12 -2.34 2.17 14.00
N GLU A 13 -2.15 3.47 14.19
CA GLU A 13 -0.99 4.34 13.94
C GLU A 13 -0.41 4.40 12.51
N SER A 14 -0.26 3.26 11.82
CA SER A 14 0.39 3.12 10.52
C SER A 14 -0.37 2.15 9.60
N ALA A 15 -0.10 2.25 8.29
CA ALA A 15 -0.66 1.40 7.24
C ALA A 15 0.30 1.26 6.04
N TRP A 16 -0.05 0.43 5.06
CA TRP A 16 0.56 0.50 3.72
C TRP A 16 -0.31 1.30 2.74
N VAL A 17 0.20 1.47 1.52
CA VAL A 17 -0.56 1.94 0.34
C VAL A 17 -0.02 1.29 -0.94
N ARG A 18 -0.93 0.89 -1.84
CA ARG A 18 -0.61 0.37 -3.19
C ARG A 18 -0.53 1.52 -4.20
N CYS A 19 0.41 1.46 -5.14
CA CYS A 19 0.42 2.31 -6.31
C CYS A 19 -0.72 1.93 -7.29
N ASP A 20 -1.63 2.85 -7.57
CA ASP A 20 -2.64 2.68 -8.63
C ASP A 20 -2.08 2.68 -10.08
N ASP A 21 -0.83 3.13 -10.30
CA ASP A 21 -0.22 3.17 -11.64
C ASP A 21 0.56 1.88 -11.99
N CYS A 22 1.09 1.18 -10.97
CA CYS A 22 1.56 -0.19 -11.06
C CYS A 22 0.84 -1.11 -10.04
N PHE A 23 1.48 -1.37 -8.90
CA PHE A 23 1.00 -2.16 -7.75
C PHE A 23 1.94 -2.15 -6.51
N LYS A 24 3.15 -1.60 -6.63
CA LYS A 24 4.18 -1.48 -5.58
C LYS A 24 3.61 -0.97 -4.25
N TRP A 25 4.19 -1.43 -3.15
CA TRP A 25 3.73 -1.13 -1.79
C TRP A 25 4.66 -0.20 -1.02
N ARG A 26 4.11 0.64 -0.13
CA ARG A 26 4.85 1.58 0.72
C ARG A 26 4.21 1.74 2.09
N ARG A 27 5.03 1.81 3.15
CA ARG A 27 4.60 2.02 4.55
C ARG A 27 4.39 3.52 4.81
N ILE A 28 3.22 3.87 5.31
CA ILE A 28 2.75 5.24 5.60
C ILE A 28 2.18 5.34 7.03
N PRO A 29 2.11 6.54 7.64
CA PRO A 29 1.25 6.75 8.80
C PRO A 29 -0.23 6.63 8.41
N ALA A 30 -1.08 6.14 9.33
CA ALA A 30 -2.52 6.04 9.14
C ALA A 30 -3.22 7.40 8.87
N SER A 31 -2.59 8.51 9.21
CA SER A 31 -3.04 9.87 8.84
C SER A 31 -3.06 10.09 7.31
N VAL A 32 -2.23 9.36 6.56
CA VAL A 32 -2.26 9.36 5.08
C VAL A 32 -3.30 8.35 4.58
N VAL A 33 -3.44 7.19 5.24
CA VAL A 33 -4.45 6.20 4.83
C VAL A 33 -5.89 6.68 5.06
N GLY A 34 -6.08 7.67 5.94
CA GLY A 34 -7.34 8.40 6.13
C GLY A 34 -7.58 9.53 5.12
N SER A 35 -6.51 10.07 4.51
CA SER A 35 -6.56 11.11 3.47
C SER A 35 -6.75 10.51 2.06
N ILE A 36 -6.09 9.39 1.79
CA ILE A 36 -6.23 8.57 0.58
C ILE A 36 -7.61 7.86 0.64
N ASP A 37 -8.47 8.13 -0.34
CA ASP A 37 -9.70 7.35 -0.58
C ASP A 37 -9.37 6.07 -1.36
N GLU A 38 -10.25 5.05 -1.28
CA GLU A 38 -10.10 3.81 -2.07
C GLU A 38 -10.09 4.07 -3.59
N SER A 39 -10.83 5.08 -4.04
CA SER A 39 -10.86 5.56 -5.42
C SER A 39 -9.71 6.54 -5.78
N SER A 40 -8.92 7.00 -4.81
CA SER A 40 -7.82 7.96 -5.05
C SER A 40 -6.58 7.29 -5.62
N ARG A 41 -5.88 8.04 -6.49
CA ARG A 41 -4.70 7.62 -7.24
C ARG A 41 -3.40 7.99 -6.51
N TRP A 42 -3.14 7.31 -5.39
CA TRP A 42 -1.81 7.31 -4.78
C TRP A 42 -0.86 6.48 -5.66
N ILE A 43 0.33 7.01 -5.97
CA ILE A 43 1.32 6.37 -6.85
C ILE A 43 2.77 6.57 -6.36
N CYS A 44 3.70 5.77 -6.86
CA CYS A 44 5.13 5.89 -6.59
C CYS A 44 5.68 7.32 -6.81
N MET A 45 5.34 8.01 -7.91
CA MET A 45 5.92 9.34 -8.21
C MET A 45 5.52 10.39 -7.15
N ASN A 46 4.39 10.19 -6.47
CA ASN A 46 3.88 11.04 -5.38
C ASN A 46 4.51 10.72 -4.00
N ASN A 47 5.19 9.56 -3.88
CA ASN A 47 5.73 9.03 -2.63
C ASN A 47 6.65 10.04 -1.92
N SER A 48 6.46 10.18 -0.60
CA SER A 48 7.33 10.95 0.29
C SER A 48 8.79 10.46 0.30
N ASP A 49 8.98 9.15 0.30
CA ASP A 49 10.30 8.52 0.43
C ASP A 49 11.01 8.38 -0.92
N LYS A 50 11.93 9.31 -1.18
CA LYS A 50 12.70 9.43 -2.45
C LYS A 50 13.56 8.20 -2.77
N ARG A 51 13.81 7.35 -1.78
CA ARG A 51 14.45 6.02 -1.93
C ARG A 51 13.61 5.03 -2.75
N PHE A 52 12.28 5.22 -2.77
CA PHE A 52 11.32 4.30 -3.39
C PHE A 52 10.27 4.97 -4.31
N ALA A 53 10.42 6.25 -4.61
CA ALA A 53 9.44 7.14 -5.26
C ALA A 53 9.40 7.06 -6.80
N ASP A 54 9.53 5.85 -7.33
CA ASP A 54 9.31 5.51 -8.74
C ASP A 54 8.75 4.08 -8.90
N CYS A 55 7.97 3.86 -9.95
CA CYS A 55 7.49 2.54 -10.38
C CYS A 55 8.67 1.56 -10.68
N SER A 56 9.86 2.12 -10.95
CA SER A 56 11.12 1.39 -11.21
C SER A 56 11.87 1.02 -9.93
N LYS A 57 11.59 1.71 -8.81
CA LYS A 57 12.19 1.44 -7.50
C LYS A 57 11.54 0.25 -6.78
N SER A 58 12.19 -0.18 -5.69
CA SER A 58 11.82 -1.35 -4.89
C SER A 58 10.87 -0.98 -3.73
N GLN A 59 10.79 -1.83 -2.69
CA GLN A 59 10.07 -1.66 -1.43
C GLN A 59 10.77 -2.42 -0.28
N GLU A 60 10.42 -2.09 0.97
CA GLU A 60 11.09 -2.62 2.17
C GLU A 60 10.86 -4.11 2.44
N MET A 61 9.74 -4.68 1.97
CA MET A 61 9.42 -6.13 2.11
C MET A 61 8.66 -6.66 0.89
N SER A 62 9.02 -7.84 0.38
CA SER A 62 8.30 -8.50 -0.73
C SER A 62 6.87 -8.83 -0.35
N ASN A 63 5.98 -8.99 -1.34
CA ASN A 63 4.52 -8.98 -1.10
C ASN A 63 4.06 -10.11 -0.16
N GLU A 64 4.74 -11.26 -0.21
CA GLU A 64 4.51 -12.44 0.64
C GLU A 64 5.13 -12.30 2.06
N GLU A 65 6.07 -11.38 2.24
CA GLU A 65 6.69 -11.05 3.53
C GLU A 65 5.89 -9.97 4.27
N ILE A 66 5.41 -8.93 3.58
CA ILE A 66 4.50 -7.94 4.17
C ILE A 66 3.15 -8.58 4.55
N ASN A 67 2.40 -9.18 3.63
CA ASN A 67 1.04 -9.68 3.94
C ASN A 67 0.99 -10.68 5.13
N GLU A 68 2.07 -11.43 5.37
CA GLU A 68 2.30 -12.29 6.54
C GLU A 68 2.42 -11.52 7.89
N GLU A 69 2.93 -10.29 7.87
CA GLU A 69 3.04 -9.40 9.04
C GLU A 69 1.67 -9.10 9.67
N LEU A 70 0.62 -9.00 8.84
CA LEU A 70 -0.77 -8.81 9.28
C LEU A 70 -1.54 -10.13 9.38
N GLY A 71 -1.22 -11.09 8.51
CA GLY A 71 -1.86 -12.41 8.42
C GLY A 71 -3.00 -12.46 7.40
N ILE A 72 -2.80 -11.80 6.24
CA ILE A 72 -3.81 -11.56 5.19
C ILE A 72 -3.30 -11.96 3.80
N GLY A 73 -4.16 -11.83 2.78
CA GLY A 73 -3.86 -12.04 1.38
C GLY A 73 -4.01 -10.75 0.58
N GLN A 74 -3.60 -10.89 -0.67
CA GLN A 74 -3.35 -9.85 -1.66
C GLN A 74 -3.54 -10.34 -3.11
N ASP A 75 -3.32 -9.43 -4.07
CA ASP A 75 -3.20 -9.71 -5.51
C ASP A 75 -1.96 -10.57 -5.86
N GLU A 76 -0.97 -10.60 -4.96
CA GLU A 76 0.35 -11.24 -5.05
C GLU A 76 1.25 -10.71 -6.16
N ALA A 77 0.82 -10.88 -7.40
CA ALA A 77 1.43 -10.33 -8.62
C ALA A 77 0.49 -10.42 -9.84
N ASP A 78 -0.08 -11.61 -10.10
CA ASP A 78 -0.81 -11.96 -11.32
C ASP A 78 -0.03 -11.72 -12.64
N ALA A 79 1.30 -11.55 -12.55
CA ALA A 79 2.23 -11.36 -13.66
C ALA A 79 2.37 -12.62 -14.56
N ALA B 1 -7.53 1.33 -5.14
CA ALA B 1 -6.35 1.07 -4.29
C ALA B 1 -6.24 -0.38 -3.83
N ARG B 2 -6.96 -0.82 -2.76
CA ARG B 2 -6.64 -1.97 -1.88
C ARG B 2 -5.33 -1.78 -1.11
N THR B 3 -5.30 -2.03 0.21
CA THR B 3 -4.02 -2.09 0.95
C THR B 3 -4.06 -2.88 2.29
N GLN B 5 -2.63 -2.60 6.81
CA GLN B 5 -2.81 -1.73 7.99
C GLN B 5 -1.85 -2.03 9.17
N THR B 6 -0.56 -2.22 8.90
CA THR B 6 0.44 -2.69 9.89
C THR B 6 0.55 -1.79 11.12
N ALA B 7 0.29 -2.36 12.30
CA ALA B 7 0.45 -1.69 13.59
C ALA B 7 1.91 -1.63 14.09
N ARG B 8 2.83 -2.36 13.45
CA ARG B 8 4.28 -2.37 13.72
C ARG B 8 4.93 -1.08 13.16
N TYR B 9 4.76 0.00 13.91
CA TYR B 9 5.31 1.34 13.62
C TYR B 9 6.84 1.36 13.46
N GLY A 1 -7.75 -3.49 -18.17
CA GLY A 1 -7.32 -4.10 -16.90
C GLY A 1 -8.17 -3.61 -15.73
N SER A 2 -8.51 -4.50 -14.80
CA SER A 2 -9.30 -4.20 -13.60
C SER A 2 -8.49 -3.51 -12.49
N ARG A 3 -9.18 -3.08 -11.42
CA ARG A 3 -8.60 -2.57 -10.16
C ARG A 3 -7.80 -3.60 -9.34
N ARG A 4 -7.82 -4.88 -9.76
CA ARG A 4 -7.20 -6.08 -9.13
C ARG A 4 -7.83 -6.50 -7.80
N ALA A 5 -7.97 -5.58 -6.85
CA ALA A 5 -8.62 -5.78 -5.55
C ALA A 5 -9.09 -4.44 -4.93
N SER A 6 -10.08 -4.53 -4.04
CA SER A 6 -10.75 -3.42 -3.38
C SER A 6 -11.27 -3.77 -1.97
N VAL A 7 -11.70 -2.73 -1.24
CA VAL A 7 -12.21 -2.70 0.14
C VAL A 7 -11.26 -3.22 1.24
N GLY A 8 -11.58 -2.87 2.49
CA GLY A 8 -10.70 -2.96 3.66
C GLY A 8 -10.32 -1.54 4.14
N SER A 9 -10.43 -1.31 5.45
CA SER A 9 -10.41 0.02 6.08
C SER A 9 -9.50 0.08 7.32
N GLU A 10 -9.14 1.30 7.73
CA GLU A 10 -8.34 1.58 8.92
C GLU A 10 -9.04 1.21 10.24
N PHE A 11 -8.24 0.92 11.25
CA PHE A 11 -8.63 0.55 12.62
C PHE A 11 -7.58 0.99 13.65
N THR A 12 -6.30 0.70 13.36
CA THR A 12 -5.15 0.97 14.23
C THR A 12 -3.87 1.40 13.48
N GLU A 13 -3.26 2.45 14.02
CA GLU A 13 -1.89 2.93 13.73
C GLU A 13 -1.52 3.15 12.25
N SER A 14 -0.24 3.46 11.98
CA SER A 14 0.38 3.57 10.64
C SER A 14 0.11 2.33 9.76
N ALA A 15 0.08 2.54 8.44
CA ALA A 15 -0.42 1.54 7.48
C ALA A 15 0.43 1.50 6.20
N TRP A 16 0.07 0.64 5.25
CA TRP A 16 0.60 0.67 3.88
C TRP A 16 -0.32 1.42 2.90
N VAL A 17 0.13 1.54 1.65
CA VAL A 17 -0.65 1.98 0.48
C VAL A 17 -0.14 1.30 -0.80
N ARG A 18 -1.05 0.91 -1.69
CA ARG A 18 -0.73 0.38 -3.04
C ARG A 18 -0.51 1.53 -4.05
N CYS A 19 0.43 1.37 -4.97
CA CYS A 19 0.45 2.18 -6.19
C CYS A 19 -0.75 1.79 -7.09
N ASP A 20 -1.60 2.77 -7.39
CA ASP A 20 -2.71 2.67 -8.34
C ASP A 20 -2.26 2.52 -9.81
N ASP A 21 -0.96 2.70 -10.12
CA ASP A 21 -0.39 2.52 -11.46
C ASP A 21 0.44 1.21 -11.59
N CYS A 22 1.00 0.71 -10.48
CA CYS A 22 1.63 -0.60 -10.35
C CYS A 22 0.70 -1.57 -9.57
N PHE A 23 1.18 -1.94 -8.39
CA PHE A 23 0.69 -2.87 -7.37
C PHE A 23 1.67 -2.93 -6.16
N LYS A 24 2.91 -2.44 -6.36
CA LYS A 24 3.95 -2.08 -5.37
C LYS A 24 3.37 -1.37 -4.13
N TRP A 25 3.98 -1.56 -2.97
CA TRP A 25 3.50 -1.06 -1.68
C TRP A 25 4.48 -0.08 -1.01
N ARG A 26 3.98 0.77 -0.09
CA ARG A 26 4.79 1.66 0.77
C ARG A 26 4.16 1.84 2.14
N ARG A 27 4.97 1.83 3.20
CA ARG A 27 4.59 2.14 4.59
C ARG A 27 4.45 3.66 4.75
N ILE A 28 3.28 4.10 5.22
CA ILE A 28 2.86 5.50 5.43
C ILE A 28 2.29 5.70 6.85
N PRO A 29 2.30 6.92 7.39
CA PRO A 29 1.53 7.24 8.59
C PRO A 29 0.01 7.23 8.30
N ALA A 30 -0.77 6.90 9.32
CA ALA A 30 -2.24 6.88 9.28
C ALA A 30 -2.89 8.20 8.82
N SER A 31 -2.19 9.34 8.99
CA SER A 31 -2.64 10.65 8.48
C SER A 31 -2.73 10.69 6.95
N VAL A 32 -1.99 9.84 6.24
CA VAL A 32 -2.10 9.64 4.78
C VAL A 32 -3.12 8.56 4.46
N VAL A 33 -3.18 7.48 5.23
CA VAL A 33 -4.16 6.40 4.96
C VAL A 33 -5.61 6.85 5.16
N GLY A 34 -5.82 7.91 5.96
CA GLY A 34 -7.11 8.59 6.14
C GLY A 34 -7.45 9.60 5.04
N SER A 35 -6.45 10.05 4.26
CA SER A 35 -6.61 10.96 3.13
C SER A 35 -6.82 10.23 1.80
N ILE A 36 -6.10 9.11 1.60
CA ILE A 36 -6.19 8.25 0.42
C ILE A 36 -7.49 7.43 0.47
N ASP A 37 -8.35 7.62 -0.53
CA ASP A 37 -9.59 6.87 -0.77
C ASP A 37 -9.38 5.67 -1.72
N GLU A 38 -10.34 4.75 -1.77
CA GLU A 38 -10.38 3.65 -2.76
C GLU A 38 -10.28 4.19 -4.21
N SER A 39 -11.03 5.26 -4.50
CA SER A 39 -11.09 5.93 -5.80
C SER A 39 -9.94 6.93 -6.06
N SER A 40 -8.93 6.99 -5.18
CA SER A 40 -7.75 7.86 -5.32
C SER A 40 -6.77 7.38 -6.42
N ARG A 41 -5.64 8.09 -6.55
CA ARG A 41 -4.51 7.80 -7.45
C ARG A 41 -3.16 8.01 -6.79
N TRP A 42 -2.97 7.36 -5.63
CA TRP A 42 -1.67 7.31 -4.96
C TRP A 42 -0.71 6.41 -5.77
N ILE A 43 0.48 6.90 -6.09
CA ILE A 43 1.48 6.16 -6.88
C ILE A 43 2.91 6.39 -6.37
N CYS A 44 3.86 5.55 -6.78
CA CYS A 44 5.28 5.70 -6.49
C CYS A 44 5.80 7.13 -6.76
N MET A 45 5.47 7.75 -7.91
CA MET A 45 6.00 9.09 -8.25
C MET A 45 5.50 10.23 -7.34
N ASN A 46 4.45 9.97 -6.55
CA ASN A 46 3.92 10.87 -5.52
C ASN A 46 4.49 10.59 -4.11
N ASN A 47 5.17 9.45 -3.92
CA ASN A 47 5.67 8.97 -2.63
C ASN A 47 6.55 10.00 -1.89
N SER A 48 6.30 10.15 -0.59
CA SER A 48 7.12 10.94 0.34
C SER A 48 8.58 10.49 0.40
N ASP A 49 8.81 9.18 0.43
CA ASP A 49 10.14 8.58 0.59
C ASP A 49 10.88 8.46 -0.76
N LYS A 50 11.77 9.43 -1.01
CA LYS A 50 12.51 9.62 -2.27
C LYS A 50 13.39 8.43 -2.66
N ARG A 51 13.71 7.55 -1.71
CA ARG A 51 14.41 6.27 -1.91
C ARG A 51 13.59 5.25 -2.71
N PHE A 52 12.27 5.37 -2.70
CA PHE A 52 11.33 4.41 -3.31
C PHE A 52 10.25 5.07 -4.20
N ALA A 53 10.43 6.34 -4.54
CA ALA A 53 9.46 7.22 -5.18
C ALA A 53 9.50 7.22 -6.72
N ASP A 54 9.68 6.04 -7.30
CA ASP A 54 9.53 5.76 -8.74
C ASP A 54 8.89 4.40 -8.96
N CYS A 55 8.09 4.30 -10.03
CA CYS A 55 7.45 3.06 -10.45
C CYS A 55 8.47 1.93 -10.81
N SER A 56 9.76 2.29 -10.90
CA SER A 56 10.87 1.36 -11.10
C SER A 56 11.53 0.90 -9.78
N LYS A 57 11.29 1.59 -8.66
CA LYS A 57 11.90 1.29 -7.35
C LYS A 57 11.24 0.13 -6.59
N SER A 58 11.84 -0.18 -5.44
CA SER A 58 11.56 -1.29 -4.53
C SER A 58 10.66 -0.88 -3.34
N GLN A 59 10.60 -1.72 -2.30
CA GLN A 59 9.91 -1.45 -1.02
C GLN A 59 10.61 -2.18 0.15
N GLU A 60 10.25 -1.84 1.39
CA GLU A 60 10.87 -2.39 2.61
C GLU A 60 10.81 -3.94 2.72
N MET A 61 9.72 -4.54 2.23
CA MET A 61 9.45 -6.00 2.30
C MET A 61 8.67 -6.48 1.07
N SER A 62 9.04 -7.60 0.45
CA SER A 62 8.30 -8.17 -0.70
C SER A 62 6.90 -8.64 -0.31
N ASN A 63 6.05 -8.82 -1.33
CA ASN A 63 4.60 -9.04 -1.11
C ASN A 63 4.29 -10.36 -0.40
N GLU A 64 5.19 -11.35 -0.45
CA GLU A 64 5.12 -12.60 0.33
C GLU A 64 5.56 -12.45 1.80
N GLU A 65 6.07 -11.27 2.19
CA GLU A 65 6.37 -10.87 3.56
C GLU A 65 5.37 -9.81 4.07
N ILE A 66 5.05 -8.78 3.28
CA ILE A 66 4.02 -7.77 3.62
C ILE A 66 2.56 -8.22 3.37
N ASN A 67 2.38 -9.51 3.21
CA ASN A 67 1.10 -10.19 3.46
C ASN A 67 1.13 -11.06 4.75
N GLU A 68 2.24 -11.69 5.05
CA GLU A 68 2.48 -12.50 6.26
C GLU A 68 2.51 -11.66 7.55
N GLU A 69 3.00 -10.42 7.49
CA GLU A 69 3.05 -9.51 8.64
C GLU A 69 1.66 -9.23 9.25
N LEU A 70 0.62 -9.27 8.41
CA LEU A 70 -0.78 -9.09 8.82
C LEU A 70 -1.58 -10.41 8.86
N GLY A 71 -1.21 -11.37 8.01
CA GLY A 71 -1.89 -12.67 7.86
C GLY A 71 -2.99 -12.66 6.78
N ILE A 72 -2.78 -11.91 5.71
CA ILE A 72 -3.76 -11.63 4.64
C ILE A 72 -3.42 -12.35 3.33
N GLY A 73 -4.40 -12.37 2.41
CA GLY A 73 -4.38 -13.13 1.15
C GLY A 73 -4.31 -12.27 -0.11
N GLN A 74 -3.29 -11.40 -0.22
CA GLN A 74 -3.04 -10.58 -1.43
C GLN A 74 -2.67 -11.43 -2.65
N ASP A 75 -2.69 -10.80 -3.83
CA ASP A 75 -2.33 -11.40 -5.13
C ASP A 75 -0.84 -11.80 -5.25
N GLU A 76 0.01 -11.19 -4.42
CA GLU A 76 1.46 -11.37 -4.28
C GLU A 76 2.25 -11.01 -5.55
N ALA A 77 2.08 -11.79 -6.60
CA ALA A 77 2.67 -11.58 -7.92
C ALA A 77 1.97 -10.46 -8.69
N ASP A 78 0.64 -10.56 -8.81
CA ASP A 78 -0.23 -9.64 -9.58
C ASP A 78 0.21 -9.39 -11.04
N ALA A 79 1.07 -10.27 -11.59
CA ALA A 79 1.62 -10.22 -12.95
C ALA A 79 1.89 -11.64 -13.53
N ALA B 1 -7.31 1.79 -5.02
CA ALA B 1 -6.86 0.45 -4.60
C ALA B 1 -7.11 0.23 -3.11
N ARG B 2 -7.30 -1.04 -2.69
CA ARG B 2 -7.19 -1.44 -1.28
C ARG B 2 -5.76 -1.42 -0.76
N THR B 3 -5.59 -1.65 0.55
CA THR B 3 -4.27 -1.88 1.17
C THR B 3 -4.38 -2.65 2.50
N GLN B 5 -2.78 -2.70 6.98
CA GLN B 5 -2.35 -1.87 8.12
C GLN B 5 -1.68 -2.69 9.24
N THR B 6 -0.34 -2.72 9.23
CA THR B 6 0.47 -3.65 10.02
C THR B 6 0.39 -3.45 11.54
N ALA B 7 0.48 -2.20 12.01
CA ALA B 7 0.48 -1.85 13.45
C ALA B 7 1.49 -2.63 14.31
N ARG B 8 2.60 -3.07 13.69
CA ARG B 8 3.62 -4.01 14.17
C ARG B 8 4.86 -3.85 13.29
N TYR B 9 6.00 -3.59 13.93
CA TYR B 9 7.25 -3.11 13.30
C TYR B 9 8.50 -3.88 13.74
N GLY A 1 -5.12 -6.55 -10.98
CA GLY A 1 -6.48 -6.72 -11.55
C GLY A 1 -7.24 -5.42 -11.51
N SER A 2 -7.16 -4.62 -12.58
CA SER A 2 -7.60 -3.21 -12.64
C SER A 2 -6.90 -2.31 -11.58
N ARG A 3 -7.34 -1.04 -11.47
CA ARG A 3 -6.80 -0.02 -10.53
C ARG A 3 -7.06 -0.32 -9.05
N ARG A 4 -7.98 -1.25 -8.74
CA ARG A 4 -8.57 -1.57 -7.42
C ARG A 4 -9.37 -0.41 -6.79
N ALA A 5 -10.35 -0.78 -5.97
CA ALA A 5 -11.13 0.15 -5.13
C ALA A 5 -10.51 0.33 -3.73
N SER A 6 -10.85 1.45 -3.06
CA SER A 6 -10.32 1.81 -1.74
C SER A 6 -11.08 2.94 -1.03
N VAL A 7 -10.95 2.93 0.30
CA VAL A 7 -11.40 4.00 1.22
C VAL A 7 -10.43 4.14 2.39
N GLY A 8 -10.51 5.29 3.08
CA GLY A 8 -9.58 5.73 4.13
C GLY A 8 -9.78 5.08 5.50
N SER A 9 -9.83 3.75 5.56
CA SER A 9 -9.97 2.97 6.79
C SER A 9 -8.73 3.11 7.70
N GLU A 10 -8.97 3.17 9.00
CA GLU A 10 -7.96 3.24 10.06
C GLU A 10 -8.41 2.57 11.36
N PHE A 11 -7.44 2.06 12.14
CA PHE A 11 -7.65 1.29 13.37
C PHE A 11 -6.48 1.40 14.36
N THR A 12 -5.25 1.25 13.84
CA THR A 12 -4.01 1.12 14.63
C THR A 12 -2.84 1.97 14.05
N GLU A 13 -1.59 1.54 14.25
CA GLU A 13 -0.34 2.21 13.84
C GLU A 13 -0.24 2.49 12.32
N SER A 14 0.68 3.38 11.92
CA SER A 14 1.08 3.69 10.54
C SER A 14 1.02 2.49 9.58
N ALA A 15 0.40 2.70 8.42
CA ALA A 15 -0.12 1.62 7.56
C ALA A 15 0.63 1.55 6.23
N TRP A 16 0.15 0.71 5.30
CA TRP A 16 0.65 0.69 3.93
C TRP A 16 -0.28 1.43 2.97
N VAL A 17 0.19 1.59 1.72
CA VAL A 17 -0.61 2.02 0.56
C VAL A 17 -0.09 1.34 -0.70
N ARG A 18 -1.00 0.95 -1.61
CA ARG A 18 -0.66 0.37 -2.91
C ARG A 18 -0.55 1.45 -3.98
N CYS A 19 0.34 1.24 -4.95
CA CYS A 19 0.33 1.99 -6.20
C CYS A 19 -0.89 1.63 -7.06
N ASP A 20 -1.68 2.64 -7.44
CA ASP A 20 -2.72 2.58 -8.47
C ASP A 20 -2.18 2.38 -9.89
N ASP A 21 -0.85 2.38 -10.11
CA ASP A 21 -0.23 2.29 -11.45
C ASP A 21 0.72 1.10 -11.64
N CYS A 22 1.16 0.48 -10.53
CA CYS A 22 1.62 -0.90 -10.49
C CYS A 22 0.82 -1.71 -9.43
N PHE A 23 1.52 -2.10 -8.36
CA PHE A 23 1.08 -2.97 -7.27
C PHE A 23 2.00 -3.03 -6.04
N LYS A 24 3.13 -2.33 -6.07
CA LYS A 24 4.05 -2.10 -4.95
C LYS A 24 3.33 -1.54 -3.72
N TRP A 25 3.89 -1.81 -2.54
CA TRP A 25 3.47 -1.21 -1.27
C TRP A 25 4.50 -0.20 -0.72
N ARG A 26 4.00 0.82 -0.01
CA ARG A 26 4.79 1.80 0.76
C ARG A 26 4.23 1.95 2.17
N ARG A 27 5.10 1.94 3.18
CA ARG A 27 4.77 2.30 4.57
C ARG A 27 4.58 3.82 4.68
N ILE A 28 3.40 4.23 5.17
CA ILE A 28 3.00 5.64 5.34
C ILE A 28 2.39 5.89 6.74
N PRO A 29 2.46 7.11 7.30
CA PRO A 29 1.77 7.43 8.53
C PRO A 29 0.24 7.45 8.35
N ALA A 30 -0.48 7.05 9.40
CA ALA A 30 -1.94 7.07 9.48
C ALA A 30 -2.58 8.45 9.18
N SER A 31 -1.79 9.53 9.25
CA SER A 31 -2.16 10.88 8.83
C SER A 31 -2.55 10.98 7.35
N VAL A 32 -2.05 10.09 6.50
CA VAL A 32 -2.47 9.97 5.07
C VAL A 32 -3.39 8.79 4.82
N VAL A 33 -3.31 7.71 5.60
CA VAL A 33 -4.16 6.51 5.42
C VAL A 33 -5.65 6.82 5.52
N GLY A 34 -5.99 7.84 6.32
CA GLY A 34 -7.35 8.40 6.48
C GLY A 34 -7.74 9.44 5.41
N SER A 35 -6.85 9.71 4.45
CA SER A 35 -6.99 10.74 3.40
C SER A 35 -6.87 10.16 1.98
N ILE A 36 -6.18 9.03 1.79
CA ILE A 36 -6.24 8.25 0.55
C ILE A 36 -7.60 7.50 0.47
N ASP A 37 -8.32 7.69 -0.64
CA ASP A 37 -9.58 7.06 -1.03
C ASP A 37 -9.59 6.81 -2.55
N GLU A 38 -10.56 6.08 -3.12
CA GLU A 38 -10.72 5.94 -4.58
C GLU A 38 -11.02 7.26 -5.32
N SER A 39 -11.47 8.28 -4.59
CA SER A 39 -11.57 9.66 -5.07
C SER A 39 -10.18 10.27 -5.38
N SER A 40 -9.14 9.77 -4.71
CA SER A 40 -7.71 9.89 -5.06
C SER A 40 -7.23 8.66 -5.86
N ARG A 41 -6.03 8.71 -6.43
CA ARG A 41 -5.24 7.52 -6.83
C ARG A 41 -3.77 7.75 -6.50
N TRP A 42 -3.28 7.03 -5.49
CA TRP A 42 -1.93 7.13 -4.94
C TRP A 42 -0.94 6.30 -5.79
N ILE A 43 0.24 6.83 -6.14
CA ILE A 43 1.26 6.11 -6.93
C ILE A 43 2.69 6.36 -6.44
N CYS A 44 3.64 5.51 -6.85
CA CYS A 44 5.06 5.68 -6.57
C CYS A 44 5.61 7.08 -6.92
N MET A 45 5.23 7.68 -8.06
CA MET A 45 5.77 9.00 -8.46
C MET A 45 5.32 10.15 -7.53
N ASN A 46 4.20 9.96 -6.82
CA ASN A 46 3.66 10.87 -5.81
C ASN A 46 4.28 10.64 -4.39
N ASN A 47 4.98 9.50 -4.20
CA ASN A 47 5.50 9.06 -2.90
C ASN A 47 6.40 10.12 -2.23
N SER A 48 6.16 10.31 -0.93
CA SER A 48 6.99 11.12 -0.02
C SER A 48 8.45 10.66 0.04
N ASP A 49 8.66 9.35 0.09
CA ASP A 49 9.99 8.74 0.29
C ASP A 49 10.76 8.60 -1.03
N LYS A 50 11.65 9.55 -1.29
CA LYS A 50 12.48 9.66 -2.51
C LYS A 50 13.37 8.43 -2.76
N ARG A 51 13.63 7.64 -1.72
CA ARG A 51 14.31 6.33 -1.77
C ARG A 51 13.51 5.26 -2.52
N PHE A 52 12.18 5.39 -2.58
CA PHE A 52 11.27 4.37 -3.13
C PHE A 52 10.23 4.91 -4.13
N ALA A 53 10.33 6.18 -4.48
CA ALA A 53 9.39 6.99 -5.28
C ALA A 53 9.47 6.78 -6.81
N ASP A 54 9.63 5.52 -7.22
CA ASP A 54 9.38 5.07 -8.60
C ASP A 54 8.84 3.65 -8.61
N CYS A 55 8.05 3.31 -9.63
CA CYS A 55 7.68 1.94 -9.97
C CYS A 55 8.94 1.05 -10.23
N SER A 56 10.12 1.67 -10.42
CA SER A 56 11.40 0.98 -10.65
C SER A 56 12.22 0.76 -9.37
N LYS A 57 11.92 1.51 -8.29
CA LYS A 57 12.58 1.36 -6.98
C LYS A 57 12.07 0.14 -6.19
N SER A 58 12.70 -0.07 -5.05
CA SER A 58 12.43 -1.13 -4.07
C SER A 58 11.27 -0.83 -3.10
N GLN A 59 11.15 -1.65 -2.05
CA GLN A 59 10.29 -1.49 -0.85
C GLN A 59 10.95 -2.25 0.34
N GLU A 60 10.53 -1.99 1.59
CA GLU A 60 11.13 -2.69 2.76
C GLU A 60 10.77 -4.18 2.84
N MET A 61 9.60 -4.59 2.32
CA MET A 61 9.19 -6.00 2.26
C MET A 61 8.38 -6.28 1.00
N SER A 62 8.81 -7.27 0.21
CA SER A 62 8.14 -7.66 -1.04
C SER A 62 6.72 -8.15 -0.76
N ASN A 63 5.87 -8.16 -1.78
CA ASN A 63 4.41 -8.30 -1.63
C ASN A 63 4.01 -9.61 -0.90
N GLU A 64 4.80 -10.67 -1.04
CA GLU A 64 4.63 -11.97 -0.36
C GLU A 64 5.28 -12.08 1.04
N GLU A 65 6.00 -11.05 1.50
CA GLU A 65 6.49 -10.89 2.88
C GLU A 65 5.67 -9.88 3.71
N ILE A 66 5.19 -8.77 3.11
CA ILE A 66 4.29 -7.84 3.82
C ILE A 66 2.96 -8.53 4.18
N ASN A 67 2.26 -9.10 3.20
CA ASN A 67 0.95 -9.75 3.41
C ASN A 67 0.98 -10.84 4.51
N GLU A 68 2.12 -11.50 4.71
CA GLU A 68 2.39 -12.44 5.82
C GLU A 68 2.42 -11.78 7.21
N GLU A 69 2.91 -10.54 7.34
CA GLU A 69 2.87 -9.76 8.58
C GLU A 69 1.42 -9.42 9.00
N LEU A 70 0.56 -9.11 8.03
CA LEU A 70 -0.89 -8.87 8.26
C LEU A 70 -1.67 -10.19 8.45
N GLY A 71 -1.20 -11.27 7.83
CA GLY A 71 -1.79 -12.62 7.92
C GLY A 71 -2.82 -12.90 6.82
N ILE A 72 -2.59 -12.39 5.61
CA ILE A 72 -3.53 -12.33 4.49
C ILE A 72 -2.89 -12.72 3.15
N GLY A 73 -3.72 -12.87 2.11
CA GLY A 73 -3.28 -13.19 0.74
C GLY A 73 -3.00 -11.97 -0.15
N GLN A 74 -3.74 -10.88 0.06
CA GLN A 74 -3.91 -9.72 -0.85
C GLN A 74 -4.64 -10.03 -2.18
N ASP A 75 -5.19 -8.95 -2.74
CA ASP A 75 -6.11 -9.01 -3.89
C ASP A 75 -5.44 -9.50 -5.17
N GLU A 76 -4.18 -9.16 -5.41
CA GLU A 76 -3.44 -9.51 -6.63
C GLU A 76 -3.15 -11.01 -6.72
N ALA A 77 -2.91 -11.64 -5.56
CA ALA A 77 -2.74 -13.09 -5.41
C ALA A 77 -4.09 -13.84 -5.42
N ASP A 78 -5.10 -13.30 -4.73
CA ASP A 78 -6.46 -13.87 -4.62
C ASP A 78 -7.35 -13.66 -5.86
N ALA A 79 -6.79 -13.13 -6.96
CA ALA A 79 -7.47 -12.87 -8.24
C ALA A 79 -7.97 -14.15 -8.96
N ALA B 1 -6.16 2.81 -4.59
CA ALA B 1 -6.02 1.35 -4.77
C ALA B 1 -6.18 0.64 -3.41
N ARG B 2 -6.64 -0.62 -3.46
CA ARG B 2 -6.79 -1.56 -2.32
C ARG B 2 -5.61 -1.47 -1.35
N THR B 3 -5.86 -1.39 -0.04
CA THR B 3 -4.78 -1.48 0.96
C THR B 3 -5.25 -2.01 2.33
N GLN B 5 -3.52 -2.40 6.92
CA GLN B 5 -2.85 -1.76 8.05
C GLN B 5 -2.21 -2.78 9.00
N THR B 6 -0.87 -2.81 9.02
CA THR B 6 -0.07 -3.65 9.92
C THR B 6 -0.29 -3.27 11.40
N ALA B 7 -0.53 -4.27 12.24
CA ALA B 7 -0.61 -4.13 13.71
C ALA B 7 0.77 -4.04 14.40
N ARG B 8 1.86 -3.96 13.61
CA ARG B 8 3.25 -3.85 14.03
C ARG B 8 4.07 -3.10 12.98
N TYR B 9 4.65 -1.97 13.38
CA TYR B 9 5.56 -1.18 12.53
C TYR B 9 6.80 -1.99 12.09
#